data_4HSL
# 
_entry.id   4HSL 
# 
_audit_conform.dict_name       mmcif_pdbx.dic 
_audit_conform.dict_version    5.379 
_audit_conform.dict_location   http://mmcif.pdb.org/dictionaries/ascii/mmcif_pdbx.dic 
# 
loop_
_database_2.database_id 
_database_2.database_code 
_database_2.pdbx_database_accession 
_database_2.pdbx_DOI 
PDB   4HSL         pdb_00004hsl 10.2210/pdb4hsl/pdb 
RCSB  RCSB075868   ?            ?                   
WWPDB D_1000075868 ?            ?                   
# 
loop_
_pdbx_database_related.db_name 
_pdbx_database_related.db_id 
_pdbx_database_related.details 
_pdbx_database_related.content_type 
PDB 4HSJ . unspecified 
PDB 4HSK . unspecified 
PDB 4HSM . unspecified 
# 
_pdbx_database_status.entry_id                        4HSL 
_pdbx_database_status.deposit_site                    RCSB 
_pdbx_database_status.process_site                    RCSB 
_pdbx_database_status.recvd_initial_deposition_date   2012-10-30 
_pdbx_database_status.status_code                     REL 
_pdbx_database_status.status_code_sf                  REL 
_pdbx_database_status.status_code_mr                  ? 
_pdbx_database_status.SG_entry                        ? 
_pdbx_database_status.status_code_cs                  ? 
_pdbx_database_status.methods_development_category    ? 
_pdbx_database_status.pdb_format_compatible           Y 
_pdbx_database_status.status_code_nmr_data            ? 
# 
loop_
_audit_author.name 
_audit_author.pdbx_ordinal 
'Liu, F.'  1 
'Chen, L.' 2 
'Liu, A.'  3 
# 
_citation.id                        primary 
_citation.title                     
;2.00 angstrom x-ray crystal structure of substrate-bound
         E110A 3-hydroxyanthranilate-3,4-dioxygenase from Cupriavidus
         metallidurans
;
_citation.journal_abbrev            'To be Published' 
_citation.journal_volume            ? 
_citation.page_first                ? 
_citation.page_last                 ? 
_citation.year                      ? 
_citation.journal_id_ASTM           ? 
_citation.country                   ? 
_citation.journal_id_ISSN           ? 
_citation.journal_id_CSD            0353 
_citation.book_publisher            ? 
_citation.pdbx_database_id_PubMed   ? 
_citation.pdbx_database_id_DOI      ? 
# 
loop_
_citation_author.citation_id 
_citation_author.name 
_citation_author.ordinal 
_citation_author.identifier_ORCID 
primary 'Liu, F.'  1 ? 
primary 'Chen, L.' 2 ? 
primary 'Liu, A.'  3 ? 
# 
_cell.length_a           58.461 
_cell.length_b           58.461 
_cell.length_c           232.190 
_cell.angle_alpha        90.000 
_cell.angle_beta         90.000 
_cell.angle_gamma        120.000 
_cell.entry_id           4HSL 
_cell.pdbx_unique_axis   ? 
_cell.Z_PDB              12 
_cell.length_a_esd       ? 
_cell.length_b_esd       ? 
_cell.length_c_esd       ? 
_cell.angle_alpha_esd    ? 
_cell.angle_beta_esd     ? 
_cell.angle_gamma_esd    ? 
# 
_symmetry.space_group_name_H-M             'P 65 2 2' 
_symmetry.entry_id                         4HSL 
_symmetry.pdbx_full_space_group_name_H-M   ? 
_symmetry.Int_Tables_number                179 
_symmetry.cell_setting                     ? 
_symmetry.space_group_name_Hall            ? 
# 
loop_
_entity.id 
_entity.type 
_entity.src_method 
_entity.pdbx_description 
_entity.formula_weight 
_entity.pdbx_number_of_molecules 
_entity.pdbx_ec 
_entity.pdbx_mutation 
_entity.pdbx_fragment 
_entity.details 
1 polymer     man '3-hydroxyanthranilate 3,4-dioxygenase' 19998.600 1  1.13.11.6 E110A ? ? 
2 non-polymer syn 'FE (II) ION'                           55.845    2  ?         ?     ? ? 
3 non-polymer syn '3-HYDROXYANTHRANILIC ACID'             153.135   1  ?         ?     ? ? 
4 water       nat water                                   18.015    14 ?         ?     ? ? 
# 
_entity_name_com.entity_id   1 
_entity_name_com.name        '3-hydroxyanthranilate oxygenase, 3-HAO, 3-hydroxyanthranilic acid dioxygenase, HAD' 
# 
_entity_poly.entity_id                      1 
_entity_poly.type                           'polypeptide(L)' 
_entity_poly.nstd_linkage                   no 
_entity_poly.nstd_monomer                   no 
_entity_poly.pdbx_seq_one_letter_code       
;MLTYGAPFNFPRWIDEHAHLLKPPVGNRQVWQDSDFIVTVVGGPNHRTDYHDDPLEEFFYQLRGNAYLNLWVDGRRERAD
LKEGDIFLLPPHVRHSPQRPEAGSACLVIARQRPAGMLDGFEWYCDACGHLVHRVEVQLKSIVTDLPPLFESFYASEDKR
RCPHCGQVHPGRAA
;
_entity_poly.pdbx_seq_one_letter_code_can   
;MLTYGAPFNFPRWIDEHAHLLKPPVGNRQVWQDSDFIVTVVGGPNHRTDYHDDPLEEFFYQLRGNAYLNLWVDGRRERAD
LKEGDIFLLPPHVRHSPQRPEAGSACLVIARQRPAGMLDGFEWYCDACGHLVHRVEVQLKSIVTDLPPLFESFYASEDKR
RCPHCGQVHPGRAA
;
_entity_poly.pdbx_strand_id                 A 
_entity_poly.pdbx_target_identifier         ? 
# 
loop_
_entity_poly_seq.entity_id 
_entity_poly_seq.num 
_entity_poly_seq.mon_id 
_entity_poly_seq.hetero 
1 1   MET n 
1 2   LEU n 
1 3   THR n 
1 4   TYR n 
1 5   GLY n 
1 6   ALA n 
1 7   PRO n 
1 8   PHE n 
1 9   ASN n 
1 10  PHE n 
1 11  PRO n 
1 12  ARG n 
1 13  TRP n 
1 14  ILE n 
1 15  ASP n 
1 16  GLU n 
1 17  HIS n 
1 18  ALA n 
1 19  HIS n 
1 20  LEU n 
1 21  LEU n 
1 22  LYS n 
1 23  PRO n 
1 24  PRO n 
1 25  VAL n 
1 26  GLY n 
1 27  ASN n 
1 28  ARG n 
1 29  GLN n 
1 30  VAL n 
1 31  TRP n 
1 32  GLN n 
1 33  ASP n 
1 34  SER n 
1 35  ASP n 
1 36  PHE n 
1 37  ILE n 
1 38  VAL n 
1 39  THR n 
1 40  VAL n 
1 41  VAL n 
1 42  GLY n 
1 43  GLY n 
1 44  PRO n 
1 45  ASN n 
1 46  HIS n 
1 47  ARG n 
1 48  THR n 
1 49  ASP n 
1 50  TYR n 
1 51  HIS n 
1 52  ASP n 
1 53  ASP n 
1 54  PRO n 
1 55  LEU n 
1 56  GLU n 
1 57  GLU n 
1 58  PHE n 
1 59  PHE n 
1 60  TYR n 
1 61  GLN n 
1 62  LEU n 
1 63  ARG n 
1 64  GLY n 
1 65  ASN n 
1 66  ALA n 
1 67  TYR n 
1 68  LEU n 
1 69  ASN n 
1 70  LEU n 
1 71  TRP n 
1 72  VAL n 
1 73  ASP n 
1 74  GLY n 
1 75  ARG n 
1 76  ARG n 
1 77  GLU n 
1 78  ARG n 
1 79  ALA n 
1 80  ASP n 
1 81  LEU n 
1 82  LYS n 
1 83  GLU n 
1 84  GLY n 
1 85  ASP n 
1 86  ILE n 
1 87  PHE n 
1 88  LEU n 
1 89  LEU n 
1 90  PRO n 
1 91  PRO n 
1 92  HIS n 
1 93  VAL n 
1 94  ARG n 
1 95  HIS n 
1 96  SER n 
1 97  PRO n 
1 98  GLN n 
1 99  ARG n 
1 100 PRO n 
1 101 GLU n 
1 102 ALA n 
1 103 GLY n 
1 104 SER n 
1 105 ALA n 
1 106 CYS n 
1 107 LEU n 
1 108 VAL n 
1 109 ILE n 
1 110 ALA n 
1 111 ARG n 
1 112 GLN n 
1 113 ARG n 
1 114 PRO n 
1 115 ALA n 
1 116 GLY n 
1 117 MET n 
1 118 LEU n 
1 119 ASP n 
1 120 GLY n 
1 121 PHE n 
1 122 GLU n 
1 123 TRP n 
1 124 TYR n 
1 125 CYS n 
1 126 ASP n 
1 127 ALA n 
1 128 CYS n 
1 129 GLY n 
1 130 HIS n 
1 131 LEU n 
1 132 VAL n 
1 133 HIS n 
1 134 ARG n 
1 135 VAL n 
1 136 GLU n 
1 137 VAL n 
1 138 GLN n 
1 139 LEU n 
1 140 LYS n 
1 141 SER n 
1 142 ILE n 
1 143 VAL n 
1 144 THR n 
1 145 ASP n 
1 146 LEU n 
1 147 PRO n 
1 148 PRO n 
1 149 LEU n 
1 150 PHE n 
1 151 GLU n 
1 152 SER n 
1 153 PHE n 
1 154 TYR n 
1 155 ALA n 
1 156 SER n 
1 157 GLU n 
1 158 ASP n 
1 159 LYS n 
1 160 ARG n 
1 161 ARG n 
1 162 CYS n 
1 163 PRO n 
1 164 HIS n 
1 165 CYS n 
1 166 GLY n 
1 167 GLN n 
1 168 VAL n 
1 169 HIS n 
1 170 PRO n 
1 171 GLY n 
1 172 ARG n 
1 173 ALA n 
1 174 ALA n 
# 
_entity_src_gen.entity_id                          1 
_entity_src_gen.pdbx_src_id                        1 
_entity_src_gen.pdbx_alt_source_flag               sample 
_entity_src_gen.pdbx_seq_type                      ? 
_entity_src_gen.pdbx_beg_seq_num                   ? 
_entity_src_gen.pdbx_end_seq_num                   ? 
_entity_src_gen.gene_src_common_name               ? 
_entity_src_gen.gene_src_genus                     ? 
_entity_src_gen.pdbx_gene_src_gene                 'Cupriavidus metallidurans, nbaC, Rmet_5193' 
_entity_src_gen.gene_src_species                   ? 
_entity_src_gen.gene_src_strain                    'CH34 / ATCC 43123 / DSM 2839' 
_entity_src_gen.gene_src_tissue                    ? 
_entity_src_gen.gene_src_tissue_fraction           ? 
_entity_src_gen.gene_src_details                   ? 
_entity_src_gen.pdbx_gene_src_fragment             ? 
_entity_src_gen.pdbx_gene_src_scientific_name      'Cupriavidus metallidurans' 
_entity_src_gen.pdbx_gene_src_ncbi_taxonomy_id     266264 
_entity_src_gen.pdbx_gene_src_variant              ? 
_entity_src_gen.pdbx_gene_src_cell_line            ? 
_entity_src_gen.pdbx_gene_src_atcc                 ? 
_entity_src_gen.pdbx_gene_src_organ                ? 
_entity_src_gen.pdbx_gene_src_organelle            ? 
_entity_src_gen.pdbx_gene_src_cell                 ? 
_entity_src_gen.pdbx_gene_src_cellular_location    ? 
_entity_src_gen.host_org_common_name               ? 
_entity_src_gen.pdbx_host_org_scientific_name      'Escherichia coli' 
_entity_src_gen.pdbx_host_org_ncbi_taxonomy_id     511693 
_entity_src_gen.host_org_genus                     ? 
_entity_src_gen.pdbx_host_org_gene                 ? 
_entity_src_gen.pdbx_host_org_organ                ? 
_entity_src_gen.host_org_species                   ? 
_entity_src_gen.pdbx_host_org_tissue               ? 
_entity_src_gen.pdbx_host_org_tissue_fraction      ? 
_entity_src_gen.pdbx_host_org_strain               'BL21 (DH5 alpha)' 
_entity_src_gen.pdbx_host_org_variant              ? 
_entity_src_gen.pdbx_host_org_cell_line            ? 
_entity_src_gen.pdbx_host_org_atcc                 ? 
_entity_src_gen.pdbx_host_org_culture_collection   ? 
_entity_src_gen.pdbx_host_org_cell                 ? 
_entity_src_gen.pdbx_host_org_organelle            ? 
_entity_src_gen.pdbx_host_org_cellular_location    ? 
_entity_src_gen.pdbx_host_org_vector_type          plasmid 
_entity_src_gen.pdbx_host_org_vector               ? 
_entity_src_gen.host_org_details                   ? 
_entity_src_gen.expression_system_id               ? 
_entity_src_gen.plasmid_name                       ? 
_entity_src_gen.plasmid_details                    ? 
_entity_src_gen.pdbx_description                   ? 
# 
_struct_ref.id                         1 
_struct_ref.db_name                    UNP 
_struct_ref.db_code                    3HAO_RALME 
_struct_ref.pdbx_db_accession          Q1LCS4 
_struct_ref.entity_id                  1 
_struct_ref.pdbx_seq_one_letter_code   
;MLTYGAPFNFPRWIDEHAHLLKPPVGNRQVWQDSDFIVTVVGGPNHRTDYHDDPLEEFFYQLRGNAYLNLWVDGRRERAD
LKEGDIFLLPPHVRHSPQRPEAGSACLVIERQRPAGMLDGFEWYCDACGHLVHRVEVQLKSIVTDLPPLFESFYASEDKR
RCPHCGQVHPGRAA
;
_struct_ref.pdbx_align_begin           1 
_struct_ref.pdbx_db_isoform            ? 
# 
_struct_ref_seq.align_id                      1 
_struct_ref_seq.ref_id                        1 
_struct_ref_seq.pdbx_PDB_id_code              4HSL 
_struct_ref_seq.pdbx_strand_id                A 
_struct_ref_seq.seq_align_beg                 1 
_struct_ref_seq.pdbx_seq_align_beg_ins_code   ? 
_struct_ref_seq.seq_align_end                 174 
_struct_ref_seq.pdbx_seq_align_end_ins_code   ? 
_struct_ref_seq.pdbx_db_accession             Q1LCS4 
_struct_ref_seq.db_align_beg                  1 
_struct_ref_seq.pdbx_db_align_beg_ins_code    ? 
_struct_ref_seq.db_align_end                  174 
_struct_ref_seq.pdbx_db_align_end_ins_code    ? 
_struct_ref_seq.pdbx_auth_seq_align_beg       1 
_struct_ref_seq.pdbx_auth_seq_align_end       174 
# 
_struct_ref_seq_dif.align_id                     1 
_struct_ref_seq_dif.pdbx_pdb_id_code             4HSL 
_struct_ref_seq_dif.mon_id                       ALA 
_struct_ref_seq_dif.pdbx_pdb_strand_id           A 
_struct_ref_seq_dif.seq_num                      110 
_struct_ref_seq_dif.pdbx_pdb_ins_code            ? 
_struct_ref_seq_dif.pdbx_seq_db_name             UNP 
_struct_ref_seq_dif.pdbx_seq_db_accession_code   Q1LCS4 
_struct_ref_seq_dif.db_mon_id                    GLU 
_struct_ref_seq_dif.pdbx_seq_db_seq_num          110 
_struct_ref_seq_dif.details                      'engineered mutation' 
_struct_ref_seq_dif.pdbx_auth_seq_num            110 
_struct_ref_seq_dif.pdbx_ordinal                 1 
# 
loop_
_chem_comp.id 
_chem_comp.type 
_chem_comp.mon_nstd_flag 
_chem_comp.name 
_chem_comp.pdbx_synonyms 
_chem_comp.formula 
_chem_comp.formula_weight 
3HA non-polymer         . '3-HYDROXYANTHRANILIC ACID' '2-AMINO-3-HYDROXYBENZOIC ACID' 'C7 H7 N O3'     153.135 
ALA 'L-peptide linking' y ALANINE                     ?                               'C3 H7 N O2'     89.093  
ARG 'L-peptide linking' y ARGININE                    ?                               'C6 H15 N4 O2 1' 175.209 
ASN 'L-peptide linking' y ASPARAGINE                  ?                               'C4 H8 N2 O3'    132.118 
ASP 'L-peptide linking' y 'ASPARTIC ACID'             ?                               'C4 H7 N O4'     133.103 
CYS 'L-peptide linking' y CYSTEINE                    ?                               'C3 H7 N O2 S'   121.158 
FE2 non-polymer         . 'FE (II) ION'               ?                               'Fe 2'           55.845  
GLN 'L-peptide linking' y GLUTAMINE                   ?                               'C5 H10 N2 O3'   146.144 
GLU 'L-peptide linking' y 'GLUTAMIC ACID'             ?                               'C5 H9 N O4'     147.129 
GLY 'peptide linking'   y GLYCINE                     ?                               'C2 H5 N O2'     75.067  
HIS 'L-peptide linking' y HISTIDINE                   ?                               'C6 H10 N3 O2 1' 156.162 
HOH non-polymer         . WATER                       ?                               'H2 O'           18.015  
ILE 'L-peptide linking' y ISOLEUCINE                  ?                               'C6 H13 N O2'    131.173 
LEU 'L-peptide linking' y LEUCINE                     ?                               'C6 H13 N O2'    131.173 
LYS 'L-peptide linking' y LYSINE                      ?                               'C6 H15 N2 O2 1' 147.195 
MET 'L-peptide linking' y METHIONINE                  ?                               'C5 H11 N O2 S'  149.211 
PHE 'L-peptide linking' y PHENYLALANINE               ?                               'C9 H11 N O2'    165.189 
PRO 'L-peptide linking' y PROLINE                     ?                               'C5 H9 N O2'     115.130 
SER 'L-peptide linking' y SERINE                      ?                               'C3 H7 N O3'     105.093 
THR 'L-peptide linking' y THREONINE                   ?                               'C4 H9 N O3'     119.119 
TRP 'L-peptide linking' y TRYPTOPHAN                  ?                               'C11 H12 N2 O2'  204.225 
TYR 'L-peptide linking' y TYROSINE                    ?                               'C9 H11 N O3'    181.189 
VAL 'L-peptide linking' y VALINE                      ?                               'C5 H11 N O2'    117.146 
# 
_exptl.crystals_number   1 
_exptl.entry_id          4HSL 
_exptl.method            'X-RAY DIFFRACTION' 
# 
_exptl_crystal.id                    1 
_exptl_crystal.density_Matthews      2.86 
_exptl_crystal.density_meas          ? 
_exptl_crystal.density_percent_sol   57.05 
_exptl_crystal.description           ? 
_exptl_crystal.F_000                 ? 
_exptl_crystal.preparation           ? 
# 
_exptl_crystal_grow.crystal_id      1 
_exptl_crystal_grow.method          'VAPOR DIFFUSION, HANGING DROP' 
_exptl_crystal_grow.pH              9.0 
_exptl_crystal_grow.temp            291 
_exptl_crystal_grow.temp_details    ? 
_exptl_crystal_grow.pdbx_details    'PEG 8000, 0.1 M Tris, pH 9.0, VAPOR DIFFUSION, HANGING DROP, temperature 291K' 
_exptl_crystal_grow.pdbx_pH_range   ? 
# 
_diffrn.id                     1 
_diffrn.ambient_temp           100 
_diffrn.ambient_temp_details   ? 
_diffrn.crystal_id             1 
# 
_diffrn_detector.diffrn_id              1 
_diffrn_detector.detector               'IMAGE PLATE' 
_diffrn_detector.type                   'MAR scanner 300 mm plate' 
_diffrn_detector.pdbx_collection_date   2012-02-24 
_diffrn_detector.details                ? 
# 
_diffrn_radiation.diffrn_id                        1 
_diffrn_radiation.wavelength_id                    1 
_diffrn_radiation.pdbx_diffrn_protocol             'SINGLE WAVELENGTH' 
_diffrn_radiation.monochromator                    ? 
_diffrn_radiation.pdbx_monochromatic_or_laue_m_l   M 
_diffrn_radiation.pdbx_scattering_type             x-ray 
# 
_diffrn_radiation_wavelength.id           1 
_diffrn_radiation_wavelength.wavelength   1.0 
_diffrn_radiation_wavelength.wt           1.0 
# 
_diffrn_source.diffrn_id                   1 
_diffrn_source.source                      SYNCHROTRON 
_diffrn_source.type                        'APS BEAMLINE 22-ID' 
_diffrn_source.pdbx_wavelength             ? 
_diffrn_source.pdbx_wavelength_list        1.0 
_diffrn_source.pdbx_synchrotron_site       APS 
_diffrn_source.pdbx_synchrotron_beamline   22-ID 
# 
_reflns.entry_id                     4HSL 
_reflns.observed_criterion_sigma_F   0 
_reflns.observed_criterion_sigma_I   0.0 
_reflns.d_resolution_high            2.00 
_reflns.d_resolution_low             35.00 
_reflns.number_all                   16978 
_reflns.number_obs                   14975 
_reflns.percent_possible_obs         88.2 
_reflns.pdbx_Rmerge_I_obs            ? 
_reflns.pdbx_Rsym_value              0.095 
_reflns.pdbx_netI_over_sigmaI        58.72 
_reflns.B_iso_Wilson_estimate        ? 
_reflns.pdbx_redundancy              21.2 
_reflns.R_free_details               ? 
_reflns.limit_h_max                  ? 
_reflns.limit_h_min                  ? 
_reflns.limit_k_max                  ? 
_reflns.limit_k_min                  ? 
_reflns.limit_l_max                  ? 
_reflns.limit_l_min                  ? 
_reflns.observed_criterion_F_max     ? 
_reflns.observed_criterion_F_min     ? 
_reflns.pdbx_chi_squared             ? 
_reflns.pdbx_scaling_rejects         ? 
_reflns.pdbx_ordinal                 1 
_reflns.pdbx_diffrn_id               1 
# 
_reflns_shell.d_res_high             2.00 
_reflns_shell.d_res_low              2.03 
_reflns_shell.percent_possible_obs   ? 
_reflns_shell.percent_possible_all   42.6 
_reflns_shell.Rmerge_I_obs           ? 
_reflns_shell.meanI_over_sigI_obs    ? 
_reflns_shell.pdbx_Rsym_value        ? 
_reflns_shell.pdbx_redundancy        ? 
_reflns_shell.number_unique_all      ? 
_reflns_shell.number_measured_all    ? 
_reflns_shell.number_measured_obs    ? 
_reflns_shell.number_unique_obs      ? 
_reflns_shell.pdbx_chi_squared       ? 
_reflns_shell.pdbx_ordinal           1 
_reflns_shell.pdbx_diffrn_id         1 
# 
_refine.entry_id                                 4HSL 
_refine.ls_d_res_high                            2.0000 
_refine.ls_d_res_low                             21.1900 
_refine.pdbx_ls_sigma_F                          0.000 
_refine.pdbx_data_cutoff_high_absF               ? 
_refine.pdbx_data_cutoff_low_absF                ? 
_refine.ls_percent_reflns_obs                    87.9700 
_refine.ls_number_reflns_obs                     14873 
_refine.ls_number_reflns_all                     16907 
_refine.pdbx_ls_cross_valid_method               THROUGHOUT 
_refine.pdbx_R_Free_selection_details            RANDOM 
_refine.details                                  
'HYDROGENS HAVE BEEN ADDED IN THE RIDING POSITIONS U VALUES      : REFINED INDIVIDUALLY' 
_refine.ls_R_factor_all                          0.2256 
_refine.ls_R_factor_obs                          0.2256 
_refine.ls_R_factor_R_work                       0.2232 
_refine.ls_wR_factor_R_work                      ? 
_refine.ls_R_factor_R_free                       0.2753 
_refine.ls_wR_factor_R_free                      ? 
_refine.ls_percent_reflns_R_free                 4.9000 
_refine.ls_number_reflns_R_free                  730 
_refine.ls_R_factor_R_free_error                 ? 
_refine.B_iso_mean                               49.9975 
_refine.solvent_model_param_bsol                 ? 
_refine.solvent_model_param_ksol                 ? 
_refine.pdbx_isotropic_thermal_model             ? 
_refine.aniso_B[1][1]                            1.2600 
_refine.aniso_B[2][2]                            1.2600 
_refine.aniso_B[3][3]                            -4.0700 
_refine.aniso_B[1][2]                            1.2600 
_refine.aniso_B[1][3]                            0.0000 
_refine.aniso_B[2][3]                            0.0000 
_refine.correlation_coeff_Fo_to_Fc               0.9510 
_refine.correlation_coeff_Fo_to_Fc_free          0.9230 
_refine.overall_SU_R_Cruickshank_DPI             ? 
_refine.overall_SU_R_free                        ? 
_refine.pdbx_overall_ESU_R                       0.1950 
_refine.pdbx_overall_ESU_R_Free                  0.1860 
_refine.overall_SU_ML                            0.1440 
_refine.overall_SU_B                             5.4200 
_refine.solvent_model_details                    MASK 
_refine.pdbx_solvent_vdw_probe_radii             1.2000 
_refine.pdbx_solvent_ion_probe_radii             0.8000 
_refine.pdbx_solvent_shrinkage_radii             0.8000 
_refine.ls_number_parameters                     ? 
_refine.ls_number_restraints                     ? 
_refine.pdbx_starting_model                      'pdb entry 1YFY' 
_refine.pdbx_method_to_determine_struct          'MOLECULAR REPLACEMENT' 
_refine.pdbx_stereochemistry_target_values       'MAXIMUM LIKELIHOOD' 
_refine.pdbx_stereochem_target_val_spec_case     ? 
_refine.overall_FOM_work_R_set                   ? 
_refine.B_iso_max                                146.700 
_refine.B_iso_min                                26.650 
_refine.pdbx_overall_phase_error                 ? 
_refine.occupancy_max                            1.000 
_refine.occupancy_min                            1.000 
_refine.pdbx_ls_sigma_I                          ? 
_refine.ls_redundancy_reflns_obs                 ? 
_refine.ls_R_factor_R_free_error_details         ? 
_refine.pdbx_data_cutoff_high_rms_absF           ? 
_refine.overall_FOM_free_R_set                   ? 
_refine.pdbx_diffrn_id                           1 
_refine.pdbx_refine_id                           'X-RAY DIFFRACTION' 
_refine.pdbx_TLS_residual_ADP_flag               ? 
_refine.pdbx_overall_SU_R_free_Cruickshank_DPI   ? 
_refine.pdbx_overall_SU_R_Blow_DPI               ? 
_refine.pdbx_overall_SU_R_free_Blow_DPI          ? 
# 
_refine_hist.pdbx_refine_id                   'X-RAY DIFFRACTION' 
_refine_hist.cycle_id                         LAST 
_refine_hist.pdbx_number_atoms_protein        1405 
_refine_hist.pdbx_number_atoms_nucleic_acid   0 
_refine_hist.pdbx_number_atoms_ligand         13 
_refine_hist.number_atoms_solvent             14 
_refine_hist.number_atoms_total               1432 
_refine_hist.d_res_high                       2.0000 
_refine_hist.d_res_low                        21.1900 
# 
loop_
_refine_ls_restr.type 
_refine_ls_restr.number 
_refine_ls_restr.dev_ideal 
_refine_ls_restr.dev_ideal_target 
_refine_ls_restr.weight 
_refine_ls_restr.pdbx_restraint_function 
_refine_ls_restr.pdbx_refine_id 
r_bond_refined_d       1463 0.016  0.019  ? ? 'X-RAY DIFFRACTION' 
r_bond_other_d         1329 0.002  0.020  ? ? 'X-RAY DIFFRACTION' 
r_angle_refined_deg    1993 1.894  1.945  ? ? 'X-RAY DIFFRACTION' 
r_angle_other_deg      3048 0.930  3.000  ? ? 'X-RAY DIFFRACTION' 
r_dihedral_angle_1_deg 173  7.976  5.000  ? ? 'X-RAY DIFFRACTION' 
r_dihedral_angle_2_deg 78   36.979 22.692 ? ? 'X-RAY DIFFRACTION' 
r_dihedral_angle_3_deg 215  17.481 15.000 ? ? 'X-RAY DIFFRACTION' 
r_dihedral_angle_4_deg 14   20.019 15.000 ? ? 'X-RAY DIFFRACTION' 
r_chiral_restr         199  0.120  0.200  ? ? 'X-RAY DIFFRACTION' 
r_gen_planes_refined   1686 0.009  0.021  ? ? 'X-RAY DIFFRACTION' 
r_gen_planes_other     378  0.001  0.020  ? ? 'X-RAY DIFFRACTION' 
# 
_refine_ls_shell.d_res_high                       1.9990 
_refine_ls_shell.d_res_low                        2.0510 
_refine_ls_shell.pdbx_total_number_of_bins_used   20 
_refine_ls_shell.percent_reflns_obs               44.0300 
_refine_ls_shell.number_reflns_R_work             504 
_refine_ls_shell.R_factor_all                     ? 
_refine_ls_shell.R_factor_R_work                  0.3000 
_refine_ls_shell.R_factor_R_free                  0.4580 
_refine_ls_shell.percent_reflns_R_free            ? 
_refine_ls_shell.number_reflns_R_free             27 
_refine_ls_shell.R_factor_R_free_error            ? 
_refine_ls_shell.number_reflns_all                531 
_refine_ls_shell.number_reflns_obs                ? 
_refine_ls_shell.redundancy_reflns_obs            ? 
_refine_ls_shell.pdbx_refine_id                   'X-RAY DIFFRACTION' 
# 
_struct.entry_id                  4HSL 
_struct.title                     
'2.00 angstrom x-ray crystal structure of substrate-bound E110A 3-hydroxyanthranilate-3,4-dioxygenase from Cupriavidus metallidurans' 
_struct.pdbx_model_details        ? 
_struct.pdbx_CASP_flag            ? 
_struct.pdbx_model_type_details   ? 
# 
_struct_keywords.entry_id        4HSL 
_struct_keywords.pdbx_keywords   OXIDOREDUCTASE 
_struct_keywords.text            'bi-cupin iron-binding, dioxygenase, Oxidoreductase' 
# 
loop_
_struct_asym.id 
_struct_asym.pdbx_blank_PDB_chainid_flag 
_struct_asym.pdbx_modified 
_struct_asym.entity_id 
_struct_asym.details 
A N N 1 ? 
B N N 2 ? 
C N N 2 ? 
D N N 3 ? 
E N N 4 ? 
# 
_struct_biol.id        1 
_struct_biol.details   ? 
# 
loop_
_struct_conf.conf_type_id 
_struct_conf.id 
_struct_conf.pdbx_PDB_helix_id 
_struct_conf.beg_label_comp_id 
_struct_conf.beg_label_asym_id 
_struct_conf.beg_label_seq_id 
_struct_conf.pdbx_beg_PDB_ins_code 
_struct_conf.end_label_comp_id 
_struct_conf.end_label_asym_id 
_struct_conf.end_label_seq_id 
_struct_conf.pdbx_end_PDB_ins_code 
_struct_conf.beg_auth_comp_id 
_struct_conf.beg_auth_asym_id 
_struct_conf.beg_auth_seq_id 
_struct_conf.end_auth_comp_id 
_struct_conf.end_auth_asym_id 
_struct_conf.end_auth_seq_id 
_struct_conf.pdbx_PDB_helix_class 
_struct_conf.details 
_struct_conf.pdbx_PDB_helix_length 
HELX_P HELX_P1 1 ASN A 9   ? ALA A 18  ? ASN A 9   ALA A 18  1 ? 10 
HELX_P HELX_P2 2 HIS A 19  ? LEU A 21  ? HIS A 19  LEU A 21  5 ? 3  
HELX_P HELX_P3 3 ASP A 145 ? ALA A 155 ? ASP A 145 ALA A 155 1 ? 11 
# 
_struct_conf_type.id          HELX_P 
_struct_conf_type.criteria    ? 
_struct_conf_type.reference   ? 
# 
loop_
_struct_conn.id 
_struct_conn.conn_type_id 
_struct_conn.pdbx_leaving_atom_flag 
_struct_conn.pdbx_PDB_id 
_struct_conn.ptnr1_label_asym_id 
_struct_conn.ptnr1_label_comp_id 
_struct_conn.ptnr1_label_seq_id 
_struct_conn.ptnr1_label_atom_id 
_struct_conn.pdbx_ptnr1_label_alt_id 
_struct_conn.pdbx_ptnr1_PDB_ins_code 
_struct_conn.pdbx_ptnr1_standard_comp_id 
_struct_conn.ptnr1_symmetry 
_struct_conn.ptnr2_label_asym_id 
_struct_conn.ptnr2_label_comp_id 
_struct_conn.ptnr2_label_seq_id 
_struct_conn.ptnr2_label_atom_id 
_struct_conn.pdbx_ptnr2_label_alt_id 
_struct_conn.pdbx_ptnr2_PDB_ins_code 
_struct_conn.ptnr1_auth_asym_id 
_struct_conn.ptnr1_auth_comp_id 
_struct_conn.ptnr1_auth_seq_id 
_struct_conn.ptnr2_auth_asym_id 
_struct_conn.ptnr2_auth_comp_id 
_struct_conn.ptnr2_auth_seq_id 
_struct_conn.ptnr2_symmetry 
_struct_conn.pdbx_ptnr3_label_atom_id 
_struct_conn.pdbx_ptnr3_label_seq_id 
_struct_conn.pdbx_ptnr3_label_comp_id 
_struct_conn.pdbx_ptnr3_label_asym_id 
_struct_conn.pdbx_ptnr3_label_alt_id 
_struct_conn.pdbx_ptnr3_PDB_ins_code 
_struct_conn.details 
_struct_conn.pdbx_dist_value 
_struct_conn.pdbx_value_order 
_struct_conn.pdbx_role 
metalc1 metalc ? ? A HIS 51  ND1 ? ? ? 1_555 B FE2 . FE  ? ? A HIS 51  A FE2 201 1_555 ? ? ? ? ? ? ? 2.371 ? ? 
metalc2 metalc ? ? A HIS 95  NE2 ? ? ? 1_555 B FE2 . FE  ? ? A HIS 95  A FE2 201 1_555 ? ? ? ? ? ? ? 2.383 ? ? 
metalc3 metalc ? ? A CYS 125 SG  ? ? ? 1_555 C FE2 . FE  ? ? A CYS 125 A FE2 202 1_555 ? ? ? ? ? ? ? 2.220 ? ? 
metalc4 metalc ? ? A CYS 128 SG  ? ? ? 1_555 C FE2 . FE  ? ? A CYS 128 A FE2 202 1_555 ? ? ? ? ? ? ? 2.134 ? ? 
metalc5 metalc ? ? A CYS 162 SG  ? ? ? 1_555 C FE2 . FE  ? ? A CYS 162 A FE2 202 1_555 ? ? ? ? ? ? ? 2.281 ? ? 
metalc6 metalc ? ? A CYS 165 SG  ? ? ? 1_555 C FE2 . FE  ? ? A CYS 165 A FE2 202 1_555 ? ? ? ? ? ? ? 2.415 ? ? 
metalc7 metalc ? ? B FE2 .   FE  ? ? ? 1_555 D 3HA . O11 ? ? A FE2 201 A 3HA 203 1_555 ? ? ? ? ? ? ? 1.726 ? ? 
# 
_struct_conn_type.id          metalc 
_struct_conn_type.criteria    ? 
_struct_conn_type.reference   ? 
# 
loop_
_struct_mon_prot_cis.pdbx_id 
_struct_mon_prot_cis.label_comp_id 
_struct_mon_prot_cis.label_seq_id 
_struct_mon_prot_cis.label_asym_id 
_struct_mon_prot_cis.label_alt_id 
_struct_mon_prot_cis.pdbx_PDB_ins_code 
_struct_mon_prot_cis.auth_comp_id 
_struct_mon_prot_cis.auth_seq_id 
_struct_mon_prot_cis.auth_asym_id 
_struct_mon_prot_cis.pdbx_label_comp_id_2 
_struct_mon_prot_cis.pdbx_label_seq_id_2 
_struct_mon_prot_cis.pdbx_label_asym_id_2 
_struct_mon_prot_cis.pdbx_PDB_ins_code_2 
_struct_mon_prot_cis.pdbx_auth_comp_id_2 
_struct_mon_prot_cis.pdbx_auth_seq_id_2 
_struct_mon_prot_cis.pdbx_auth_asym_id_2 
_struct_mon_prot_cis.pdbx_PDB_model_num 
_struct_mon_prot_cis.pdbx_omega_angle 
1 PRO 23 A . ? PRO 23 A PRO 24 A ? PRO 24 A 1 1.87  
2 GLY 43 A . ? GLY 43 A PRO 44 A ? PRO 44 A 1 -4.88 
# 
loop_
_struct_sheet.id 
_struct_sheet.type 
_struct_sheet.number_strands 
_struct_sheet.details 
A ? 5 ? 
B ? 3 ? 
C ? 3 ? 
# 
loop_
_struct_sheet_order.sheet_id 
_struct_sheet_order.range_id_1 
_struct_sheet_order.range_id_2 
_struct_sheet_order.offset 
_struct_sheet_order.sense 
A 1 2 ? anti-parallel 
A 2 3 ? anti-parallel 
A 3 4 ? anti-parallel 
A 4 5 ? anti-parallel 
B 1 2 ? anti-parallel 
B 2 3 ? anti-parallel 
C 1 2 ? anti-parallel 
C 2 3 ? anti-parallel 
# 
loop_
_struct_sheet_range.sheet_id 
_struct_sheet_range.id 
_struct_sheet_range.beg_label_comp_id 
_struct_sheet_range.beg_label_asym_id 
_struct_sheet_range.beg_label_seq_id 
_struct_sheet_range.pdbx_beg_PDB_ins_code 
_struct_sheet_range.end_label_comp_id 
_struct_sheet_range.end_label_asym_id 
_struct_sheet_range.end_label_seq_id 
_struct_sheet_range.pdbx_end_PDB_ins_code 
_struct_sheet_range.beg_auth_comp_id 
_struct_sheet_range.beg_auth_asym_id 
_struct_sheet_range.beg_auth_seq_id 
_struct_sheet_range.end_auth_comp_id 
_struct_sheet_range.end_auth_asym_id 
_struct_sheet_range.end_auth_seq_id 
A 1 ASN A 27  ? GLN A 29  ? ASN A 27  GLN A 29  
A 2 PHE A 36  ? VAL A 41  ? PHE A 36  VAL A 41  
A 3 ALA A 105 ? ARG A 111 ? ALA A 105 ARG A 111 
A 4 GLU A 57  ? ARG A 63  ? GLU A 57  ARG A 63  
A 5 ILE A 86  ? LEU A 89  ? ILE A 86  LEU A 89  
B 1 TYR A 50  ? ASP A 52  ? TYR A 50  ASP A 52  
B 2 ASP A 119 ? TYR A 124 ? ASP A 119 TYR A 124 
B 3 LEU A 131 ? VAL A 137 ? LEU A 131 VAL A 137 
C 1 ARG A 76  ? LEU A 81  ? ARG A 76  LEU A 81  
C 2 ALA A 66  ? TRP A 71  ? ALA A 66  TRP A 71  
C 3 ARG A 94  ? GLN A 98  ? ARG A 94  GLN A 98  
# 
loop_
_pdbx_struct_sheet_hbond.sheet_id 
_pdbx_struct_sheet_hbond.range_id_1 
_pdbx_struct_sheet_hbond.range_id_2 
_pdbx_struct_sheet_hbond.range_1_label_atom_id 
_pdbx_struct_sheet_hbond.range_1_label_comp_id 
_pdbx_struct_sheet_hbond.range_1_label_asym_id 
_pdbx_struct_sheet_hbond.range_1_label_seq_id 
_pdbx_struct_sheet_hbond.range_1_PDB_ins_code 
_pdbx_struct_sheet_hbond.range_1_auth_atom_id 
_pdbx_struct_sheet_hbond.range_1_auth_comp_id 
_pdbx_struct_sheet_hbond.range_1_auth_asym_id 
_pdbx_struct_sheet_hbond.range_1_auth_seq_id 
_pdbx_struct_sheet_hbond.range_2_label_atom_id 
_pdbx_struct_sheet_hbond.range_2_label_comp_id 
_pdbx_struct_sheet_hbond.range_2_label_asym_id 
_pdbx_struct_sheet_hbond.range_2_label_seq_id 
_pdbx_struct_sheet_hbond.range_2_PDB_ins_code 
_pdbx_struct_sheet_hbond.range_2_auth_atom_id 
_pdbx_struct_sheet_hbond.range_2_auth_comp_id 
_pdbx_struct_sheet_hbond.range_2_auth_asym_id 
_pdbx_struct_sheet_hbond.range_2_auth_seq_id 
A 1 2 N ARG A 28  ? N ARG A 28  O VAL A 40  ? O VAL A 40  
A 2 3 N ILE A 37  ? N ILE A 37  O ALA A 110 ? O ALA A 110 
A 3 4 O ILE A 109 ? O ILE A 109 N PHE A 58  ? N PHE A 58  
A 4 5 N GLU A 57  ? N GLU A 57  O LEU A 89  ? O LEU A 89  
B 1 2 N ASP A 52  ? N ASP A 52  O GLY A 120 ? O GLY A 120 
B 2 3 N ASP A 119 ? N ASP A 119 O VAL A 137 ? O VAL A 137 
C 1 2 O LEU A 81  ? O LEU A 81  N ALA A 66  ? N ALA A 66  
C 2 3 N TYR A 67  ? N TYR A 67  O GLN A 98  ? O GLN A 98  
# 
loop_
_struct_site.id 
_struct_site.pdbx_evidence_code 
_struct_site.pdbx_auth_asym_id 
_struct_site.pdbx_auth_comp_id 
_struct_site.pdbx_auth_seq_id 
_struct_site.pdbx_auth_ins_code 
_struct_site.pdbx_num_residues 
_struct_site.details 
AC1 Software ? ?   ?   ? 4  'BINDING SITE FOR RESIDUE FE A 201'  
AC2 Software ? ?   ?   ? 4  'BINDING SITE FOR RESIDUE FE A 202'  
AC3 Software A 3HA 203 ? 10 'BINDING SITE FOR RESIDUE 3HA A 203' 
# 
loop_
_struct_site_gen.id 
_struct_site_gen.site_id 
_struct_site_gen.pdbx_num_res 
_struct_site_gen.label_comp_id 
_struct_site_gen.label_asym_id 
_struct_site_gen.label_seq_id 
_struct_site_gen.pdbx_auth_ins_code 
_struct_site_gen.auth_comp_id 
_struct_site_gen.auth_asym_id 
_struct_site_gen.auth_seq_id 
_struct_site_gen.label_atom_id 
_struct_site_gen.label_alt_id 
_struct_site_gen.symmetry 
_struct_site_gen.details 
1  AC1 4  HIS A 51  ? HIS A 51  . ? 1_555 ? 
2  AC1 4  GLU A 57  ? GLU A 57  . ? 1_555 ? 
3  AC1 4  HIS A 95  ? HIS A 95  . ? 1_555 ? 
4  AC1 4  3HA D .   ? 3HA A 203 . ? 1_555 ? 
5  AC2 4  CYS A 125 ? CYS A 125 . ? 1_555 ? 
6  AC2 4  CYS A 128 ? CYS A 128 . ? 1_555 ? 
7  AC2 4  CYS A 162 ? CYS A 162 . ? 1_555 ? 
8  AC2 4  CYS A 165 ? CYS A 165 . ? 1_555 ? 
9  AC3 10 VAL A 25  ? VAL A 25  . ? 1_555 ? 
10 AC3 10 VAL A 41  ? VAL A 41  . ? 1_555 ? 
11 AC3 10 ARG A 47  ? ARG A 47  . ? 1_555 ? 
12 AC3 10 HIS A 51  ? HIS A 51  . ? 1_555 ? 
13 AC3 10 GLU A 57  ? GLU A 57  . ? 1_555 ? 
14 AC3 10 PHE A 59  ? PHE A 59  . ? 1_555 ? 
15 AC3 10 PRO A 97  ? PRO A 97  . ? 1_555 ? 
16 AC3 10 ARG A 99  ? ARG A 99  . ? 1_555 ? 
17 AC3 10 FE2 B .   ? FE2 A 201 . ? 1_555 ? 
18 AC3 10 HOH E .   ? HOH A 309 . ? 1_555 ? 
# 
_atom_sites.entry_id                    4HSL 
_atom_sites.fract_transf_matrix[1][1]   0.00517041 
_atom_sites.fract_transf_matrix[1][2]   0.01129872 
_atom_sites.fract_transf_matrix[1][3]   0.01535324 
_atom_sites.fract_transf_matrix[2][1]   0.01590857 
_atom_sites.fract_transf_matrix[2][2]   0.01164342 
_atom_sites.fract_transf_matrix[2][3]   -0.00122052 
_atom_sites.fract_transf_matrix[3][1]   -0.00245468 
_atom_sites.fract_transf_matrix[3][2]   0.00319411 
_atom_sites.fract_transf_matrix[3][3]   -0.00152396 
_atom_sites.fract_transf_vector[1]      -0.394003 
_atom_sites.fract_transf_vector[2]      -0.467665 
_atom_sites.fract_transf_vector[3]      0.017617 
# 
loop_
_atom_type.symbol 
C  
FE 
N  
O  
S  
# 
loop_
_atom_site.group_PDB 
_atom_site.id 
_atom_site.type_symbol 
_atom_site.label_atom_id 
_atom_site.label_alt_id 
_atom_site.label_comp_id 
_atom_site.label_asym_id 
_atom_site.label_entity_id 
_atom_site.label_seq_id 
_atom_site.pdbx_PDB_ins_code 
_atom_site.Cartn_x 
_atom_site.Cartn_y 
_atom_site.Cartn_z 
_atom_site.occupancy 
_atom_site.B_iso_or_equiv 
_atom_site.pdbx_formal_charge 
_atom_site.auth_seq_id 
_atom_site.auth_comp_id 
_atom_site.auth_asym_id 
_atom_site.auth_atom_id 
_atom_site.pdbx_PDB_model_num 
ATOM   1    N  N   . MET A 1 1   ? -23.610 0.407   -22.287 1.00 96.75  ? 1   MET A N   1 
ATOM   2    C  CA  . MET A 1 1   ? -24.420 0.222   -21.039 1.00 93.73  ? 1   MET A CA  1 
ATOM   3    C  C   . MET A 1 1   ? -23.579 0.489   -19.779 1.00 78.52  ? 1   MET A C   1 
ATOM   4    O  O   . MET A 1 1   ? -22.407 0.919   -19.884 1.00 56.76  ? 1   MET A O   1 
ATOM   5    C  CB  . MET A 1 1   ? -25.084 -1.187  -20.985 1.00 99.56  ? 1   MET A CB  1 
ATOM   6    C  CG  . MET A 1 1   ? -24.132 -2.382  -20.844 1.00 109.09 ? 1   MET A CG  1 
ATOM   7    S  SD  . MET A 1 1   ? -24.922 -3.845  -20.123 1.00 120.15 ? 1   MET A SD  1 
ATOM   8    C  CE  . MET A 1 1   ? -25.778 -4.509  -21.561 1.00 106.78 ? 1   MET A CE  1 
ATOM   9    N  N   . LEU A 1 2   ? -24.204 0.227   -18.616 1.00 70.87  ? 2   LEU A N   1 
ATOM   10   C  CA  . LEU A 1 2   ? -23.563 0.316   -17.311 1.00 57.59  ? 2   LEU A CA  1 
ATOM   11   C  C   . LEU A 1 2   ? -22.683 -0.909  -17.072 1.00 51.72  ? 2   LEU A C   1 
ATOM   12   O  O   . LEU A 1 2   ? -23.043 -1.831  -16.350 1.00 49.47  ? 2   LEU A O   1 
ATOM   13   C  CB  . LEU A 1 2   ? -24.599 0.503   -16.188 1.00 54.89  ? 2   LEU A CB  1 
ATOM   14   C  CG  . LEU A 1 2   ? -25.452 1.769   -16.196 1.00 57.83  ? 2   LEU A CG  1 
ATOM   15   C  CD1 . LEU A 1 2   ? -26.254 1.989   -14.902 1.00 55.50  ? 2   LEU A CD1 1 
ATOM   16   C  CD2 . LEU A 1 2   ? -24.578 2.989   -16.465 1.00 61.75  ? 2   LEU A CD2 1 
ATOM   17   N  N   . THR A 1 3   ? -21.512 -0.884  -17.694 1.00 52.25  ? 3   THR A N   1 
ATOM   18   C  CA  . THR A 1 3   ? -20.485 -1.910  -17.555 1.00 51.85  ? 3   THR A CA  1 
ATOM   19   C  C   . THR A 1 3   ? -20.185 -2.235  -16.104 1.00 55.15  ? 3   THR A C   1 
ATOM   20   O  O   . THR A 1 3   ? -19.996 -3.394  -15.770 1.00 51.96  ? 3   THR A O   1 
ATOM   21   C  CB  . THR A 1 3   ? -19.139 -1.432  -18.138 1.00 50.65  ? 3   THR A CB  1 
ATOM   22   O  OG1 . THR A 1 3   ? -19.351 -0.902  -19.425 1.00 56.95  ? 3   THR A OG1 1 
ATOM   23   C  CG2 . THR A 1 3   ? -18.144 -2.548  -18.269 1.00 56.31  ? 3   THR A CG2 1 
ATOM   24   N  N   . TYR A 1 4   ? -20.117 -1.225  -15.240 1.00 50.69  ? 4   TYR A N   1 
ATOM   25   C  CA  . TYR A 1 4   ? -19.723 -1.489  -13.833 1.00 44.96  ? 4   TYR A CA  1 
ATOM   26   C  C   . TYR A 1 4   ? -20.923 -1.654  -12.953 1.00 40.67  ? 4   TYR A C   1 
ATOM   27   O  O   . TYR A 1 4   ? -20.798 -1.598  -11.745 1.00 42.01  ? 4   TYR A O   1 
ATOM   28   C  CB  . TYR A 1 4   ? -18.793 -0.427  -13.297 1.00 39.46  ? 4   TYR A CB  1 
ATOM   29   C  CG  . TYR A 1 4   ? -17.620 -0.253  -14.188 1.00 39.36  ? 4   TYR A CG  1 
ATOM   30   C  CD1 . TYR A 1 4   ? -16.718 -1.260  -14.395 1.00 41.35  ? 4   TYR A CD1 1 
ATOM   31   C  CD2 . TYR A 1 4   ? -17.435 0.944   -14.850 1.00 42.53  ? 4   TYR A CD2 1 
ATOM   32   C  CE1 . TYR A 1 4   ? -15.647 -1.072  -15.222 1.00 42.55  ? 4   TYR A CE1 1 
ATOM   33   C  CE2 . TYR A 1 4   ? -16.358 1.158   -15.665 1.00 38.96  ? 4   TYR A CE2 1 
ATOM   34   C  CZ  . TYR A 1 4   ? -15.484 0.155   -15.849 1.00 43.82  ? 4   TYR A CZ  1 
ATOM   35   O  OH  . TYR A 1 4   ? -14.441 0.444   -16.659 1.00 42.83  ? 4   TYR A OH  1 
ATOM   36   N  N   . GLY A 1 5   ? -22.078 -1.901  -13.569 1.00 41.42  ? 5   GLY A N   1 
ATOM   37   C  CA  . GLY A 1 5   ? -23.302 -2.135  -12.815 1.00 39.48  ? 5   GLY A CA  1 
ATOM   38   C  C   . GLY A 1 5   ? -23.857 -0.838  -12.284 1.00 41.80  ? 5   GLY A C   1 
ATOM   39   O  O   . GLY A 1 5   ? -23.387 0.290   -12.592 1.00 40.11  ? 5   GLY A O   1 
ATOM   40   N  N   . ALA A 1 6   ? -24.869 -1.000  -11.457 1.00 37.61  ? 6   ALA A N   1 
ATOM   41   C  CA  . ALA A 1 6   ? -25.657 0.083   -10.959 1.00 41.31  ? 6   ALA A CA  1 
ATOM   42   C  C   . ALA A 1 6   ? -25.100 0.589   -9.619  1.00 41.83  ? 6   ALA A C   1 
ATOM   43   O  O   . ALA A 1 6   ? -24.248 -0.071  -9.020  1.00 43.02  ? 6   ALA A O   1 
ATOM   44   C  CB  . ALA A 1 6   ? -27.085 -0.426  -10.792 1.00 40.20  ? 6   ALA A CB  1 
ATOM   45   N  N   . PRO A 1 7   ? -25.595 1.737   -9.132  1.00 40.37  ? 7   PRO A N   1 
ATOM   46   C  CA  . PRO A 1 7   ? -25.160 2.152   -7.797  1.00 41.64  ? 7   PRO A CA  1 
ATOM   47   C  C   . PRO A 1 7   ? -25.543 1.127   -6.718  1.00 45.38  ? 7   PRO A C   1 
ATOM   48   O  O   . PRO A 1 7   ? -26.526 0.435   -6.874  1.00 43.20  ? 7   PRO A O   1 
ATOM   49   C  CB  . PRO A 1 7   ? -25.926 3.442   -7.566  1.00 41.09  ? 7   PRO A CB  1 
ATOM   50   C  CG  . PRO A 1 7   ? -26.205 3.955   -8.925  1.00 42.36  ? 7   PRO A CG  1 
ATOM   51   C  CD  . PRO A 1 7   ? -26.495 2.736   -9.723  1.00 42.98  ? 7   PRO A CD  1 
ATOM   52   N  N   . PHE A 1 8   ? -24.781 1.081   -5.629  1.00 41.86  ? 8   PHE A N   1 
ATOM   53   C  CA  . PHE A 1 8   ? -25.075 0.202   -4.497  1.00 40.34  ? 8   PHE A CA  1 
ATOM   54   C  C   . PHE A 1 8   ? -24.549 0.820   -3.201  1.00 43.21  ? 8   PHE A C   1 
ATOM   55   O  O   . PHE A 1 8   ? -23.684 1.704   -3.213  1.00 36.32  ? 8   PHE A O   1 
ATOM   56   C  CB  . PHE A 1 8   ? -24.499 -1.184  -4.722  1.00 37.54  ? 8   PHE A CB  1 
ATOM   57   C  CG  . PHE A 1 8   ? -22.991 -1.222  -4.931  1.00 41.34  ? 8   PHE A CG  1 
ATOM   58   C  CD1 . PHE A 1 8   ? -22.121 -1.288  -3.836  1.00 38.13  ? 8   PHE A CD1 1 
ATOM   59   C  CD2 . PHE A 1 8   ? -22.435 -1.250  -6.211  1.00 38.02  ? 8   PHE A CD2 1 
ATOM   60   C  CE1 . PHE A 1 8   ? -20.763 -1.369  -4.027  1.00 39.06  ? 8   PHE A CE1 1 
ATOM   61   C  CE2 . PHE A 1 8   ? -21.064 -1.346  -6.390  1.00 43.11  ? 8   PHE A CE2 1 
ATOM   62   C  CZ  . PHE A 1 8   ? -20.228 -1.404  -5.292  1.00 39.58  ? 8   PHE A CZ  1 
ATOM   63   N  N   . ASN A 1 9   ? -25.098 0.333   -2.096  1.00 41.42  ? 9   ASN A N   1 
ATOM   64   C  CA  . ASN A 1 9   ? -24.796 0.857   -0.759  1.00 44.82  ? 9   ASN A CA  1 
ATOM   65   C  C   . ASN A 1 9   ? -23.386 0.485   -0.315  1.00 41.54  ? 9   ASN A C   1 
ATOM   66   O  O   . ASN A 1 9   ? -23.020 -0.708  -0.240  1.00 42.06  ? 9   ASN A O   1 
ATOM   67   C  CB  . ASN A 1 9   ? -25.825 0.380   0.263   1.00 42.28  ? 9   ASN A CB  1 
ATOM   68   C  CG  . ASN A 1 9   ? -25.562 0.960   1.615   1.00 47.10  ? 9   ASN A CG  1 
ATOM   69   O  OD1 . ASN A 1 9   ? -24.828 0.370   2.420   1.00 49.55  ? 9   ASN A OD1 1 
ATOM   70   N  ND2 . ASN A 1 9   ? -26.040 2.169   1.837   1.00 45.88  ? 9   ASN A ND2 1 
ATOM   71   N  N   . PHE A 1 10  ? -22.587 1.505   -0.035  1.00 36.88  ? 10  PHE A N   1 
ATOM   72   C  CA  . PHE A 1 10  ? -21.193 1.225   0.225   1.00 39.06  ? 10  PHE A CA  1 
ATOM   73   C  C   . PHE A 1 10  ? -20.976 0.642   1.621   1.00 38.57  ? 10  PHE A C   1 
ATOM   74   O  O   . PHE A 1 10  ? -20.178 -0.277  1.758   1.00 41.78  ? 10  PHE A O   1 
ATOM   75   C  CB  . PHE A 1 10  ? -20.343 2.477   0.041   1.00 38.34  ? 10  PHE A CB  1 
ATOM   76   C  CG  . PHE A 1 10  ? -18.838 2.223   -0.101  1.00 41.90  ? 10  PHE A CG  1 
ATOM   77   C  CD1 . PHE A 1 10  ? -18.350 1.030   -0.518  1.00 37.22  ? 10  PHE A CD1 1 
ATOM   78   C  CD2 . PHE A 1 10  ? -17.921 3.270   0.157   1.00 44.44  ? 10  PHE A CD2 1 
ATOM   79   C  CE1 . PHE A 1 10  ? -17.000 0.807   -0.630  1.00 43.28  ? 10  PHE A CE1 1 
ATOM   80   C  CE2 . PHE A 1 10  ? -16.573 3.070   0.036   1.00 48.21  ? 10  PHE A CE2 1 
ATOM   81   C  CZ  . PHE A 1 10  ? -16.105 1.838   -0.363  1.00 48.49  ? 10  PHE A CZ  1 
ATOM   82   N  N   . PRO A 1 11  ? -21.608 1.223   2.645   1.00 39.88  ? 11  PRO A N   1 
ATOM   83   C  CA  . PRO A 1 11  ? -21.441 0.705   4.014   1.00 45.31  ? 11  PRO A CA  1 
ATOM   84   C  C   . PRO A 1 11  ? -21.743 -0.767  4.120   1.00 46.85  ? 11  PRO A C   1 
ATOM   85   O  O   . PRO A 1 11  ? -20.965 -1.550  4.681   1.00 45.83  ? 11  PRO A O   1 
ATOM   86   C  CB  . PRO A 1 11  ? -22.456 1.522   4.800   1.00 43.37  ? 11  PRO A CB  1 
ATOM   87   C  CG  . PRO A 1 11  ? -22.422 2.846   4.118   1.00 41.82  ? 11  PRO A CG  1 
ATOM   88   C  CD  . PRO A 1 11  ? -22.156 2.596   2.664   1.00 42.45  ? 11  PRO A CD  1 
ATOM   89   N  N   . ARG A 1 12  ? -22.861 -1.134  3.520   1.00 49.09  ? 12  ARG A N   1 
ATOM   90   C  CA  . ARG A 1 12  ? -23.283 -2.513  3.449   1.00 56.07  ? 12  ARG A CA  1 
ATOM   91   C  C   . ARG A 1 12  ? -22.336 -3.388  2.664   1.00 49.46  ? 12  ARG A C   1 
ATOM   92   O  O   . ARG A 1 12  ? -22.128 -4.520  3.019   1.00 48.73  ? 12  ARG A O   1 
ATOM   93   C  CB  . ARG A 1 12  ? -24.685 -2.600  2.839   1.00 64.10  ? 12  ARG A CB  1 
ATOM   94   C  CG  . ARG A 1 12  ? -25.457 -3.839  3.259   1.00 84.52  ? 12  ARG A CG  1 
ATOM   95   C  CD  . ARG A 1 12  ? -26.940 -3.720  2.949   1.00 93.53  ? 12  ARG A CD  1 
ATOM   96   N  NE  . ARG A 1 12  ? -27.516 -5.054  2.801   1.00 106.43 ? 12  ARG A NE  1 
ATOM   97   C  CZ  . ARG A 1 12  ? -28.376 -5.413  1.846   1.00 116.93 ? 12  ARG A CZ  1 
ATOM   98   N  NH1 . ARG A 1 12  ? -28.795 -4.546  0.927   1.00 121.69 ? 12  ARG A NH1 1 
ATOM   99   N  NH2 . ARG A 1 12  ? -28.822 -6.660  1.806   1.00 121.61 ? 12  ARG A NH2 1 
ATOM   100  N  N   . TRP A 1 13  ? -21.785 -2.895  1.559   1.00 42.90  ? 13  TRP A N   1 
ATOM   101  C  CA  . TRP A 1 13  ? -20.804 -3.690  0.807   1.00 35.13  ? 13  TRP A CA  1 
ATOM   102  C  C   . TRP A 1 13  ? -19.557 -3.945  1.692   1.00 38.62  ? 13  TRP A C   1 
ATOM   103  O  O   . TRP A 1 13  ? -18.907 -4.992  1.622   1.00 40.73  ? 13  TRP A O   1 
ATOM   104  C  CB  . TRP A 1 13  ? -20.327 -2.935  -0.439  1.00 35.82  ? 13  TRP A CB  1 
ATOM   105  C  CG  . TRP A 1 13  ? -19.342 -3.659  -1.330  1.00 32.21  ? 13  TRP A CG  1 
ATOM   106  C  CD1 . TRP A 1 13  ? -19.665 -4.420  -2.422  1.00 36.89  ? 13  TRP A CD1 1 
ATOM   107  C  CD2 . TRP A 1 13  ? -17.909 -3.684  -1.255  1.00 34.00  ? 13  TRP A CD2 1 
ATOM   108  N  NE1 . TRP A 1 13  ? -18.536 -4.915  -3.022  1.00 32.93  ? 13  TRP A NE1 1 
ATOM   109  C  CE2 . TRP A 1 13  ? -17.445 -4.499  -2.308  1.00 32.75  ? 13  TRP A CE2 1 
ATOM   110  C  CE3 . TRP A 1 13  ? -16.983 -3.158  -0.369  1.00 36.91  ? 13  TRP A CE3 1 
ATOM   111  C  CZ2 . TRP A 1 13  ? -16.111 -4.749  -2.526  1.00 35.47  ? 13  TRP A CZ2 1 
ATOM   112  C  CZ3 . TRP A 1 13  ? -15.642 -3.424  -0.574  1.00 37.17  ? 13  TRP A CZ3 1 
ATOM   113  C  CH2 . TRP A 1 13  ? -15.210 -4.183  -1.647  1.00 35.99  ? 13  TRP A CH2 1 
ATOM   114  N  N   . ILE A 1 14  ? -19.169 -2.954  2.467   1.00 37.10  ? 14  ILE A N   1 
ATOM   115  C  CA  . ILE A 1 14  ? -17.942 -3.117  3.209   1.00 38.70  ? 14  ILE A CA  1 
ATOM   116  C  C   . ILE A 1 14  ? -18.218 -4.195  4.302   1.00 42.49  ? 14  ILE A C   1 
ATOM   117  O  O   . ILE A 1 14  ? -17.421 -5.097  4.470   1.00 42.59  ? 14  ILE A O   1 
ATOM   118  C  CB  . ILE A 1 14  ? -17.478 -1.810  3.833   1.00 39.67  ? 14  ILE A CB  1 
ATOM   119  C  CG1 . ILE A 1 14  ? -16.992 -0.819  2.748   1.00 37.82  ? 14  ILE A CG1 1 
ATOM   120  C  CG2 . ILE A 1 14  ? -16.298 -2.112  4.771   1.00 41.20  ? 14  ILE A CG2 1 
ATOM   121  C  CD1 . ILE A 1 14  ? -16.746 0.598   3.281   1.00 39.84  ? 14  ILE A CD1 1 
ATOM   122  N  N   . ASP A 1 15  ? -19.335 -4.065  5.018   1.00 44.51  ? 15  ASP A N   1 
ATOM   123  C  CA  . ASP A 1 15  ? -19.783 -5.050  6.016   1.00 50.28  ? 15  ASP A CA  1 
ATOM   124  C  C   . ASP A 1 15  ? -19.790 -6.429  5.422   1.00 52.92  ? 15  ASP A C   1 
ATOM   125  O  O   . ASP A 1 15  ? -19.360 -7.392  6.038   1.00 55.85  ? 15  ASP A O   1 
ATOM   126  C  CB  . ASP A 1 15  ? -21.215 -4.753  6.508   1.00 48.53  ? 15  ASP A CB  1 
ATOM   127  C  CG  . ASP A 1 15  ? -21.292 -3.515  7.397   1.00 53.76  ? 15  ASP A CG  1 
ATOM   128  O  OD1 . ASP A 1 15  ? -20.225 -3.003  7.791   1.00 54.00  ? 15  ASP A OD1 1 
ATOM   129  O  OD2 . ASP A 1 15  ? -22.419 -3.025  7.675   1.00 53.20  ? 15  ASP A OD2 1 
ATOM   130  N  N   . GLU A 1 16  ? -20.257 -6.550  4.201   1.00 51.95  ? 16  GLU A N   1 
ATOM   131  C  CA  . GLU A 1 16  ? -20.318 -7.873  3.630   1.00 51.35  ? 16  GLU A CA  1 
ATOM   132  C  C   . GLU A 1 16  ? -19.018 -8.477  3.234   1.00 47.49  ? 16  GLU A C   1 
ATOM   133  O  O   . GLU A 1 16  ? -18.952 -9.693  3.088   1.00 47.24  ? 16  GLU A O   1 
ATOM   134  C  CB  . GLU A 1 16  ? -21.226 -7.896  2.423   1.00 53.27  ? 16  GLU A CB  1 
ATOM   135  C  CG  . GLU A 1 16  ? -22.623 -8.219  2.827   1.00 62.34  ? 16  GLU A CG  1 
ATOM   136  C  CD  . GLU A 1 16  ? -23.588 -7.886  1.737   1.00 69.91  ? 16  GLU A CD  1 
ATOM   137  O  OE1 . GLU A 1 16  ? -24.771 -7.607  2.083   1.00 71.36  ? 16  GLU A OE1 1 
ATOM   138  O  OE2 . GLU A 1 16  ? -23.115 -7.881  0.558   1.00 74.32  ? 16  GLU A OE2 1 
ATOM   139  N  N   . HIS A 1 17  ? -18.004 -7.663  2.950   1.00 43.59  ? 17  HIS A N   1 
ATOM   140  C  CA  . HIS A 1 17  ? -16.733 -8.214  2.468   1.00 41.49  ? 17  HIS A CA  1 
ATOM   141  C  C   . HIS A 1 17  ? -15.651 -8.050  3.505   1.00 42.85  ? 17  HIS A C   1 
ATOM   142  O  O   . HIS A 1 17  ? -14.487 -8.216  3.172   1.00 42.61  ? 17  HIS A O   1 
ATOM   143  C  CB  . HIS A 1 17  ? -16.292 -7.513  1.207   1.00 44.81  ? 17  HIS A CB  1 
ATOM   144  C  CG  . HIS A 1 17  ? -17.241 -7.707  0.076   1.00 52.28  ? 17  HIS A CG  1 
ATOM   145  N  ND1 . HIS A 1 17  ? -18.457 -7.070  0.015   1.00 46.90  ? 17  HIS A ND1 1 
ATOM   146  C  CD2 . HIS A 1 17  ? -17.167 -8.495  -1.020  1.00 53.22  ? 17  HIS A CD2 1 
ATOM   147  C  CE1 . HIS A 1 17  ? -19.104 -7.467  -1.067  1.00 50.43  ? 17  HIS A CE1 1 
ATOM   148  N  NE2 . HIS A 1 17  ? -18.331 -8.316  -1.725  1.00 50.48  ? 17  HIS A NE2 1 
ATOM   149  N  N   . ALA A 1 18  ? -16.043 -7.697  4.735   1.00 42.31  ? 18  ALA A N   1 
ATOM   150  C  CA  . ALA A 1 18  ? -15.081 -7.443  5.837   1.00 55.96  ? 18  ALA A CA  1 
ATOM   151  C  C   . ALA A 1 18  ? -14.175 -8.654  6.035   1.00 56.17  ? 18  ALA A C   1 
ATOM   152  O  O   . ALA A 1 18  ? -12.943 -8.509  5.996   1.00 59.36  ? 18  ALA A O   1 
ATOM   153  C  CB  . ALA A 1 18  ? -15.798 -7.068  7.133   1.00 56.19  ? 18  ALA A CB  1 
ATOM   154  N  N   . HIS A 1 19  ? -14.783 -9.839  6.121   1.00 55.49  ? 19  HIS A N   1 
ATOM   155  C  CA  . HIS A 1 19  ? -14.032 -11.103 6.125   1.00 57.10  ? 19  HIS A CA  1 
ATOM   156  C  C   . HIS A 1 19  ? -12.959 -11.296 5.044   1.00 57.23  ? 19  HIS A C   1 
ATOM   157  O  O   . HIS A 1 19  ? -12.068 -12.120 5.192   1.00 55.11  ? 19  HIS A O   1 
ATOM   158  C  CB  . HIS A 1 19  ? -14.965 -12.316 6.126   1.00 58.10  ? 19  HIS A CB  1 
ATOM   159  C  CG  . HIS A 1 19  ? -15.802 -12.467 4.905   1.00 64.14  ? 19  HIS A CG  1 
ATOM   160  N  ND1 . HIS A 1 19  ? -15.492 -13.360 3.900   1.00 68.89  ? 19  HIS A ND1 1 
ATOM   161  C  CD2 . HIS A 1 19  ? -16.970 -11.885 4.552   1.00 70.03  ? 19  HIS A CD2 1 
ATOM   162  C  CE1 . HIS A 1 19  ? -16.417 -13.299 2.960   1.00 68.97  ? 19  HIS A CE1 1 
ATOM   163  N  NE2 . HIS A 1 19  ? -17.326 -12.414 3.333   1.00 78.79  ? 19  HIS A NE2 1 
ATOM   164  N  N   . LEU A 1 20  ? -13.004 -10.528 3.974   1.00 58.19  ? 20  LEU A N   1 
ATOM   165  C  CA  . LEU A 1 20  ? -12.036 -10.707 2.916   1.00 51.69  ? 20  LEU A CA  1 
ATOM   166  C  C   . LEU A 1 20  ? -10.867 -9.693  2.938   1.00 55.34  ? 20  LEU A C   1 
ATOM   167  O  O   . LEU A 1 20  ? -9.960  -9.810  2.145   1.00 62.73  ? 20  LEU A O   1 
ATOM   168  C  CB  . LEU A 1 20  ? -12.761 -10.650 1.581   1.00 55.47  ? 20  LEU A CB  1 
ATOM   169  C  CG  . LEU A 1 20  ? -13.980 -11.556 1.534   1.00 60.10  ? 20  LEU A CG  1 
ATOM   170  C  CD1 . LEU A 1 20  ? -14.941 -11.096 0.463   1.00 68.95  ? 20  LEU A CD1 1 
ATOM   171  C  CD2 . LEU A 1 20  ? -13.568 -13.017 1.326   1.00 60.33  ? 20  LEU A CD2 1 
ATOM   172  N  N   . LEU A 1 21  ? -10.850 -8.719  3.829   1.00 53.51  ? 21  LEU A N   1 
ATOM   173  C  CA  . LEU A 1 21  ? -9.774  -7.700  3.806   1.00 58.69  ? 21  LEU A CA  1 
ATOM   174  C  C   . LEU A 1 21  ? -8.394  -8.121  4.434   1.00 69.59  ? 21  LEU A C   1 
ATOM   175  O  O   . LEU A 1 21  ? -7.821  -7.400  5.295   1.00 68.61  ? 21  LEU A O   1 
ATOM   176  C  CB  . LEU A 1 21  ? -10.294 -6.415  4.453   1.00 55.84  ? 21  LEU A CB  1 
ATOM   177  C  CG  . LEU A 1 21  ? -11.500 -5.800  3.713   1.00 56.08  ? 21  LEU A CG  1 
ATOM   178  C  CD1 . LEU A 1 21  ? -12.272 -4.807  4.560   1.00 55.92  ? 21  LEU A CD1 1 
ATOM   179  C  CD2 . LEU A 1 21  ? -10.998 -5.115  2.471   1.00 52.89  ? 21  LEU A CD2 1 
ATOM   180  N  N   . LYS A 1 22  ? -7.835  -9.234  3.944   1.00 68.38  ? 22  LYS A N   1 
ATOM   181  C  CA  . LYS A 1 22  ? -6.723  -9.944  4.633   1.00 71.98  ? 22  LYS A CA  1 
ATOM   182  C  C   . LYS A 1 22  ? -5.276  -9.338  4.504   1.00 69.24  ? 22  LYS A C   1 
ATOM   183  O  O   . LYS A 1 22  ? -4.933  -8.745  3.444   1.00 47.86  ? 22  LYS A O   1 
ATOM   184  C  CB  . LYS A 1 22  ? -6.702  -11.414 4.184   1.00 79.91  ? 22  LYS A CB  1 
ATOM   185  C  CG  . LYS A 1 22  ? -7.879  -12.243 4.721   1.00 87.27  ? 22  LYS A CG  1 
ATOM   186  C  CD  . LYS A 1 22  ? -7.674  -13.754 4.540   1.00 96.56  ? 22  LYS A CD  1 
ATOM   187  C  CE  . LYS A 1 22  ? -6.348  -14.282 5.108   1.00 92.96  ? 22  LYS A CE  1 
ATOM   188  N  NZ  . LYS A 1 22  ? -6.091  -13.814 6.498   1.00 92.02  ? 22  LYS A NZ  1 
ATOM   189  N  N   . PRO A 1 23  ? -4.423  -9.528  5.568   1.00 64.64  ? 23  PRO A N   1 
ATOM   190  C  CA  . PRO A 1 23  ? -3.000  -9.130  5.536   1.00 57.12  ? 23  PRO A CA  1 
ATOM   191  C  C   . PRO A 1 23  ? -2.200  -9.994  4.549   1.00 57.21  ? 23  PRO A C   1 
ATOM   192  O  O   . PRO A 1 23  ? -2.719  -11.024 4.088   1.00 55.49  ? 23  PRO A O   1 
ATOM   193  C  CB  . PRO A 1 23  ? -2.512  -9.327  6.987   1.00 60.77  ? 23  PRO A CB  1 
ATOM   194  C  CG  . PRO A 1 23  ? -3.735  -9.677  7.802   1.00 69.67  ? 23  PRO A CG  1 
ATOM   195  C  CD  . PRO A 1 23  ? -4.752  -10.223 6.837   1.00 68.01  ? 23  PRO A CD  1 
ATOM   196  N  N   . PRO A 1 24  ? -0.978  -9.552  4.160   1.00 52.99  ? 24  PRO A N   1 
ATOM   197  C  CA  . PRO A 1 24  ? -0.215  -8.328  4.567   1.00 57.69  ? 24  PRO A CA  1 
ATOM   198  C  C   . PRO A 1 24  ? -0.862  -6.977  4.155   1.00 58.67  ? 24  PRO A C   1 
ATOM   199  O  O   . PRO A 1 24  ? -0.860  -6.036  4.966   1.00 57.54  ? 24  PRO A O   1 
ATOM   200  C  CB  . PRO A 1 24  ? 1.128   -8.471  3.816   1.00 51.86  ? 24  PRO A CB  1 
ATOM   201  C  CG  . PRO A 1 24  ? 0.766   -9.274  2.579   1.00 51.38  ? 24  PRO A CG  1 
ATOM   202  C  CD  . PRO A 1 24  ? -0.339  -10.227 3.002   1.00 50.45  ? 24  PRO A CD  1 
ATOM   203  N  N   . VAL A 1 25  ? -1.403  -6.897  2.927   1.00 55.76  ? 25  VAL A N   1 
ATOM   204  C  CA  . VAL A 1 25  ? -1.939  -5.623  2.398   1.00 52.67  ? 25  VAL A CA  1 
ATOM   205  C  C   . VAL A 1 25  ? -3.303  -5.224  3.003   1.00 49.73  ? 25  VAL A C   1 
ATOM   206  O  O   . VAL A 1 25  ? -3.482  -4.059  3.413   1.00 55.11  ? 25  VAL A O   1 
ATOM   207  C  CB  . VAL A 1 25  ? -1.968  -5.562  0.835   1.00 52.09  ? 25  VAL A CB  1 
ATOM   208  C  CG1 . VAL A 1 25  ? -2.388  -4.147  0.399   1.00 54.42  ? 25  VAL A CG1 1 
ATOM   209  C  CG2 . VAL A 1 25  ? -0.608  -5.937  0.226   1.00 50.23  ? 25  VAL A CG2 1 
ATOM   210  N  N   . GLY A 1 26  ? -4.247  -6.162  3.078   1.00 47.26  ? 26  GLY A N   1 
ATOM   211  C  CA  . GLY A 1 26  ? -5.613  -5.876  3.616   1.00 49.61  ? 26  GLY A CA  1 
ATOM   212  C  C   . GLY A 1 26  ? -6.622  -5.306  2.599   1.00 51.48  ? 26  GLY A C   1 
ATOM   213  O  O   . GLY A 1 26  ? -7.705  -4.774  2.980   1.00 48.19  ? 26  GLY A O   1 
ATOM   214  N  N   . ASN A 1 27  ? -6.202  -5.437  1.331   1.00 53.69  ? 27  ASN A N   1 
ATOM   215  C  CA  . ASN A 1 27  ? -6.788  -4.962  0.058   1.00 54.40  ? 27  ASN A CA  1 
ATOM   216  C  C   . ASN A 1 27  ? -8.111  -5.563  -0.358  1.00 50.89  ? 27  ASN A C   1 
ATOM   217  O  O   . ASN A 1 27  ? -8.311  -6.743  -0.197  1.00 46.99  ? 27  ASN A O   1 
ATOM   218  C  CB  . ASN A 1 27  ? -5.940  -5.634  -1.021  1.00 56.53  ? 27  ASN A CB  1 
ATOM   219  C  CG  . ASN A 1 27  ? -4.822  -4.810  -1.552  1.00 60.98  ? 27  ASN A CG  1 
ATOM   220  O  OD1 . ASN A 1 27  ? -4.913  -3.610  -1.779  1.00 57.36  ? 27  ASN A OD1 1 
ATOM   221  N  ND2 . ASN A 1 27  ? -3.748  -5.511  -1.872  1.00 83.98  ? 27  ASN A ND2 1 
ATOM   222  N  N   . ARG A 1 28  ? -8.907  -4.830  -1.117  1.00 51.63  ? 28  ARG A N   1 
ATOM   223  C  CA  . ARG A 1 28  ? -9.946  -5.463  -1.893  1.00 46.37  ? 28  ARG A CA  1 
ATOM   224  C  C   . ARG A 1 28  ? -10.491 -4.525  -2.994  1.00 43.17  ? 28  ARG A C   1 
ATOM   225  O  O   . ARG A 1 28  ? -10.972 -3.491  -2.666  1.00 36.55  ? 28  ARG A O   1 
ATOM   226  C  CB  . ARG A 1 28  ? -11.039 -5.877  -0.911  1.00 51.14  ? 28  ARG A CB  1 
ATOM   227  C  CG  . ARG A 1 28  ? -12.336 -6.294  -1.525  1.00 53.05  ? 28  ARG A CG  1 
ATOM   228  C  CD  . ARG A 1 28  ? -12.301 -7.706  -1.950  1.00 59.66  ? 28  ARG A CD  1 
ATOM   229  N  NE  . ARG A 1 28  ? -13.662 -8.105  -2.281  1.00 70.39  ? 28  ARG A NE  1 
ATOM   230  C  CZ  . ARG A 1 28  ? -14.018 -9.316  -2.705  1.00 79.55  ? 28  ARG A CZ  1 
ATOM   231  N  NH1 . ARG A 1 28  ? -13.112 -10.295 -2.837  1.00 78.42  ? 28  ARG A NH1 1 
ATOM   232  N  NH2 . ARG A 1 28  ? -15.296 -9.540  -3.013  1.00 87.70  ? 28  ARG A NH2 1 
ATOM   233  N  N   . GLN A 1 29  ? -10.458 -4.931  -4.250  1.00 37.28  ? 29  GLN A N   1 
ATOM   234  C  CA  . GLN A 1 29  ? -10.895 -4.069  -5.380  1.00 40.10  ? 29  GLN A CA  1 
ATOM   235  C  C   . GLN A 1 29  ? -12.403 -4.091  -5.580  1.00 40.43  ? 29  GLN A C   1 
ATOM   236  O  O   . GLN A 1 29  ? -13.035 -5.153  -5.534  1.00 45.62  ? 29  GLN A O   1 
ATOM   237  C  CB  . GLN A 1 29  ? -10.108 -4.466  -6.643  1.00 39.14  ? 29  GLN A CB  1 
ATOM   238  C  CG  . GLN A 1 29  ? -10.025 -3.355  -7.682  1.00 44.39  ? 29  GLN A CG  1 
ATOM   239  C  CD  . GLN A 1 29  ? -9.039  -3.618  -8.793  1.00 46.87  ? 29  GLN A CD  1 
ATOM   240  O  OE1 . GLN A 1 29  ? -7.871  -3.955  -8.541  1.00 45.55  ? 29  GLN A OE1 1 
ATOM   241  N  NE2 . GLN A 1 29  ? -9.472  -3.385  -10.032 1.00 46.02  ? 29  GLN A NE2 1 
ATOM   242  N  N   . VAL A 1 30  ? -13.030 -2.924  -5.730  1.00 36.07  ? 30  VAL A N   1 
ATOM   243  C  CA  . VAL A 1 30  ? -14.482 -2.896  -5.832  1.00 38.45  ? 30  VAL A CA  1 
ATOM   244  C  C   . VAL A 1 30  ? -14.893 -3.281  -7.265  1.00 42.54  ? 30  VAL A C   1 
ATOM   245  O  O   . VAL A 1 30  ? -15.778 -4.087  -7.427  1.00 44.35  ? 30  VAL A O   1 
ATOM   246  C  CB  . VAL A 1 30  ? -15.087 -1.543  -5.437  1.00 38.97  ? 30  VAL A CB  1 
ATOM   247  C  CG1 . VAL A 1 30  ? -16.632 -1.552  -5.532  1.00 37.72  ? 30  VAL A CG1 1 
ATOM   248  C  CG2 . VAL A 1 30  ? -14.610 -1.142  -4.030  1.00 36.00  ? 30  VAL A CG2 1 
ATOM   249  N  N   . TRP A 1 31  ? -14.284 -2.706  -8.306  1.00 40.58  ? 31  TRP A N   1 
ATOM   250  C  CA  . TRP A 1 31  ? -14.691 -3.056  -9.666  1.00 39.15  ? 31  TRP A CA  1 
ATOM   251  C  C   . TRP A 1 31  ? -13.493 -3.558  -10.352 1.00 37.14  ? 31  TRP A C   1 
ATOM   252  O  O   . TRP A 1 31  ? -12.386 -3.022  -10.145 1.00 42.69  ? 31  TRP A O   1 
ATOM   253  C  CB  . TRP A 1 31  ? -15.295 -1.843  -10.456 1.00 37.79  ? 31  TRP A CB  1 
ATOM   254  C  CG  . TRP A 1 31  ? -16.539 -1.279  -9.903  1.00 32.98  ? 31  TRP A CG  1 
ATOM   255  C  CD1 . TRP A 1 31  ? -17.770 -1.788  -10.062 1.00 36.54  ? 31  TRP A CD1 1 
ATOM   256  C  CD2 . TRP A 1 31  ? -16.697 -0.101  -9.102  1.00 31.03  ? 31  TRP A CD2 1 
ATOM   257  N  NE1 . TRP A 1 31  ? -18.689 -1.031  -9.415  1.00 36.47  ? 31  TRP A NE1 1 
ATOM   258  C  CE2 . TRP A 1 31  ? -18.057 0.029   -8.828  1.00 34.94  ? 31  TRP A CE2 1 
ATOM   259  C  CE3 . TRP A 1 31  ? -15.813 0.841   -8.554  1.00 34.43  ? 31  TRP A CE3 1 
ATOM   260  C  CZ2 . TRP A 1 31  ? -18.569 1.049   -8.047  1.00 33.45  ? 31  TRP A CZ2 1 
ATOM   261  C  CZ3 . TRP A 1 31  ? -16.334 1.895   -7.832  1.00 32.01  ? 31  TRP A CZ3 1 
ATOM   262  C  CH2 . TRP A 1 31  ? -17.685 1.979   -7.565  1.00 34.41  ? 31  TRP A CH2 1 
ATOM   263  N  N   . GLN A 1 32  ? -13.669 -4.555  -11.217 1.00 39.31  ? 32  GLN A N   1 
ATOM   264  C  CA  . GLN A 1 32  ? -12.541 -5.067  -11.974 1.00 42.54  ? 32  GLN A CA  1 
ATOM   265  C  C   . GLN A 1 32  ? -12.490 -4.489  -13.359 1.00 46.29  ? 32  GLN A C   1 
ATOM   266  O  O   . GLN A 1 32  ? -13.535 -4.155  -13.929 1.00 45.47  ? 32  GLN A O   1 
ATOM   267  C  CB  . GLN A 1 32  ? -12.610 -6.576  -12.052 1.00 50.73  ? 32  GLN A CB  1 
ATOM   268  C  CG  . GLN A 1 32  ? -12.631 -7.206  -10.662 1.00 51.49  ? 32  GLN A CG  1 
ATOM   269  C  CD  . GLN A 1 32  ? -11.243 -7.312  -10.048 1.00 58.24  ? 32  GLN A CD  1 
ATOM   270  O  OE1 . GLN A 1 32  ? -10.244 -7.538  -10.755 1.00 62.56  ? 32  GLN A OE1 1 
ATOM   271  N  NE2 . GLN A 1 32  ? -11.171 -7.181  -8.726  1.00 56.11  ? 32  GLN A NE2 1 
ATOM   272  N  N   . ASP A 1 33  ? -11.263 -4.390  -13.870 1.00 43.19  ? 33  ASP A N   1 
ATOM   273  C  CA  . ASP A 1 33  ? -11.004 -4.044  -15.249 1.00 56.78  ? 33  ASP A CA  1 
ATOM   274  C  C   . ASP A 1 33  ? -11.386 -2.607  -15.600 1.00 54.80  ? 33  ASP A C   1 
ATOM   275  O  O   . ASP A 1 33  ? -11.796 -2.328  -16.715 1.00 51.09  ? 33  ASP A O   1 
ATOM   276  C  CB  . ASP A 1 33  ? -11.746 -5.003  -16.181 1.00 67.27  ? 33  ASP A CB  1 
ATOM   277  C  CG  . ASP A 1 33  ? -11.146 -6.411  -16.183 1.00 74.26  ? 33  ASP A CG  1 
ATOM   278  O  OD1 . ASP A 1 33  ? -9.891  -6.573  -16.102 1.00 84.91  ? 33  ASP A OD1 1 
ATOM   279  O  OD2 . ASP A 1 33  ? -11.954 -7.356  -16.296 1.00 83.81  ? 33  ASP A OD2 1 
ATOM   280  N  N   . SER A 1 34  ? -11.253 -1.711  -14.637 1.00 48.98  ? 34  SER A N   1 
ATOM   281  C  CA  . SER A 1 34  ? -11.694 -0.358  -14.795 1.00 43.66  ? 34  SER A CA  1 
ATOM   282  C  C   . SER A 1 34  ? -10.438 0.507   -14.777 1.00 43.33  ? 34  SER A C   1 
ATOM   283  O  O   . SER A 1 34  ? -9.358  0.049   -14.387 1.00 44.85  ? 34  SER A O   1 
ATOM   284  C  CB  . SER A 1 34  ? -12.697 -0.041  -13.683 1.00 45.64  ? 34  SER A CB  1 
ATOM   285  O  OG  . SER A 1 34  ? -12.029 -0.126  -12.440 1.00 43.72  ? 34  SER A OG  1 
ATOM   286  N  N   . ASP A 1 35  ? -10.529 1.749   -15.257 1.00 37.82  ? 35  ASP A N   1 
ATOM   287  C  CA  . ASP A 1 35  ? -9.362  2.605   -15.296 1.00 37.17  ? 35  ASP A CA  1 
ATOM   288  C  C   . ASP A 1 35  ? -9.038  3.172   -13.900 1.00 37.63  ? 35  ASP A C   1 
ATOM   289  O  O   . ASP A 1 35  ? -7.854  3.346   -13.537 1.00 41.37  ? 35  ASP A O   1 
ATOM   290  C  CB  . ASP A 1 35  ? -9.562  3.732   -16.327 1.00 44.26  ? 35  ASP A CB  1 
ATOM   291  C  CG  . ASP A 1 35  ? -8.474  4.775   -16.303 1.00 44.39  ? 35  ASP A CG  1 
ATOM   292  O  OD1 . ASP A 1 35  ? -8.744  5.970   -15.926 1.00 47.09  ? 35  ASP A OD1 1 
ATOM   293  O  OD2 . ASP A 1 35  ? -7.360  4.390   -16.689 1.00 52.79  ? 35  ASP A OD2 1 
ATOM   294  N  N   . PHE A 1 36  ? -10.075 3.531   -13.156 1.00 35.11  ? 36  PHE A N   1 
ATOM   295  C  CA  . PHE A 1 36  ? -9.934  3.886   -11.751 1.00 34.98  ? 36  PHE A CA  1 
ATOM   296  C  C   . PHE A 1 36  ? -9.865  2.527   -11.032 1.00 36.23  ? 36  PHE A C   1 
ATOM   297  O  O   . PHE A 1 36  ? -10.748 1.650   -11.204 1.00 33.33  ? 36  PHE A O   1 
ATOM   298  C  CB  . PHE A 1 36  ? -11.148 4.636   -11.229 1.00 35.11  ? 36  PHE A CB  1 
ATOM   299  C  CG  . PHE A 1 36  ? -11.146 6.111   -11.516 1.00 45.58  ? 36  PHE A CG  1 
ATOM   300  C  CD1 . PHE A 1 36  ? -12.273 6.730   -12.035 1.00 48.23  ? 36  PHE A CD1 1 
ATOM   301  C  CD2 . PHE A 1 36  ? -10.055 6.910   -11.209 1.00 53.36  ? 36  PHE A CD2 1 
ATOM   302  C  CE1 . PHE A 1 36  ? -12.327 8.091   -12.292 1.00 44.50  ? 36  PHE A CE1 1 
ATOM   303  C  CE2 . PHE A 1 36  ? -10.102 8.283   -11.471 1.00 60.56  ? 36  PHE A CE2 1 
ATOM   304  C  CZ  . PHE A 1 36  ? -11.236 8.864   -12.045 1.00 51.19  ? 36  PHE A CZ  1 
ATOM   305  N  N   . ILE A 1 37  ? -8.832  2.374   -10.223 1.00 33.81  ? 37  ILE A N   1 
ATOM   306  C  CA  . ILE A 1 37  ? -8.697  1.240   -9.315  1.00 32.10  ? 37  ILE A CA  1 
ATOM   307  C  C   . ILE A 1 37  ? -9.220  1.620   -7.982  1.00 28.92  ? 37  ILE A C   1 
ATOM   308  O  O   . ILE A 1 37  ? -8.610  2.428   -7.281  1.00 33.91  ? 37  ILE A O   1 
ATOM   309  C  CB  . ILE A 1 37  ? -7.236  0.801   -9.305  1.00 35.74  ? 37  ILE A CB  1 
ATOM   310  C  CG1 . ILE A 1 37  ? -6.967  0.240   -10.688 1.00 35.59  ? 37  ILE A CG1 1 
ATOM   311  C  CG2 . ILE A 1 37  ? -6.986  -0.271  -8.276  1.00 35.38  ? 37  ILE A CG2 1 
ATOM   312  C  CD1 . ILE A 1 37  ? -5.495  0.324   -11.000 1.00 45.91  ? 37  ILE A CD1 1 
ATOM   313  N  N   . VAL A 1 38  ? -10.415 1.150   -7.653  1.00 26.65  ? 38  VAL A N   1 
ATOM   314  C  CA  . VAL A 1 38  ? -11.055 1.557   -6.445  1.00 28.33  ? 38  VAL A CA  1 
ATOM   315  C  C   . VAL A 1 38  ? -10.992 0.402   -5.435  1.00 34.60  ? 38  VAL A C   1 
ATOM   316  O  O   . VAL A 1 38  ? -11.568 -0.675  -5.677  1.00 31.85  ? 38  VAL A O   1 
ATOM   317  C  CB  . VAL A 1 38  ? -12.505 1.869   -6.668  1.00 29.13  ? 38  VAL A CB  1 
ATOM   318  C  CG1 . VAL A 1 38  ? -13.141 2.288   -5.383  1.00 31.71  ? 38  VAL A CG1 1 
ATOM   319  C  CG2 . VAL A 1 38  ? -12.687 2.977   -7.673  1.00 33.36  ? 38  VAL A CG2 1 
ATOM   320  N  N   . THR A 1 39  ? -10.329 0.603   -4.299  1.00 34.39  ? 39  THR A N   1 
ATOM   321  C  CA  . THR A 1 39  ? -10.131 -0.500  -3.338  1.00 36.02  ? 39  THR A CA  1 
ATOM   322  C  C   . THR A 1 39  ? -10.581 -0.042  -1.990  1.00 36.12  ? 39  THR A C   1 
ATOM   323  O  O   . THR A 1 39  ? -10.655 1.153   -1.745  1.00 35.20  ? 39  THR A O   1 
ATOM   324  C  CB  . THR A 1 39  ? -8.662  -0.895  -3.209  1.00 35.21  ? 39  THR A CB  1 
ATOM   325  O  OG1 . THR A 1 39  ? -7.909  0.214   -2.657  1.00 41.06  ? 39  THR A OG1 1 
ATOM   326  C  CG2 . THR A 1 39  ? -8.057  -1.234  -4.520  1.00 29.49  ? 39  THR A CG2 1 
ATOM   327  N  N   . VAL A 1 40  ? -10.948 -0.994  -1.148  1.00 35.45  ? 40  VAL A N   1 
ATOM   328  C  CA  . VAL A 1 40  ? -11.122 -0.789  0.285   1.00 36.08  ? 40  VAL A CA  1 
ATOM   329  C  C   . VAL A 1 40  ? -9.983  -1.554  0.991   1.00 41.33  ? 40  VAL A C   1 
ATOM   330  O  O   . VAL A 1 40  ? -9.711  -2.727  0.653   1.00 37.74  ? 40  VAL A O   1 
ATOM   331  C  CB  . VAL A 1 40  ? -12.463 -1.306  0.777   1.00 35.85  ? 40  VAL A CB  1 
ATOM   332  C  CG1 . VAL A 1 40  ? -12.607 -1.114  2.275   1.00 38.82  ? 40  VAL A CG1 1 
ATOM   333  C  CG2 . VAL A 1 40  ? -13.596 -0.482  0.135   1.00 40.79  ? 40  VAL A CG2 1 
ATOM   334  N  N   . VAL A 1 41  ? -9.300  -0.882  1.920   1.00 37.36  ? 41  VAL A N   1 
ATOM   335  C  CA  . VAL A 1 41  ? -8.209  -1.517  2.682   1.00 38.45  ? 41  VAL A CA  1 
ATOM   336  C  C   . VAL A 1 41  ? -8.576  -1.518  4.159   1.00 37.49  ? 41  VAL A C   1 
ATOM   337  O  O   . VAL A 1 41  ? -9.014  -0.509  4.711   1.00 36.63  ? 41  VAL A O   1 
ATOM   338  C  CB  . VAL A 1 41  ? -6.866  -0.814  2.511   1.00 36.35  ? 41  VAL A CB  1 
ATOM   339  C  CG1 . VAL A 1 41  ? -5.719  -1.782  2.918   1.00 36.97  ? 41  VAL A CG1 1 
ATOM   340  C  CG2 . VAL A 1 41  ? -6.643  -0.323  1.077   1.00 33.05  ? 41  VAL A CG2 1 
ATOM   341  N  N   . GLY A 1 42  ? -8.392  -2.671  4.785   1.00 40.46  ? 42  GLY A N   1 
ATOM   342  C  CA  . GLY A 1 42  ? -8.698  -2.809  6.180   1.00 36.95  ? 42  GLY A CA  1 
ATOM   343  C  C   . GLY A 1 42  ? -7.493  -3.231  6.965   1.00 39.28  ? 42  GLY A C   1 
ATOM   344  O  O   . GLY A 1 42  ? -6.387  -3.314  6.434   1.00 40.07  ? 42  GLY A O   1 
ATOM   345  N  N   . GLY A 1 43  ? -7.735  -3.527  8.237   1.00 43.62  ? 43  GLY A N   1 
ATOM   346  C  CA  . GLY A 1 43  ? -6.663  -3.814  9.191   1.00 41.90  ? 43  GLY A CA  1 
ATOM   347  C  C   . GLY A 1 43  ? -6.969  -5.073  9.951   1.00 40.94  ? 43  GLY A C   1 
ATOM   348  O  O   . GLY A 1 43  ? -8.065  -5.589  9.830   1.00 38.35  ? 43  GLY A O   1 
ATOM   349  N  N   . PRO A 1 44  ? -5.975  -5.599  10.705  1.00 37.70  ? 44  PRO A N   1 
ATOM   350  C  CA  . PRO A 1 44  ? -4.562  -5.093  10.768  1.00 36.04  ? 44  PRO A CA  1 
ATOM   351  C  C   . PRO A 1 44  ? -3.747  -5.512  9.556   1.00 36.56  ? 44  PRO A C   1 
ATOM   352  O  O   . PRO A 1 44  ? -3.896  -6.646  9.084   1.00 39.53  ? 44  PRO A O   1 
ATOM   353  C  CB  . PRO A 1 44  ? -3.995  -5.805  12.021  1.00 37.10  ? 44  PRO A CB  1 
ATOM   354  C  CG  . PRO A 1 44  ? -5.213  -6.136  12.820  1.00 36.70  ? 44  PRO A CG  1 
ATOM   355  C  CD  . PRO A 1 44  ? -6.244  -6.554  11.791  1.00 38.27  ? 44  PRO A CD  1 
ATOM   356  N  N   . ASN A 1 45  ? -2.896  -4.654  9.025   1.00 36.31  ? 45  ASN A N   1 
ATOM   357  C  CA  . ASN A 1 45  ? -2.130  -5.085  7.860   1.00 42.51  ? 45  ASN A CA  1 
ATOM   358  C  C   . ASN A 1 45  ? -0.704  -5.338  8.335   1.00 48.71  ? 45  ASN A C   1 
ATOM   359  O  O   . ASN A 1 45  ? -0.412  -5.195  9.517   1.00 48.07  ? 45  ASN A O   1 
ATOM   360  C  CB  . ASN A 1 45  ? -2.190  -4.039  6.743   1.00 38.95  ? 45  ASN A CB  1 
ATOM   361  C  CG  . ASN A 1 45  ? -1.445  -2.769  7.097   1.00 42.79  ? 45  ASN A CG  1 
ATOM   362  O  OD1 . ASN A 1 45  ? -1.061  -2.560  8.289   1.00 42.22  ? 45  ASN A OD1 1 
ATOM   363  N  ND2 . ASN A 1 45  ? -1.228  -1.891  6.074   1.00 40.25  ? 45  ASN A ND2 1 
ATOM   364  N  N   . HIS A 1 46  ? 0.192   -5.712  7.430   1.00 50.57  ? 46  HIS A N   1 
ATOM   365  C  CA  . HIS A 1 46  ? 1.603   -5.845  7.820   1.00 50.84  ? 46  HIS A CA  1 
ATOM   366  C  C   . HIS A 1 46  ? 2.414   -5.315  6.672   1.00 45.41  ? 46  HIS A C   1 
ATOM   367  O  O   . HIS A 1 46  ? 2.531   -6.030  5.644   1.00 45.84  ? 46  HIS A O   1 
ATOM   368  C  CB  . HIS A 1 46  ? 1.991   -7.318  8.182   1.00 60.68  ? 46  HIS A CB  1 
ATOM   369  C  CG  . HIS A 1 46  ? 3.416   -7.465  8.698   1.00 70.63  ? 46  HIS A CG  1 
ATOM   370  N  ND1 . HIS A 1 46  ? 4.506   -7.611  7.861   1.00 74.37  ? 46  HIS A ND1 1 
ATOM   371  C  CD2 . HIS A 1 46  ? 3.920   -7.434  9.960   1.00 71.31  ? 46  HIS A CD2 1 
ATOM   372  C  CE1 . HIS A 1 46  ? 5.615   -7.673  8.581   1.00 78.51  ? 46  HIS A CE1 1 
ATOM   373  N  NE2 . HIS A 1 46  ? 5.286   -7.568  9.858   1.00 77.25  ? 46  HIS A NE2 1 
ATOM   374  N  N   . ARG A 1 47  ? 2.948   -4.076  6.810   1.00 43.28  ? 47  ARG A N   1 
ATOM   375  C  CA  . ARG A 1 47  ? 3.733   -3.450  5.732   1.00 38.62  ? 47  ARG A CA  1 
ATOM   376  C  C   . ARG A 1 47  ? 5.045   -2.871  6.274   1.00 39.78  ? 47  ARG A C   1 
ATOM   377  O  O   . ARG A 1 47  ? 5.010   -2.005  7.143   1.00 37.43  ? 47  ARG A O   1 
ATOM   378  C  CB  . ARG A 1 47  ? 2.973   -2.324  5.046   1.00 40.29  ? 47  ARG A CB  1 
ATOM   379  C  CG  . ARG A 1 47  ? 1.580   -2.662  4.499   1.00 38.55  ? 47  ARG A CG  1 
ATOM   380  C  CD  . ARG A 1 47  ? 1.595   -3.258  3.084   1.00 36.23  ? 47  ARG A CD  1 
ATOM   381  N  NE  . ARG A 1 47  ? 2.369   -2.483  2.103   1.00 38.58  ? 47  ARG A NE  1 
ATOM   382  C  CZ  . ARG A 1 47  ? 1.846   -1.744  1.125   1.00 41.91  ? 47  ARG A CZ  1 
ATOM   383  N  NH1 . ARG A 1 47  ? 0.528   -1.655  1.018   1.00 45.24  ? 47  ARG A NH1 1 
ATOM   384  N  NH2 . ARG A 1 47  ? 2.619   -1.050  0.263   1.00 44.13  ? 47  ARG A NH2 1 
ATOM   385  N  N   . THR A 1 48  ? 6.175   -3.318  5.689   1.00 37.12  ? 48  THR A N   1 
ATOM   386  C  CA  . THR A 1 48  ? 7.541   -2.824  5.923   1.00 36.73  ? 48  THR A CA  1 
ATOM   387  C  C   . THR A 1 48  ? 8.089   -2.087  4.698   1.00 37.73  ? 48  THR A C   1 
ATOM   388  O  O   . THR A 1 48  ? 9.077   -1.386  4.791   1.00 39.65  ? 48  THR A O   1 
ATOM   389  C  CB  . THR A 1 48  ? 8.497   -4.002  6.324   1.00 44.01  ? 48  THR A CB  1 
ATOM   390  O  OG1 . THR A 1 48  ? 8.604   -4.936  5.237   1.00 42.26  ? 48  THR A OG1 1 
ATOM   391  C  CG2 . THR A 1 48  ? 7.930   -4.783  7.469   1.00 45.15  ? 48  THR A CG2 1 
ATOM   392  N  N   . ASP A 1 49  ? 7.428   -2.228  3.553   1.00 33.23  ? 49  ASP A N   1 
ATOM   393  C  CA  . ASP A 1 49  ? 7.817   -1.600  2.300   1.00 36.16  ? 49  ASP A CA  1 
ATOM   394  C  C   . ASP A 1 49  ? 7.291   -0.170  2.156   1.00 35.51  ? 49  ASP A C   1 
ATOM   395  O  O   . ASP A 1 49  ? 6.252   0.196   2.738   1.00 37.12  ? 49  ASP A O   1 
ATOM   396  C  CB  . ASP A 1 49  ? 7.226   -2.436  1.147   1.00 37.39  ? 49  ASP A CB  1 
ATOM   397  C  CG  . ASP A 1 49  ? 5.681   -2.412  1.142   1.00 38.96  ? 49  ASP A CG  1 
ATOM   398  O  OD1 . ASP A 1 49  ? 5.140   -1.674  0.297   1.00 38.48  ? 49  ASP A OD1 1 
ATOM   399  O  OD2 . ASP A 1 49  ? 5.028   -3.086  1.971   1.00 36.75  ? 49  ASP A OD2 1 
ATOM   400  N  N   . TYR A 1 50  ? 8.015   0.628   1.388   1.00 37.46  ? 50  TYR A N   1 
ATOM   401  C  CA  . TYR A 1 50  ? 7.566   1.933   0.914   1.00 37.96  ? 50  TYR A CA  1 
ATOM   402  C  C   . TYR A 1 50  ? 7.199   1.790   -0.555  1.00 38.31  ? 50  TYR A C   1 
ATOM   403  O  O   . TYR A 1 50  ? 8.008   1.287   -1.319  1.00 34.60  ? 50  TYR A O   1 
ATOM   404  C  CB  . TYR A 1 50  ? 8.667   2.974   1.058   1.00 38.18  ? 50  TYR A CB  1 
ATOM   405  C  CG  . TYR A 1 50  ? 8.846   3.355   2.487   1.00 38.10  ? 50  TYR A CG  1 
ATOM   406  C  CD1 . TYR A 1 50  ? 8.230   4.489   2.998   1.00 37.36  ? 50  TYR A CD1 1 
ATOM   407  C  CD2 . TYR A 1 50  ? 9.581   2.532   3.375   1.00 36.92  ? 50  TYR A CD2 1 
ATOM   408  C  CE1 . TYR A 1 50  ? 8.384   4.840   4.335   1.00 42.92  ? 50  TYR A CE1 1 
ATOM   409  C  CE2 . TYR A 1 50  ? 9.711   2.875   4.715   1.00 38.55  ? 50  TYR A CE2 1 
ATOM   410  C  CZ  . TYR A 1 50  ? 9.122   4.029   5.197   1.00 42.03  ? 50  TYR A CZ  1 
ATOM   411  O  OH  . TYR A 1 50  ? 9.257   4.361   6.556   1.00 44.19  ? 50  TYR A OH  1 
ATOM   412  N  N   . HIS A 1 51  ? 5.972   2.194   -0.920  1.00 34.86  ? 51  HIS A N   1 
ATOM   413  C  CA  . HIS A 1 51  ? 5.493   2.194   -2.312  1.00 31.53  ? 51  HIS A CA  1 
ATOM   414  C  C   . HIS A 1 51  ? 5.850   3.499   -2.978  1.00 35.32  ? 51  HIS A C   1 
ATOM   415  O  O   . HIS A 1 51  ? 5.564   4.595   -2.422  1.00 39.55  ? 51  HIS A O   1 
ATOM   416  C  CB  . HIS A 1 51  ? 3.980   1.996   -2.324  1.00 34.23  ? 51  HIS A CB  1 
ATOM   417  C  CG  . HIS A 1 51  ? 3.383   1.840   -3.681  1.00 32.64  ? 51  HIS A CG  1 
ATOM   418  N  ND1 . HIS A 1 51  ? 2.022   1.739   -3.879  1.00 37.21  ? 51  HIS A ND1 1 
ATOM   419  C  CD2 . HIS A 1 51  ? 3.937   1.687   -4.897  1.00 35.07  ? 51  HIS A CD2 1 
ATOM   420  C  CE1 . HIS A 1 51  ? 1.749   1.597   -5.160  1.00 34.83  ? 51  HIS A CE1 1 
ATOM   421  N  NE2 . HIS A 1 51  ? 2.898   1.522   -5.803  1.00 37.65  ? 51  HIS A NE2 1 
ATOM   422  N  N   . ASP A 1 52  ? 6.474   3.412   -4.154  1.00 36.08  ? 52  ASP A N   1 
ATOM   423  C  CA  . ASP A 1 52  ? 6.731   4.561   -5.036  1.00 38.48  ? 52  ASP A CA  1 
ATOM   424  C  C   . ASP A 1 52  ? 5.745   4.431   -6.194  1.00 38.52  ? 52  ASP A C   1 
ATOM   425  O  O   . ASP A 1 52  ? 5.984   3.713   -7.163  1.00 34.93  ? 52  ASP A O   1 
ATOM   426  C  CB  . ASP A 1 52  ? 8.185   4.521   -5.504  1.00 41.14  ? 52  ASP A CB  1 
ATOM   427  C  CG  . ASP A 1 52  ? 8.504   5.479   -6.652  1.00 49.94  ? 52  ASP A CG  1 
ATOM   428  O  OD1 . ASP A 1 52  ? 7.686   6.381   -6.952  1.00 51.30  ? 52  ASP A OD1 1 
ATOM   429  O  OD2 . ASP A 1 52  ? 9.602   5.312   -7.280  1.00 43.88  ? 52  ASP A OD2 1 
ATOM   430  N  N   . ASP A 1 53  ? 4.589   5.070   -6.060  1.00 36.07  ? 53  ASP A N   1 
ATOM   431  C  CA  . ASP A 1 53  ? 3.524   5.018   -7.063  1.00 32.76  ? 53  ASP A CA  1 
ATOM   432  C  C   . ASP A 1 53  ? 3.755   6.162   -8.037  1.00 37.87  ? 53  ASP A C   1 
ATOM   433  O  O   . ASP A 1 53  ? 3.845   7.339   -7.632  1.00 35.92  ? 53  ASP A O   1 
ATOM   434  C  CB  . ASP A 1 53  ? 2.153   5.231   -6.445  1.00 33.97  ? 53  ASP A CB  1 
ATOM   435  C  CG  . ASP A 1 53  ? 1.013   5.011   -7.435  1.00 33.50  ? 53  ASP A CG  1 
ATOM   436  O  OD1 . ASP A 1 53  ? -0.071  4.653   -6.949  1.00 36.86  ? 53  ASP A OD1 1 
ATOM   437  O  OD2 . ASP A 1 53  ? 1.169   5.118   -8.693  1.00 36.17  ? 53  ASP A OD2 1 
ATOM   438  N  N   . PRO A 1 54  ? 3.849   5.847   -9.342  1.00 32.82  ? 54  PRO A N   1 
ATOM   439  C  CA  . PRO A 1 54  ? 4.131   6.957   -10.212 1.00 34.83  ? 54  PRO A CA  1 
ATOM   440  C  C   . PRO A 1 54  ? 2.875   7.880   -10.490 1.00 37.90  ? 54  PRO A C   1 
ATOM   441  O  O   . PRO A 1 54  ? 3.022   8.827   -11.256 1.00 35.81  ? 54  PRO A O   1 
ATOM   442  C  CB  . PRO A 1 54  ? 4.514   6.282   -11.515 1.00 34.61  ? 54  PRO A CB  1 
ATOM   443  C  CG  . PRO A 1 54  ? 3.702   5.004   -11.479 1.00 35.13  ? 54  PRO A CG  1 
ATOM   444  C  CD  . PRO A 1 54  ? 3.656   4.580   -10.057 1.00 32.84  ? 54  PRO A CD  1 
ATOM   445  N  N   . LEU A 1 55  ? 1.686   7.574   -9.950  1.00 32.89  ? 55  LEU A N   1 
ATOM   446  C  CA  . LEU A 1 55  ? 0.466   8.439   -10.158 1.00 32.66  ? 55  LEU A CA  1 
ATOM   447  C  C   . LEU A 1 55  ? 0.020   8.808   -8.789  1.00 33.58  ? 55  LEU A C   1 
ATOM   448  O  O   . LEU A 1 55  ? 0.530   8.271   -7.854  1.00 29.13  ? 55  LEU A O   1 
ATOM   449  C  CB  . LEU A 1 55  ? -0.633  7.621   -10.841 1.00 34.88  ? 55  LEU A CB  1 
ATOM   450  C  CG  . LEU A 1 55  ? -0.230  7.229   -12.265 1.00 36.35  ? 55  LEU A CG  1 
ATOM   451  C  CD1 . LEU A 1 55  ? -1.194  6.250   -12.889 1.00 38.31  ? 55  LEU A CD1 1 
ATOM   452  C  CD2 . LEU A 1 55  ? -0.051  8.488   -13.082 1.00 40.19  ? 55  LEU A CD2 1 
ATOM   453  N  N   . GLU A 1 56  ? -1.034  9.612   -8.665  1.00 31.01  ? 56  GLU A N   1 
ATOM   454  C  CA  . GLU A 1 56  ? -1.549  10.064  -7.380  1.00 30.92  ? 56  GLU A CA  1 
ATOM   455  C  C   . GLU A 1 56  ? -2.348  9.018   -6.749  1.00 30.26  ? 56  GLU A C   1 
ATOM   456  O  O   . GLU A 1 56  ? -2.906  8.177   -7.462  1.00 29.79  ? 56  GLU A O   1 
ATOM   457  C  CB  . GLU A 1 56  ? -2.507  11.266  -7.614  1.00 33.27  ? 56  GLU A CB  1 
ATOM   458  C  CG  . GLU A 1 56  ? -1.800  12.399  -8.329  1.00 37.86  ? 56  GLU A CG  1 
ATOM   459  C  CD  . GLU A 1 56  ? -2.672  13.620  -8.591  1.00 41.05  ? 56  GLU A CD  1 
ATOM   460  O  OE1 . GLU A 1 56  ? -3.935  13.536  -8.497  1.00 36.25  ? 56  GLU A OE1 1 
ATOM   461  O  OE2 . GLU A 1 56  ? -2.070  14.667  -8.925  1.00 45.01  ? 56  GLU A OE2 1 
ATOM   462  N  N   . GLU A 1 57  ? -2.498  9.041   -5.437  1.00 29.08  ? 57  GLU A N   1 
ATOM   463  C  CA  . GLU A 1 57  ? -3.484  8.147   -4.830  1.00 30.24  ? 57  GLU A CA  1 
ATOM   464  C  C   . GLU A 1 57  ? -4.434  8.957   -3.973  1.00 32.52  ? 57  GLU A C   1 
ATOM   465  O  O   . GLU A 1 57  ? -3.951  9.770   -3.204  1.00 29.82  ? 57  GLU A O   1 
ATOM   466  C  CB  . GLU A 1 57  ? -2.837  7.071   -3.944  1.00 31.86  ? 57  GLU A CB  1 
ATOM   467  C  CG  . GLU A 1 57  ? -1.882  6.203   -4.720  1.00 36.49  ? 57  GLU A CG  1 
ATOM   468  C  CD  . GLU A 1 57  ? -1.071  5.231   -3.891  1.00 40.41  ? 57  GLU A CD  1 
ATOM   469  O  OE1 . GLU A 1 57  ? -0.111  4.675   -4.478  1.00 46.23  ? 57  GLU A OE1 1 
ATOM   470  O  OE2 . GLU A 1 57  ? -1.355  4.993   -2.709  1.00 37.35  ? 57  GLU A OE2 1 
ATOM   471  N  N   . PHE A 1 58  ? -5.747  8.664   -4.032  1.00 30.91  ? 58  PHE A N   1 
ATOM   472  C  CA  . PHE A 1 58  ? -6.734  9.311   -3.164  1.00 29.81  ? 58  PHE A CA  1 
ATOM   473  C  C   . PHE A 1 58  ? -7.126  8.423   -2.000  1.00 32.48  ? 58  PHE A C   1 
ATOM   474  O  O   . PHE A 1 58  ? -7.343  7.225   -2.200  1.00 30.30  ? 58  PHE A O   1 
ATOM   475  C  CB  . PHE A 1 58  ? -7.954  9.700   -4.007  1.00 32.26  ? 58  PHE A CB  1 
ATOM   476  C  CG  . PHE A 1 58  ? -9.105  10.141  -3.206  1.00 29.51  ? 58  PHE A CG  1 
ATOM   477  C  CD1 . PHE A 1 58  ? -9.185  11.457  -2.707  1.00 31.70  ? 58  PHE A CD1 1 
ATOM   478  C  CD2 . PHE A 1 58  ? -10.097 9.262   -2.901  1.00 27.89  ? 58  PHE A CD2 1 
ATOM   479  C  CE1 . PHE A 1 58  ? -10.245 11.824  -1.912  1.00 29.26  ? 58  PHE A CE1 1 
ATOM   480  C  CE2 . PHE A 1 58  ? -11.145 9.613   -2.057  1.00 29.56  ? 58  PHE A CE2 1 
ATOM   481  C  CZ  . PHE A 1 58  ? -11.248 10.920  -1.616  1.00 29.78  ? 58  PHE A CZ  1 
ATOM   482  N  N   . PHE A 1 59  ? -7.177  8.976   -0.768  1.00 28.58  ? 59  PHE A N   1 
ATOM   483  C  CA  . PHE A 1 59  ? -7.558  8.247   0.410   1.00 30.30  ? 59  PHE A CA  1 
ATOM   484  C  C   . PHE A 1 59  ? -8.782  8.874   1.085   1.00 30.56  ? 59  PHE A C   1 
ATOM   485  O  O   . PHE A 1 59  ? -8.888  10.041  1.138   1.00 31.19  ? 59  PHE A O   1 
ATOM   486  C  CB  . PHE A 1 59  ? -6.441  8.294   1.425   1.00 30.14  ? 59  PHE A CB  1 
ATOM   487  C  CG  . PHE A 1 59  ? -5.187  7.591   0.988   1.00 29.55  ? 59  PHE A CG  1 
ATOM   488  C  CD1 . PHE A 1 59  ? -4.892  6.312   1.414   1.00 31.60  ? 59  PHE A CD1 1 
ATOM   489  C  CD2 . PHE A 1 59  ? -4.311  8.214   0.152   1.00 30.03  ? 59  PHE A CD2 1 
ATOM   490  C  CE1 . PHE A 1 59  ? -3.733  5.684   1.022   1.00 32.92  ? 59  PHE A CE1 1 
ATOM   491  C  CE2 . PHE A 1 59  ? -3.130  7.610   -0.229  1.00 32.40  ? 59  PHE A CE2 1 
ATOM   492  C  CZ  . PHE A 1 59  ? -2.853  6.341   0.193   1.00 33.55  ? 59  PHE A CZ  1 
ATOM   493  N  N   . TYR A 1 60  ? -9.687  8.075   1.596   1.00 29.35  ? 60  TYR A N   1 
ATOM   494  C  CA  . TYR A 1 60  ? -10.729 8.543   2.452   1.00 32.73  ? 60  TYR A CA  1 
ATOM   495  C  C   . TYR A 1 60  ? -10.886 7.489   3.517   1.00 30.66  ? 60  TYR A C   1 
ATOM   496  O  O   . TYR A 1 60  ? -11.382 6.403   3.230   1.00 31.75  ? 60  TYR A O   1 
ATOM   497  C  CB  . TYR A 1 60  ? -12.014 8.706   1.645   1.00 34.48  ? 60  TYR A CB  1 
ATOM   498  C  CG  . TYR A 1 60  ? -13.158 9.289   2.395   1.00 40.18  ? 60  TYR A CG  1 
ATOM   499  C  CD1 . TYR A 1 60  ? -12.994 9.835   3.658   1.00 40.51  ? 60  TYR A CD1 1 
ATOM   500  C  CD2 . TYR A 1 60  ? -14.428 9.345   1.825   1.00 42.94  ? 60  TYR A CD2 1 
ATOM   501  C  CE1 . TYR A 1 60  ? -14.063 10.355  4.367   1.00 47.77  ? 60  TYR A CE1 1 
ATOM   502  C  CE2 . TYR A 1 60  ? -15.500 9.867   2.531   1.00 44.15  ? 60  TYR A CE2 1 
ATOM   503  C  CZ  . TYR A 1 60  ? -15.322 10.376  3.793   1.00 46.65  ? 60  TYR A CZ  1 
ATOM   504  O  OH  . TYR A 1 60  ? -16.367 10.935  4.487   1.00 43.56  ? 60  TYR A OH  1 
ATOM   505  N  N   . GLN A 1 61  ? -10.417 7.785   4.733   1.00 33.37  ? 61  GLN A N   1 
ATOM   506  C  CA  . GLN A 1 61  ? -10.506 6.848   5.862   1.00 33.75  ? 61  GLN A CA  1 
ATOM   507  C  C   . GLN A 1 61  ? -11.950 6.779   6.382   1.00 35.48  ? 61  GLN A C   1 
ATOM   508  O  O   . GLN A 1 61  ? -12.371 7.589   7.158   1.00 37.22  ? 61  GLN A O   1 
ATOM   509  C  CB  . GLN A 1 61  ? -9.506  7.238   6.995   1.00 32.76  ? 61  GLN A CB  1 
ATOM   510  C  CG  . GLN A 1 61  ? -9.340  6.186   8.097   1.00 31.81  ? 61  GLN A CG  1 
ATOM   511  C  CD  . GLN A 1 61  ? -8.681  4.861   7.676   1.00 30.12  ? 61  GLN A CD  1 
ATOM   512  O  OE1 . GLN A 1 61  ? -9.051  3.780   8.143   1.00 37.12  ? 61  GLN A OE1 1 
ATOM   513  N  NE2 . GLN A 1 61  ? -7.718  4.942   6.783   1.00 28.25  ? 61  GLN A NE2 1 
ATOM   514  N  N   . LEU A 1 62  ? -12.669 5.738   6.020   1.00 38.94  ? 62  LEU A N   1 
ATOM   515  C  CA  . LEU A 1 62  ? -14.096 5.643   6.352   1.00 37.15  ? 62  LEU A CA  1 
ATOM   516  C  C   . LEU A 1 62  ? -14.385 5.123   7.733   1.00 40.83  ? 62  LEU A C   1 
ATOM   517  O  O   . LEU A 1 62  ? -15.342 5.561   8.342   1.00 37.59  ? 62  LEU A O   1 
ATOM   518  C  CB  . LEU A 1 62  ? -14.770 4.695   5.367   1.00 37.49  ? 62  LEU A CB  1 
ATOM   519  C  CG  . LEU A 1 62  ? -14.576 5.001   3.870   1.00 45.13  ? 62  LEU A CG  1 
ATOM   520  C  CD1 . LEU A 1 62  ? -15.135 3.913   2.961   1.00 44.04  ? 62  LEU A CD1 1 
ATOM   521  C  CD2 . LEU A 1 62  ? -15.182 6.341   3.513   1.00 45.45  ? 62  LEU A CD2 1 
ATOM   522  N  N   . ARG A 1 63  ? -13.613 4.134   8.202   1.00 36.99  ? 63  ARG A N   1 
ATOM   523  C  CA  . ARG A 1 63  ? -13.795 3.555   9.534   1.00 38.85  ? 63  ARG A CA  1 
ATOM   524  C  C   . ARG A 1 63  ? -12.414 3.318   10.146  1.00 41.47  ? 63  ARG A C   1 
ATOM   525  O  O   . ARG A 1 63  ? -11.507 2.795   9.469   1.00 40.30  ? 63  ARG A O   1 
ATOM   526  C  CB  . ARG A 1 63  ? -14.459 2.204   9.435   1.00 36.50  ? 63  ARG A CB  1 
ATOM   527  C  CG  . ARG A 1 63  ? -15.792 2.177   8.724   1.00 43.09  ? 63  ARG A CG  1 
ATOM   528  C  CD  . ARG A 1 63  ? -16.408 0.785   8.734   1.00 44.96  ? 63  ARG A CD  1 
ATOM   529  N  NE  . ARG A 1 63  ? -17.605 0.750   7.892   1.00 49.07  ? 63  ARG A NE  1 
ATOM   530  C  CZ  . ARG A 1 63  ? -18.296 -0.345  7.583   1.00 49.46  ? 63  ARG A CZ  1 
ATOM   531  N  NH1 . ARG A 1 63  ? -17.904 -1.523  8.029   1.00 47.17  ? 63  ARG A NH1 1 
ATOM   532  N  NH2 . ARG A 1 63  ? -19.385 -0.269  6.811   1.00 47.71  ? 63  ARG A NH2 1 
ATOM   533  N  N   . GLY A 1 64  ? -12.250 3.731   11.394  1.00 48.47  ? 64  GLY A N   1 
ATOM   534  C  CA  . GLY A 1 64  ? -11.011 3.427   12.149  1.00 46.63  ? 64  GLY A CA  1 
ATOM   535  C  C   . GLY A 1 64  ? -10.006 4.469   11.755  1.00 45.37  ? 64  GLY A C   1 
ATOM   536  O  O   . GLY A 1 64  ? -10.363 5.400   11.037  1.00 41.89  ? 64  GLY A O   1 
ATOM   537  N  N   . ASN A 1 65  ? -8.762  4.292   12.222  1.00 43.24  ? 65  ASN A N   1 
ATOM   538  C  CA  . ASN A 1 65  ? -7.655  5.235   11.967  1.00 40.52  ? 65  ASN A CA  1 
ATOM   539  C  C   . ASN A 1 65  ? -6.452  4.447   11.498  1.00 33.66  ? 65  ASN A C   1 
ATOM   540  O  O   . ASN A 1 65  ? -6.362  3.270   11.767  1.00 35.28  ? 65  ASN A O   1 
ATOM   541  C  CB  . ASN A 1 65  ? -7.266  6.037   13.226  1.00 47.30  ? 65  ASN A CB  1 
ATOM   542  C  CG  . ASN A 1 65  ? -8.484  6.618   13.957  1.00 46.30  ? 65  ASN A CG  1 
ATOM   543  O  OD1 . ASN A 1 65  ? -8.935  7.750   13.678  1.00 48.13  ? 65  ASN A OD1 1 
ATOM   544  N  ND2 . ASN A 1 65  ? -8.996  5.843   14.906  1.00 48.60  ? 65  ASN A ND2 1 
ATOM   545  N  N   . ALA A 1 66  ? -5.529  5.125   10.817  1.00 35.69  ? 66  ALA A N   1 
ATOM   546  C  CA  . ALA A 1 66  ? -4.395  4.474   10.159  1.00 35.96  ? 66  ALA A CA  1 
ATOM   547  C  C   . ALA A 1 66  ? -3.394  5.581   10.015  1.00 37.84  ? 66  ALA A C   1 
ATOM   548  O  O   . ALA A 1 66  ? -3.733  6.762   10.261  1.00 37.30  ? 66  ALA A O   1 
ATOM   549  C  CB  . ALA A 1 66  ? -4.791  3.948   8.757   1.00 34.46  ? 66  ALA A CB  1 
ATOM   550  N  N   . TYR A 1 67  ? -2.200  5.234   9.532   1.00 36.01  ? 67  TYR A N   1 
ATOM   551  C  CA  . TYR A 1 67  ? -1.203  6.280   9.179   1.00 34.13  ? 67  TYR A CA  1 
ATOM   552  C  C   . TYR A 1 67  ? -0.283  5.816   8.071   1.00 33.73  ? 67  TYR A C   1 
ATOM   553  O  O   . TYR A 1 67  ? -0.170  4.629   7.795   1.00 35.83  ? 67  TYR A O   1 
ATOM   554  C  CB  . TYR A 1 67  ? -0.421  6.740   10.392  1.00 40.68  ? 67  TYR A CB  1 
ATOM   555  C  CG  . TYR A 1 67  ? 0.297   5.660   11.147  1.00 38.44  ? 67  TYR A CG  1 
ATOM   556  C  CD1 . TYR A 1 67  ? -0.368  4.861   12.068  1.00 37.33  ? 67  TYR A CD1 1 
ATOM   557  C  CD2 . TYR A 1 67  ? 1.653   5.459   10.947  1.00 45.47  ? 67  TYR A CD2 1 
ATOM   558  C  CE1 . TYR A 1 67  ? 0.282   3.885   12.766  1.00 41.79  ? 67  TYR A CE1 1 
ATOM   559  C  CE2 . TYR A 1 67  ? 2.336   4.479   11.640  1.00 46.14  ? 67  TYR A CE2 1 
ATOM   560  C  CZ  . TYR A 1 67  ? 1.652   3.681   12.519  1.00 46.19  ? 67  TYR A CZ  1 
ATOM   561  O  OH  . TYR A 1 67  ? 2.349   2.721   13.166  1.00 43.51  ? 67  TYR A OH  1 
ATOM   562  N  N   . LEU A 1 68  ? 0.262   6.780   7.341   1.00 34.11  ? 68  LEU A N   1 
ATOM   563  C  CA  . LEU A 1 68  ? 1.228   6.505   6.326   1.00 38.91  ? 68  LEU A CA  1 
ATOM   564  C  C   . LEU A 1 68  ? 2.588   6.951   6.874   1.00 39.91  ? 68  LEU A C   1 
ATOM   565  O  O   . LEU A 1 68  ? 2.787   8.123   7.145   1.00 38.95  ? 68  LEU A O   1 
ATOM   566  C  CB  . LEU A 1 68  ? 0.927   7.236   5.019   1.00 37.65  ? 68  LEU A CB  1 
ATOM   567  C  CG  . LEU A 1 68  ? -0.490  7.092   4.474   1.00 40.91  ? 68  LEU A CG  1 
ATOM   568  C  CD1 . LEU A 1 68  ? -0.668  7.901   3.231   1.00 39.16  ? 68  LEU A CD1 1 
ATOM   569  C  CD2 . LEU A 1 68  ? -0.874  5.645   4.235   1.00 42.15  ? 68  LEU A CD2 1 
ATOM   570  N  N   . ASN A 1 69  ? 3.515   6.011   7.013   1.00 37.55  ? 69  ASN A N   1 
ATOM   571  C  CA  . ASN A 1 69  ? 4.930   6.385   7.090   1.00 36.02  ? 69  ASN A CA  1 
ATOM   572  C  C   . ASN A 1 69  ? 5.408   6.862   5.746   1.00 34.93  ? 69  ASN A C   1 
ATOM   573  O  O   . ASN A 1 69  ? 5.128   6.232   4.733   1.00 36.24  ? 69  ASN A O   1 
ATOM   574  C  CB  . ASN A 1 69  ? 5.729   5.170   7.584   1.00 38.69  ? 69  ASN A CB  1 
ATOM   575  C  CG  . ASN A 1 69  ? 5.464   4.863   9.040   1.00 42.84  ? 69  ASN A CG  1 
ATOM   576  O  OD1 . ASN A 1 69  ? 5.071   5.748   9.814   1.00 44.00  ? 69  ASN A OD1 1 
ATOM   577  N  ND2 . ASN A 1 69  ? 5.637   3.608   9.420   1.00 46.69  ? 69  ASN A ND2 1 
ATOM   578  N  N   . LEU A 1 70  ? 6.090   8.011   5.710   1.00 36.04  ? 70  LEU A N   1 
ATOM   579  C  CA  . LEU A 1 70  ? 6.579   8.607   4.488   1.00 38.45  ? 70  LEU A CA  1 
ATOM   580  C  C   . LEU A 1 70  ? 8.077   8.929   4.528   1.00 45.83  ? 70  LEU A C   1 
ATOM   581  O  O   . LEU A 1 70  ? 8.614   9.060   5.598   1.00 41.01  ? 70  LEU A O   1 
ATOM   582  C  CB  . LEU A 1 70  ? 5.920   9.954   4.241   1.00 39.69  ? 70  LEU A CB  1 
ATOM   583  C  CG  . LEU A 1 70  ? 4.411   10.011  4.363   1.00 38.63  ? 70  LEU A CG  1 
ATOM   584  C  CD1 . LEU A 1 70  ? 3.968   11.440  4.632   1.00 42.32  ? 70  LEU A CD1 1 
ATOM   585  C  CD2 . LEU A 1 70  ? 3.722   9.396   3.152   1.00 38.57  ? 70  LEU A CD2 1 
ATOM   586  N  N   . TRP A 1 71  ? 8.697   9.061   3.344   1.00 52.32  ? 71  TRP A N   1 
ATOM   587  C  CA  . TRP A 1 71  ? 9.897   9.893   3.133   1.00 64.47  ? 71  TRP A CA  1 
ATOM   588  C  C   . TRP A 1 71  ? 9.478   11.226  2.496   1.00 76.94  ? 71  TRP A C   1 
ATOM   589  O  O   . TRP A 1 71  ? 8.899   11.206  1.392   1.00 73.68  ? 71  TRP A O   1 
ATOM   590  C  CB  . TRP A 1 71  ? 10.866  9.200   2.203   1.00 61.41  ? 71  TRP A CB  1 
ATOM   591  C  CG  . TRP A 1 71  ? 11.424  8.014   2.859   1.00 66.57  ? 71  TRP A CG  1 
ATOM   592  C  CD1 . TRP A 1 71  ? 10.928  6.780   2.795   1.00 67.62  ? 71  TRP A CD1 1 
ATOM   593  C  CD2 . TRP A 1 71  ? 12.575  7.953   3.734   1.00 73.80  ? 71  TRP A CD2 1 
ATOM   594  N  NE1 . TRP A 1 71  ? 11.691  5.930   3.561   1.00 80.75  ? 71  TRP A NE1 1 
ATOM   595  C  CE2 . TRP A 1 71  ? 12.697  6.638   4.160   1.00 68.69  ? 71  TRP A CE2 1 
ATOM   596  C  CE3 . TRP A 1 71  ? 13.483  8.899   4.225   1.00 82.76  ? 71  TRP A CE3 1 
ATOM   597  C  CZ2 . TRP A 1 71  ? 13.704  6.216   5.019   1.00 73.02  ? 71  TRP A CZ2 1 
ATOM   598  C  CZ3 . TRP A 1 71  ? 14.480  8.475   5.099   1.00 79.97  ? 71  TRP A CZ3 1 
ATOM   599  C  CH2 . TRP A 1 71  ? 14.588  7.143   5.469   1.00 72.02  ? 71  TRP A CH2 1 
ATOM   600  N  N   . VAL A 1 72  ? 9.739   12.365  3.156   1.00 78.39  ? 72  VAL A N   1 
ATOM   601  C  CA  . VAL A 1 72  ? 9.346   13.664  2.558   1.00 100.76 ? 72  VAL A CA  1 
ATOM   602  C  C   . VAL A 1 72  ? 10.526  14.402  1.900   1.00 106.19 ? 72  VAL A C   1 
ATOM   603  O  O   . VAL A 1 72  ? 10.400  14.912  0.774   1.00 104.09 ? 72  VAL A O   1 
ATOM   604  C  CB  . VAL A 1 72  ? 8.523   14.577  3.522   1.00 111.61 ? 72  VAL A CB  1 
ATOM   605  C  CG1 . VAL A 1 72  ? 9.401   15.557  4.304   1.00 122.56 ? 72  VAL A CG1 1 
ATOM   606  C  CG2 . VAL A 1 72  ? 7.464   15.352  2.744   1.00 109.43 ? 72  VAL A CG2 1 
ATOM   607  N  N   . ASP A 1 73  ? 11.662  14.453  2.590   1.00 114.14 ? 73  ASP A N   1 
ATOM   608  C  CA  . ASP A 1 73  ? 12.897  14.987  1.997   1.00 113.95 ? 73  ASP A CA  1 
ATOM   609  C  C   . ASP A 1 73  ? 13.928  13.906  1.758   1.00 100.37 ? 73  ASP A C   1 
ATOM   610  O  O   . ASP A 1 73  ? 14.691  13.971  0.804   1.00 103.29 ? 73  ASP A O   1 
ATOM   611  C  CB  . ASP A 1 73  ? 13.521  16.066  2.897   1.00 110.18 ? 73  ASP A CB  1 
ATOM   612  C  CG  . ASP A 1 73  ? 13.144  17.461  2.470   1.00 114.81 ? 73  ASP A CG  1 
ATOM   613  O  OD1 . ASP A 1 73  ? 13.361  17.811  1.281   1.00 113.25 ? 73  ASP A OD1 1 
ATOM   614  O  OD2 . ASP A 1 73  ? 12.629  18.206  3.328   1.00 114.98 ? 73  ASP A OD2 1 
ATOM   615  N  N   . GLY A 1 74  ? 13.868  12.878  2.589   1.00 95.47  ? 74  GLY A N   1 
ATOM   616  C  CA  . GLY A 1 74  ? 15.044  12.162  3.063   1.00 87.33  ? 74  GLY A CA  1 
ATOM   617  C  C   . GLY A 1 74  ? 14.795  12.053  4.555   1.00 89.87  ? 74  GLY A C   1 
ATOM   618  O  O   . GLY A 1 74  ? 15.562  11.427  5.280   1.00 94.02  ? 74  GLY A O   1 
ATOM   619  N  N   . ARG A 1 75  ? 13.694  12.678  4.994   1.00 86.08  ? 75  ARG A N   1 
ATOM   620  C  CA  . ARG A 1 75  ? 13.195  12.631  6.371   1.00 82.22  ? 75  ARG A CA  1 
ATOM   621  C  C   . ARG A 1 75  ? 12.040  11.621  6.468   1.00 70.15  ? 75  ARG A C   1 
ATOM   622  O  O   . ARG A 1 75  ? 11.161  11.626  5.605   1.00 68.02  ? 75  ARG A O   1 
ATOM   623  C  CB  . ARG A 1 75  ? 12.712  14.044  6.778   1.00 83.65  ? 75  ARG A CB  1 
ATOM   624  N  N   . ARG A 1 76  ? 12.068  10.746  7.486   1.00 64.53  ? 76  ARG A N   1 
ATOM   625  C  CA  . ARG A 1 76  ? 10.918  9.886   7.840   1.00 69.50  ? 76  ARG A CA  1 
ATOM   626  C  C   . ARG A 1 76  ? 9.778   10.729  8.419   1.00 70.87  ? 76  ARG A C   1 
ATOM   627  O  O   . ARG A 1 76  ? 9.977   11.473  9.362   1.00 72.04  ? 76  ARG A O   1 
ATOM   628  C  CB  . ARG A 1 76  ? 11.317  8.778   8.819   1.00 67.42  ? 76  ARG A CB  1 
ATOM   629  C  CG  . ARG A 1 76  ? 12.344  7.823   8.209   1.00 76.80  ? 76  ARG A CG  1 
ATOM   630  C  CD  . ARG A 1 76  ? 12.378  6.447   8.877   1.00 87.14  ? 76  ARG A CD  1 
ATOM   631  N  NE  . ARG A 1 76  ? 12.923  5.398   7.987   1.00 96.80  ? 76  ARG A NE  1 
ATOM   632  C  CZ  . ARG A 1 76  ? 12.958  4.083   8.249   1.00 100.98 ? 76  ARG A CZ  1 
ATOM   633  N  NH1 . ARG A 1 76  ? 12.495  3.585   9.389   1.00 109.83 ? 76  ARG A NH1 1 
ATOM   634  N  NH2 . ARG A 1 76  ? 13.472  3.243   7.366   1.00 103.89 ? 76  ARG A NH2 1 
ATOM   635  N  N   . GLU A 1 77  ? 8.599   10.671  7.821   1.00 64.54  ? 77  GLU A N   1 
ATOM   636  C  CA  . GLU A 1 77  ? 7.470   11.423  8.344   1.00 62.19  ? 77  GLU A CA  1 
ATOM   637  C  C   . GLU A 1 77  ? 6.275   10.484  8.507   1.00 62.11  ? 77  GLU A C   1 
ATOM   638  O  O   . GLU A 1 77  ? 6.344   9.319   8.122   1.00 62.76  ? 77  GLU A O   1 
ATOM   639  C  CB  . GLU A 1 77  ? 7.107   12.578  7.433   1.00 69.01  ? 77  GLU A CB  1 
ATOM   640  C  CG  . GLU A 1 77  ? 8.276   13.381  6.901   1.00 78.17  ? 77  GLU A CG  1 
ATOM   641  C  CD  . GLU A 1 77  ? 8.704   14.534  7.802   1.00 94.72  ? 77  GLU A CD  1 
ATOM   642  O  OE1 . GLU A 1 77  ? 8.567   15.713  7.381   1.00 115.84 ? 77  GLU A OE1 1 
ATOM   643  O  OE2 . GLU A 1 77  ? 9.192   14.270  8.921   1.00 100.64 ? 77  GLU A OE2 1 
ATOM   644  N  N   . ARG A 1 78  ? 5.196   10.981  9.110   1.00 55.28  ? 78  ARG A N   1 
ATOM   645  C  CA  . ARG A 1 78  ? 3.954   10.209  9.223   1.00 53.90  ? 78  ARG A CA  1 
ATOM   646  C  C   . ARG A 1 78  ? 2.758   11.121  8.956   1.00 53.95  ? 78  ARG A C   1 
ATOM   647  O  O   . ARG A 1 78  ? 2.651   12.176  9.559   1.00 59.84  ? 78  ARG A O   1 
ATOM   648  C  CB  . ARG A 1 78  ? 3.922   9.523   10.577  1.00 54.33  ? 78  ARG A CB  1 
ATOM   649  C  CG  . ARG A 1 78  ? 2.567   9.158   11.127  1.00 54.84  ? 78  ARG A CG  1 
ATOM   650  C  CD  . ARG A 1 78  ? 2.755   8.632   12.534  1.00 56.39  ? 78  ARG A CD  1 
ATOM   651  N  NE  . ARG A 1 78  ? 1.511   8.464   13.309  1.00 63.20  ? 78  ARG A NE  1 
ATOM   652  C  CZ  . ARG A 1 78  ? 1.311   7.539   14.277  1.00 70.86  ? 78  ARG A CZ  1 
ATOM   653  N  NH1 . ARG A 1 78  ? 2.270   6.659   14.623  1.00 79.95  ? 78  ARG A NH1 1 
ATOM   654  N  NH2 . ARG A 1 78  ? 0.131   7.468   14.907  1.00 60.99  ? 78  ARG A NH2 1 
ATOM   655  N  N   . ALA A 1 79  ? 1.919   10.779  7.979   1.00 51.94  ? 79  ALA A N   1 
ATOM   656  C  CA  . ALA A 1 79  ? 0.622   11.467  7.792   1.00 46.15  ? 79  ALA A CA  1 
ATOM   657  C  C   . ALA A 1 79  ? -0.446  10.555  8.423   1.00 45.65  ? 79  ALA A C   1 
ATOM   658  O  O   . ALA A 1 79  ? -0.654  9.406   7.955   1.00 41.89  ? 79  ALA A O   1 
ATOM   659  C  CB  . ALA A 1 79  ? 0.339   11.754  6.291   1.00 46.01  ? 79  ALA A CB  1 
ATOM   660  N  N   . ASP A 1 80  ? -1.076  11.022  9.521   1.00 45.63  ? 80  ASP A N   1 
ATOM   661  C  CA  . ASP A 1 80  ? -2.208  10.299  10.142  1.00 43.04  ? 80  ASP A CA  1 
ATOM   662  C  C   . ASP A 1 80  ? -3.487  10.383  9.318   1.00 37.85  ? 80  ASP A C   1 
ATOM   663  O  O   . ASP A 1 80  ? -3.793  11.412  8.746   1.00 40.72  ? 80  ASP A O   1 
ATOM   664  C  CB  . ASP A 1 80  ? -2.476  10.783  11.548  1.00 48.55  ? 80  ASP A CB  1 
ATOM   665  C  CG  . ASP A 1 80  ? -1.545  10.125  12.549  1.00 60.62  ? 80  ASP A CG  1 
ATOM   666  O  OD1 . ASP A 1 80  ? -2.001  9.188   13.284  1.00 59.61  ? 80  ASP A OD1 1 
ATOM   667  O  OD2 . ASP A 1 80  ? -0.336  10.503  12.514  1.00 56.03  ? 80  ASP A OD2 1 
ATOM   668  N  N   . LEU A 1 81  ? -4.170  9.249   9.266   1.00 39.75  ? 81  LEU A N   1 
ATOM   669  C  CA  . LEU A 1 81  ? -5.453  9.093   8.583   1.00 40.41  ? 81  LEU A CA  1 
ATOM   670  C  C   . LEU A 1 81  ? -6.509  8.752   9.639   1.00 33.04  ? 81  LEU A C   1 
ATOM   671  O  O   . LEU A 1 81  ? -6.831  7.563   9.873   1.00 36.27  ? 81  LEU A O   1 
ATOM   672  C  CB  . LEU A 1 81  ? -5.375  8.004   7.476   1.00 38.16  ? 81  LEU A CB  1 
ATOM   673  C  CG  . LEU A 1 81  ? -4.479  8.302   6.270   1.00 41.77  ? 81  LEU A CG  1 
ATOM   674  C  CD1 . LEU A 1 81  ? -4.448  7.102   5.346   1.00 43.54  ? 81  LEU A CD1 1 
ATOM   675  C  CD2 . LEU A 1 81  ? -4.858  9.545   5.476   1.00 40.23  ? 81  LEU A CD2 1 
ATOM   676  N  N   . LYS A 1 82  ? -6.973  9.787   10.344  1.00 36.21  ? 82  LYS A N   1 
ATOM   677  C  CA  . LYS A 1 82  ? -7.995  9.584   11.372  1.00 41.06  ? 82  LYS A CA  1 
ATOM   678  C  C   . LYS A 1 82  ? -9.303  9.416   10.653  1.00 37.30  ? 82  LYS A C   1 
ATOM   679  O  O   . LYS A 1 82  ? -9.476  9.909   9.560   1.00 36.88  ? 82  LYS A O   1 
ATOM   680  C  CB  . LYS A 1 82  ? -8.077  10.749  12.367  1.00 51.08  ? 82  LYS A CB  1 
ATOM   681  C  CG  . LYS A 1 82  ? -7.125  10.639  13.565  1.00 52.68  ? 82  LYS A CG  1 
ATOM   682  C  CD  . LYS A 1 82  ? -5.809  11.346  13.321  1.00 59.61  ? 82  LYS A CD  1 
ATOM   683  C  CE  . LYS A 1 82  ? -4.938  11.512  14.581  1.00 61.67  ? 82  LYS A CE  1 
ATOM   684  N  NZ  . LYS A 1 82  ? -5.189  10.502  15.659  1.00 69.67  ? 82  LYS A NZ  1 
ATOM   685  N  N   . GLU A 1 83  ? -10.198 8.670   11.270  1.00 41.14  ? 83  GLU A N   1 
ATOM   686  C  CA  . GLU A 1 83  ? -11.484 8.335   10.701  1.00 43.40  ? 83  GLU A CA  1 
ATOM   687  C  C   . GLU A 1 83  ? -12.122 9.593   10.189  1.00 44.36  ? 83  GLU A C   1 
ATOM   688  O  O   . GLU A 1 83  ? -12.239 10.518  10.967  1.00 43.38  ? 83  GLU A O   1 
ATOM   689  C  CB  . GLU A 1 83  ? -12.374 7.723   11.788  1.00 46.14  ? 83  GLU A CB  1 
ATOM   690  C  CG  . GLU A 1 83  ? -13.639 7.199   11.204  1.00 47.45  ? 83  GLU A CG  1 
ATOM   691  C  CD  . GLU A 1 83  ? -14.527 6.588   12.226  1.00 47.39  ? 83  GLU A CD  1 
ATOM   692  O  OE1 . GLU A 1 83  ? -14.302 5.397   12.552  1.00 46.41  ? 83  GLU A OE1 1 
ATOM   693  O  OE2 . GLU A 1 83  ? -15.473 7.293   12.638  1.00 50.01  ? 83  GLU A OE2 1 
ATOM   694  N  N   . GLY A 1 84  ? -12.476 9.641   8.888   1.00 38.63  ? 84  GLY A N   1 
ATOM   695  C  CA  . GLY A 1 84  ? -13.091 10.827  8.275   1.00 38.32  ? 84  GLY A CA  1 
ATOM   696  C  C   . GLY A 1 84  ? -12.191 11.728  7.467   1.00 39.03  ? 84  GLY A C   1 
ATOM   697  O  O   . GLY A 1 84  ? -12.667 12.614  6.770   1.00 37.34  ? 84  GLY A O   1 
ATOM   698  N  N   . ASP A 1 85  ? -10.873 11.493  7.549   1.00 37.76  ? 85  ASP A N   1 
ATOM   699  C  CA  . ASP A 1 85  ? -9.914  12.272  6.782   1.00 35.63  ? 85  ASP A CA  1 
ATOM   700  C  C   . ASP A 1 85  ? -9.860  11.792  5.361   1.00 34.62  ? 85  ASP A C   1 
ATOM   701  O  O   . ASP A 1 85  ? -9.994  10.576  5.094   1.00 32.52  ? 85  ASP A O   1 
ATOM   702  C  CB  . ASP A 1 85  ? -8.481  12.113  7.316   1.00 40.83  ? 85  ASP A CB  1 
ATOM   703  C  CG  . ASP A 1 85  ? -8.265  12.762  8.715   1.00 44.44  ? 85  ASP A CG  1 
ATOM   704  O  OD1 . ASP A 1 85  ? -7.199  12.509  9.317   1.00 49.13  ? 85  ASP A OD1 1 
ATOM   705  O  OD2 . ASP A 1 85  ? -9.145  13.497  9.207   1.00 44.92  ? 85  ASP A OD2 1 
ATOM   706  N  N   . ILE A 1 86  ? -9.557  12.743  4.491   1.00 32.51  ? 86  ILE A N   1 
ATOM   707  C  CA  . ILE A 1 86  ? -9.265  12.477  3.088   1.00 34.77  ? 86  ILE A CA  1 
ATOM   708  C  C   . ILE A 1 86  ? -7.857  13.029  2.852   1.00 33.38  ? 86  ILE A C   1 
ATOM   709  O  O   . ILE A 1 86  ? -7.378  13.821  3.663   1.00 32.30  ? 86  ILE A O   1 
ATOM   710  C  CB  . ILE A 1 86  ? -10.294 13.017  2.023   1.00 33.58  ? 86  ILE A CB  1 
ATOM   711  C  CG1 . ILE A 1 86  ? -10.314 14.523  1.876   1.00 38.02  ? 86  ILE A CG1 1 
ATOM   712  C  CG2 . ILE A 1 86  ? -11.674 12.486  2.254   1.00 33.97  ? 86  ILE A CG2 1 
ATOM   713  C  CD1 . ILE A 1 86  ? -11.113 15.205  2.906   1.00 45.62  ? 86  ILE A CD1 1 
ATOM   714  N  N   . PHE A 1 87  ? -7.223  12.610  1.765   1.00 31.18  ? 87  PHE A N   1 
ATOM   715  C  CA  . PHE A 1 87  ? -5.820  12.920  1.527   1.00 31.09  ? 87  PHE A CA  1 
ATOM   716  C  C   . PHE A 1 87  ? -5.523  12.583  0.107   1.00 31.15  ? 87  PHE A C   1 
ATOM   717  O  O   . PHE A 1 87  ? -5.979  11.553  -0.405  1.00 32.11  ? 87  PHE A O   1 
ATOM   718  C  CB  . PHE A 1 87  ? -4.964  12.060  2.437   1.00 32.88  ? 87  PHE A CB  1 
ATOM   719  C  CG  . PHE A 1 87  ? -3.493  12.261  2.254   1.00 32.44  ? 87  PHE A CG  1 
ATOM   720  C  CD1 . PHE A 1 87  ? -2.954  13.519  2.348   1.00 32.61  ? 87  PHE A CD1 1 
ATOM   721  C  CD2 . PHE A 1 87  ? -2.658  11.160  2.024   1.00 35.17  ? 87  PHE A CD2 1 
ATOM   722  C  CE1 . PHE A 1 87  ? -1.588  13.699  2.218   1.00 36.99  ? 87  PHE A CE1 1 
ATOM   723  C  CE2 . PHE A 1 87  ? -1.298  11.313  1.887   1.00 35.72  ? 87  PHE A CE2 1 
ATOM   724  C  CZ  . PHE A 1 87  ? -0.759  12.579  1.986   1.00 38.56  ? 87  PHE A CZ  1 
ATOM   725  N  N   . LEU A 1 88  ? -4.817  13.454  -0.574  1.00 31.55  ? 88  LEU A N   1 
ATOM   726  C  CA  . LEU A 1 88  ? -4.400  13.170  -1.913  1.00 33.15  ? 88  LEU A CA  1 
ATOM   727  C  C   . LEU A 1 88  ? -2.872  13.076  -1.912  1.00 36.99  ? 88  LEU A C   1 
ATOM   728  O  O   . LEU A 1 88  ? -2.218  14.045  -1.606  1.00 34.07  ? 88  LEU A O   1 
ATOM   729  C  CB  . LEU A 1 88  ? -4.849  14.299  -2.874  1.00 33.26  ? 88  LEU A CB  1 
ATOM   730  C  CG  . LEU A 1 88  ? -4.560  14.010  -4.363  1.00 33.72  ? 88  LEU A CG  1 
ATOM   731  C  CD1 . LEU A 1 88  ? -5.315  12.771  -4.845  1.00 35.32  ? 88  LEU A CD1 1 
ATOM   732  C  CD2 . LEU A 1 88  ? -5.024  15.203  -5.168  1.00 36.71  ? 88  LEU A CD2 1 
ATOM   733  N  N   . LEU A 1 89  ? -2.297  11.910  -2.251  1.00 36.95  ? 89  LEU A N   1 
ATOM   734  C  CA  . LEU A 1 89  ? -0.833  11.724  -2.199  1.00 34.52  ? 89  LEU A CA  1 
ATOM   735  C  C   . LEU A 1 89  ? -0.231  12.052  -3.554  1.00 33.00  ? 89  LEU A C   1 
ATOM   736  O  O   . LEU A 1 89  ? -0.641  11.528  -4.578  1.00 35.31  ? 89  LEU A O   1 
ATOM   737  C  CB  . LEU A 1 89  ? -0.492  10.290  -1.810  1.00 35.81  ? 89  LEU A CB  1 
ATOM   738  C  CG  . LEU A 1 89  ? 0.975   9.890   -1.652  1.00 36.22  ? 89  LEU A CG  1 
ATOM   739  C  CD1 . LEU A 1 89  ? 1.602   10.441  -0.378  1.00 29.79  ? 89  LEU A CD1 1 
ATOM   740  C  CD2 . LEU A 1 89  ? 0.992   8.388   -1.668  1.00 40.37  ? 89  LEU A CD2 1 
ATOM   741  N  N   . PRO A 1 90  ? 0.743   12.967  -3.588  1.00 32.10  ? 90  PRO A N   1 
ATOM   742  C  CA  . PRO A 1 90  ? 1.352   13.211  -4.895  1.00 34.60  ? 90  PRO A CA  1 
ATOM   743  C  C   . PRO A 1 90  ? 2.099   11.950  -5.471  1.00 31.02  ? 90  PRO A C   1 
ATOM   744  O  O   . PRO A 1 90  ? 2.446   11.052  -4.718  1.00 31.28  ? 90  PRO A O   1 
ATOM   745  C  CB  . PRO A 1 90  ? 2.359   14.349  -4.588  1.00 35.67  ? 90  PRO A CB  1 
ATOM   746  C  CG  . PRO A 1 90  ? 2.018   14.837  -3.229  1.00 35.46  ? 90  PRO A CG  1 
ATOM   747  C  CD  . PRO A 1 90  ? 1.378   13.724  -2.502  1.00 34.00  ? 90  PRO A CD  1 
ATOM   748  N  N   . PRO A 1 91  ? 2.381   11.923  -6.774  1.00 34.82  ? 91  PRO A N   1 
ATOM   749  C  CA  . PRO A 1 91  ? 3.184   10.854  -7.438  1.00 35.82  ? 91  PRO A CA  1 
ATOM   750  C  C   . PRO A 1 91  ? 4.539   10.701  -6.807  1.00 36.88  ? 91  PRO A C   1 
ATOM   751  O  O   . PRO A 1 91  ? 5.170   11.719  -6.514  1.00 36.40  ? 91  PRO A O   1 
ATOM   752  C  CB  . PRO A 1 91  ? 3.363   11.422  -8.844  1.00 33.79  ? 91  PRO A CB  1 
ATOM   753  C  CG  . PRO A 1 91  ? 2.147   12.310  -9.033  1.00 34.72  ? 91  PRO A CG  1 
ATOM   754  C  CD  . PRO A 1 91  ? 2.056   12.999  -7.717  1.00 35.66  ? 91  PRO A CD  1 
ATOM   755  N  N   . HIS A 1 92  ? 4.980   9.473   -6.517  1.00 37.22  ? 92  HIS A N   1 
ATOM   756  C  CA  . HIS A 1 92  ? 6.386   9.208   -6.177  1.00 34.73  ? 92  HIS A CA  1 
ATOM   757  C  C   . HIS A 1 92  ? 6.753   9.502   -4.750  1.00 38.20  ? 92  HIS A C   1 
ATOM   758  O  O   . HIS A 1 92  ? 7.914   9.347   -4.400  1.00 43.00  ? 92  HIS A O   1 
ATOM   759  C  CB  . HIS A 1 92  ? 7.376   9.930   -7.118  1.00 35.34  ? 92  HIS A CB  1 
ATOM   760  C  CG  . HIS A 1 92  ? 7.319   9.449   -8.547  1.00 36.50  ? 92  HIS A CG  1 
ATOM   761  N  ND1 . HIS A 1 92  ? 7.466   8.115   -8.900  1.00 41.01  ? 92  HIS A ND1 1 
ATOM   762  C  CD2 . HIS A 1 92  ? 7.169   10.123  -9.711  1.00 35.52  ? 92  HIS A CD2 1 
ATOM   763  C  CE1 . HIS A 1 92  ? 7.341   7.990   -10.215 1.00 38.23  ? 92  HIS A CE1 1 
ATOM   764  N  NE2 . HIS A 1 92  ? 7.168   9.196   -10.727 1.00 38.14  ? 92  HIS A NE2 1 
ATOM   765  N  N   . VAL A 1 93  ? 5.794   9.894   -3.918  1.00 35.42  ? 93  VAL A N   1 
ATOM   766  C  CA  . VAL A 1 93  ? 6.065   10.132  -2.499  1.00 35.09  ? 93  VAL A CA  1 
ATOM   767  C  C   . VAL A 1 93  ? 6.074   8.729   -1.846  1.00 35.26  ? 93  VAL A C   1 
ATOM   768  O  O   . VAL A 1 93  ? 5.078   7.992   -1.936  1.00 35.30  ? 93  VAL A O   1 
ATOM   769  C  CB  . VAL A 1 93  ? 5.064   11.148  -1.825  1.00 33.98  ? 93  VAL A CB  1 
ATOM   770  C  CG1 . VAL A 1 93  ? 5.304   11.255  -0.318  1.00 38.26  ? 93  VAL A CG1 1 
ATOM   771  C  CG2 . VAL A 1 93  ? 5.153   12.527  -2.480  1.00 33.64  ? 93  VAL A CG2 1 
ATOM   772  N  N   . ARG A 1 94  ? 7.197   8.326   -1.220  1.00 33.80  ? 94  ARG A N   1 
ATOM   773  C  CA  . ARG A 1 94  ? 7.297   6.974   -0.776  1.00 31.60  ? 94  ARG A CA  1 
ATOM   774  C  C   . ARG A 1 94  ? 6.436   6.852   0.429   1.00 30.48  ? 94  ARG A C   1 
ATOM   775  O  O   . ARG A 1 94  ? 6.532   7.686   1.358   1.00 30.60  ? 94  ARG A O   1 
ATOM   776  C  CB  . ARG A 1 94  ? 8.744   6.597   -0.420  1.00 38.06  ? 94  ARG A CB  1 
ATOM   777  C  CG  . ARG A 1 94  ? 9.819   7.000   -1.426  1.00 39.21  ? 94  ARG A CG  1 
ATOM   778  C  CD  . ARG A 1 94  ? 9.500   6.552   -2.798  1.00 39.59  ? 94  ARG A CD  1 
ATOM   779  N  NE  . ARG A 1 94  ? 10.705  6.337   -3.593  1.00 42.69  ? 94  ARG A NE  1 
ATOM   780  C  CZ  . ARG A 1 94  ? 11.148  7.119   -4.572  1.00 44.91  ? 94  ARG A CZ  1 
ATOM   781  N  NH1 . ARG A 1 94  ? 10.542  8.248   -4.908  1.00 44.58  ? 94  ARG A NH1 1 
ATOM   782  N  NH2 . ARG A 1 94  ? 12.247  6.784   -5.204  1.00 44.35  ? 94  ARG A NH2 1 
ATOM   783  N  N   . HIS A 1 95  ? 5.660   5.784   0.498   1.00 30.57  ? 95  HIS A N   1 
ATOM   784  C  CA  . HIS A 1 95  ? 4.690   5.646   1.583   1.00 30.58  ? 95  HIS A CA  1 
ATOM   785  C  C   . HIS A 1 95  ? 4.572   4.235   1.953   1.00 30.35  ? 95  HIS A C   1 
ATOM   786  O  O   . HIS A 1 95  ? 4.464   3.401   1.081   1.00 29.24  ? 95  HIS A O   1 
ATOM   787  C  CB  . HIS A 1 95  ? 3.289   6.223   1.247   1.00 27.53  ? 95  HIS A CB  1 
ATOM   788  C  CG  . HIS A 1 95  ? 2.669   5.679   0.000   1.00 29.13  ? 95  HIS A CG  1 
ATOM   789  N  ND1 . HIS A 1 95  ? 3.121   6.009   -1.252  1.00 29.99  ? 95  HIS A ND1 1 
ATOM   790  C  CD2 . HIS A 1 95  ? 1.638   4.808   -0.194  1.00 29.55  ? 95  HIS A CD2 1 
ATOM   791  C  CE1 . HIS A 1 95  ? 2.418   5.367   -2.163  1.00 29.56  ? 95  HIS A CE1 1 
ATOM   792  N  NE2 . HIS A 1 95  ? 1.543   4.597   -1.541  1.00 29.17  ? 95  HIS A NE2 1 
ATOM   793  N  N   . SER A 1 96  ? 4.434   4.020   3.263   1.00 31.78  ? 96  SER A N   1 
ATOM   794  C  CA  . SER A 1 96  ? 4.240   2.716   3.860   1.00 33.73  ? 96  SER A CA  1 
ATOM   795  C  C   . SER A 1 96  ? 2.955   2.690   4.751   1.00 33.25  ? 96  SER A C   1 
ATOM   796  O  O   . SER A 1 96  ? 3.019   3.074   5.922   1.00 30.70  ? 96  SER A O   1 
ATOM   797  C  CB  . SER A 1 96  ? 5.519   2.358   4.705   1.00 34.71  ? 96  SER A CB  1 
ATOM   798  O  OG  . SER A 1 96  ? 5.517   0.993   5.183   1.00 33.78  ? 96  SER A OG  1 
ATOM   799  N  N   . PRO A 1 97  ? 1.794   2.190   4.219   1.00 33.45  ? 97  PRO A N   1 
ATOM   800  C  CA  . PRO A 1 97  ? 0.562   2.216   5.000   1.00 33.63  ? 97  PRO A CA  1 
ATOM   801  C  C   . PRO A 1 97  ? 0.559   1.291   6.195   1.00 35.07  ? 97  PRO A C   1 
ATOM   802  O  O   . PRO A 1 97  ? 0.809   0.101   6.030   1.00 36.21  ? 97  PRO A O   1 
ATOM   803  C  CB  . PRO A 1 97  ? -0.492  1.726   4.015   1.00 31.70  ? 97  PRO A CB  1 
ATOM   804  C  CG  . PRO A 1 97  ? 0.124   2.012   2.673   1.00 34.27  ? 97  PRO A CG  1 
ATOM   805  C  CD  . PRO A 1 97  ? 1.543   1.647   2.878   1.00 34.12  ? 97  PRO A CD  1 
ATOM   806  N  N   . GLN A 1 98  ? 0.222   1.846   7.364   1.00 35.51  ? 98  GLN A N   1 
ATOM   807  C  CA  . GLN A 1 98  ? 0.084   1.126   8.629   1.00 33.18  ? 98  GLN A CA  1 
ATOM   808  C  C   . GLN A 1 98  ? -1.346  1.173   9.073   1.00 33.74  ? 98  GLN A C   1 
ATOM   809  O  O   . GLN A 1 98  ? -1.892  2.245   9.336   1.00 35.54  ? 98  GLN A O   1 
ATOM   810  C  CB  . GLN A 1 98  ? 0.989   1.725   9.742   1.00 34.57  ? 98  GLN A CB  1 
ATOM   811  C  CG  . GLN A 1 98  ? 2.436   1.933   9.316   1.00 37.12  ? 98  GLN A CG  1 
ATOM   812  C  CD  . GLN A 1 98  ? 3.066   0.661   8.789   1.00 39.67  ? 98  GLN A CD  1 
ATOM   813  O  OE1 . GLN A 1 98  ? 2.839   -0.423  9.319   1.00 38.80  ? 98  GLN A OE1 1 
ATOM   814  N  NE2 . GLN A 1 98  ? 3.808   0.780   7.680   1.00 40.51  ? 98  GLN A NE2 1 
ATOM   815  N  N   . ARG A 1 99  ? -1.942  -0.010  9.150   1.00 36.55  ? 99  ARG A N   1 
ATOM   816  C  CA  . ARG A 1 99  ? -3.366  -0.158  9.445   1.00 35.80  ? 99  ARG A CA  1 
ATOM   817  C  C   . ARG A 1 99  ? -3.532  -1.111  10.633  1.00 35.14  ? 99  ARG A C   1 
ATOM   818  O  O   . ARG A 1 99  ? -3.840  -2.280  10.475  1.00 34.52  ? 99  ARG A O   1 
ATOM   819  C  CB  . ARG A 1 99  ? -4.140  -0.615  8.192   1.00 36.71  ? 99  ARG A CB  1 
ATOM   820  C  CG  . ARG A 1 99  ? -4.055  0.416   7.042   1.00 33.10  ? 99  ARG A CG  1 
ATOM   821  C  CD  . ARG A 1 99  ? -4.850  0.084   5.797   1.00 38.73  ? 99  ARG A CD  1 
ATOM   822  N  NE  . ARG A 1 99  ? -4.685  1.123   4.774   1.00 34.49  ? 99  ARG A NE  1 
ATOM   823  C  CZ  . ARG A 1 99  ? -5.224  2.327   4.840   1.00 32.89  ? 99  ARG A CZ  1 
ATOM   824  N  NH1 . ARG A 1 99  ? -5.961  2.678   5.881   1.00 30.95  ? 99  ARG A NH1 1 
ATOM   825  N  NH2 . ARG A 1 99  ? -5.013  3.190   3.874   1.00 35.88  ? 99  ARG A NH2 1 
ATOM   826  N  N   . PRO A 1 100 ? -3.314  -0.605  11.843  1.00 37.28  ? 100 PRO A N   1 
ATOM   827  C  CA  . PRO A 1 100 ? -3.334  -1.462  13.035  1.00 42.97  ? 100 PRO A CA  1 
ATOM   828  C  C   . PRO A 1 100 ? -4.702  -1.947  13.493  1.00 42.71  ? 100 PRO A C   1 
ATOM   829  O  O   . PRO A 1 100 ? -4.788  -2.985  14.184  1.00 39.05  ? 100 PRO A O   1 
ATOM   830  C  CB  . PRO A 1 100 ? -2.772  -0.543  14.158  1.00 42.49  ? 100 PRO A CB  1 
ATOM   831  C  CG  . PRO A 1 100 ? -2.497  0.790   13.583  1.00 41.83  ? 100 PRO A CG  1 
ATOM   832  C  CD  . PRO A 1 100 ? -2.954  0.787   12.140  1.00 43.17  ? 100 PRO A CD  1 
ATOM   833  N  N   . GLU A 1 101 ? -5.760  -1.193  13.184  1.00 42.70  ? 101 GLU A N   1 
ATOM   834  C  CA  . GLU A 1 101 ? -7.088  -1.485  13.774  1.00 40.17  ? 101 GLU A CA  1 
ATOM   835  C  C   . GLU A 1 101 ? -7.929  -2.495  13.019  1.00 40.43  ? 101 GLU A C   1 
ATOM   836  O  O   . GLU A 1 101 ? -8.122  -2.386  11.787  1.00 45.95  ? 101 GLU A O   1 
ATOM   837  C  CB  . GLU A 1 101 ? -7.918  -0.206  13.958  1.00 43.52  ? 101 GLU A CB  1 
ATOM   838  C  CG  . GLU A 1 101 ? -7.149  0.908   14.636  1.00 48.65  ? 101 GLU A CG  1 
ATOM   839  C  CD  . GLU A 1 101 ? -7.957  2.151   14.814  1.00 52.37  ? 101 GLU A CD  1 
ATOM   840  O  OE1 . GLU A 1 101 ? -7.419  3.140   15.369  1.00 54.33  ? 101 GLU A OE1 1 
ATOM   841  O  OE2 . GLU A 1 101 ? -9.130  2.137   14.388  1.00 51.59  ? 101 GLU A OE2 1 
ATOM   842  N  N   . ALA A 1 102 ? -8.478  -3.445  13.756  1.00 37.14  ? 102 ALA A N   1 
ATOM   843  C  CA  . ALA A 1 102 ? -9.402  -4.444  13.221  1.00 40.92  ? 102 ALA A CA  1 
ATOM   844  C  C   . ALA A 1 102 ? -10.710 -3.746  12.939  1.00 39.64  ? 102 ALA A C   1 
ATOM   845  O  O   . ALA A 1 102 ? -11.080 -2.830  13.671  1.00 42.63  ? 102 ALA A O   1 
ATOM   846  C  CB  . ALA A 1 102 ? -9.633  -5.594  14.191  1.00 43.19  ? 102 ALA A CB  1 
ATOM   847  N  N   . GLY A 1 103 ? -11.379 -4.137  11.845  1.00 44.37  ? 103 GLY A N   1 
ATOM   848  C  CA  . GLY A 1 103 ? -12.619 -3.422  11.396  1.00 43.58  ? 103 GLY A CA  1 
ATOM   849  C  C   . GLY A 1 103 ? -12.372 -2.028  10.839  1.00 44.65  ? 103 GLY A C   1 
ATOM   850  O  O   . GLY A 1 103 ? -13.265 -1.199  10.757  1.00 46.95  ? 103 GLY A O   1 
ATOM   851  N  N   . SER A 1 104 ? -11.141 -1.788  10.423  1.00 42.47  ? 104 SER A N   1 
ATOM   852  C  CA  . SER A 1 104 ? -10.775 -0.515  9.833   1.00 44.05  ? 104 SER A CA  1 
ATOM   853  C  C   . SER A 1 104 ? -11.181 -0.588  8.352   1.00 34.66  ? 104 SER A C   1 
ATOM   854  O  O   . SER A 1 104 ? -11.140 -1.683  7.795   1.00 36.24  ? 104 SER A O   1 
ATOM   855  C  CB  . SER A 1 104 ? -9.238  -0.325  9.941   1.00 42.33  ? 104 SER A CB  1 
ATOM   856  O  OG  . SER A 1 104 ? -9.117  1.036   10.134  1.00 49.97  ? 104 SER A OG  1 
ATOM   857  N  N   . ALA A 1 105 ? -11.501 0.558   7.732   1.00 37.85  ? 105 ALA A N   1 
ATOM   858  C  CA  . ALA A 1 105 ? -11.715 0.648   6.259   1.00 32.24  ? 105 ALA A CA  1 
ATOM   859  C  C   . ALA A 1 105 ? -11.373 1.989   5.671   1.00 31.86  ? 105 ALA A C   1 
ATOM   860  O  O   . ALA A 1 105 ? -11.825 3.062   6.113   1.00 34.53  ? 105 ALA A O   1 
ATOM   861  C  CB  . ALA A 1 105 ? -13.129 0.312   5.903   1.00 31.50  ? 105 ALA A CB  1 
ATOM   862  N  N   . CYS A 1 106 ? -10.558 1.938   4.640   1.00 31.64  ? 106 CYS A N   1 
ATOM   863  C  CA  . CYS A 1 106 ? -10.180 3.144   3.918   1.00 33.58  ? 106 CYS A CA  1 
ATOM   864  C  C   . CYS A 1 106 ? -10.464 2.947   2.454   1.00 33.14  ? 106 CYS A C   1 
ATOM   865  O  O   . CYS A 1 106 ? -10.060 1.900   1.891   1.00 31.75  ? 106 CYS A O   1 
ATOM   866  C  CB  . CYS A 1 106 ? -8.682  3.372   4.084   1.00 32.53  ? 106 CYS A CB  1 
ATOM   867  S  SG  . CYS A 1 106 ? -8.048  4.933   3.537   1.00 31.95  ? 106 CYS A SG  1 
ATOM   868  N  N   . LEU A 1 107 ? -11.152 3.922   1.854   1.00 32.93  ? 107 LEU A N   1 
ATOM   869  C  CA  . LEU A 1 107 ? -11.315 3.988   0.396   1.00 32.54  ? 107 LEU A CA  1 
ATOM   870  C  C   . LEU A 1 107 ? -10.002 4.493   -0.161  1.00 32.23  ? 107 LEU A C   1 
ATOM   871  O  O   . LEU A 1 107 ? -9.530  5.537   0.284   1.00 32.12  ? 107 LEU A O   1 
ATOM   872  C  CB  . LEU A 1 107 ? -12.451 4.925   -0.006  1.00 30.66  ? 107 LEU A CB  1 
ATOM   873  C  CG  . LEU A 1 107 ? -12.678 5.242   -1.490  1.00 31.37  ? 107 LEU A CG  1 
ATOM   874  C  CD1 . LEU A 1 107 ? -13.126 3.998   -2.198  1.00 30.59  ? 107 LEU A CD1 1 
ATOM   875  C  CD2 . LEU A 1 107 ? -13.720 6.317   -1.563  1.00 31.02  ? 107 LEU A CD2 1 
ATOM   876  N  N   . VAL A 1 108 ? -9.440  3.761   -1.126  1.00 32.02  ? 108 VAL A N   1 
ATOM   877  C  CA  . VAL A 1 108 ? -8.148  4.113   -1.771  1.00 32.00  ? 108 VAL A CA  1 
ATOM   878  C  C   . VAL A 1 108 ? -8.387  4.034   -3.299  1.00 34.32  ? 108 VAL A C   1 
ATOM   879  O  O   . VAL A 1 108 ? -8.918  3.031   -3.784  1.00 36.25  ? 108 VAL A O   1 
ATOM   880  C  CB  . VAL A 1 108 ? -6.934  3.231   -1.335  1.00 35.09  ? 108 VAL A CB  1 
ATOM   881  C  CG1 . VAL A 1 108 ? -5.665  3.724   -2.016  1.00 34.63  ? 108 VAL A CG1 1 
ATOM   882  C  CG2 . VAL A 1 108 ? -6.712  3.242   0.190   1.00 32.75  ? 108 VAL A CG2 1 
ATOM   883  N  N   . ILE A 1 109 ? -8.118  5.130   -4.026  1.00 31.28  ? 109 ILE A N   1 
ATOM   884  C  CA  . ILE A 1 109 ? -8.370  5.186   -5.442  1.00 30.99  ? 109 ILE A CA  1 
ATOM   885  C  C   . ILE A 1 109 ? -7.084  5.599   -6.124  1.00 36.10  ? 109 ILE A C   1 
ATOM   886  O  O   . ILE A 1 109 ? -6.390  6.538   -5.678  1.00 33.61  ? 109 ILE A O   1 
ATOM   887  C  CB  . ILE A 1 109 ? -9.478  6.178   -5.769  1.00 30.77  ? 109 ILE A CB  1 
ATOM   888  C  CG1 . ILE A 1 109 ? -10.748 5.737   -5.088  1.00 32.21  ? 109 ILE A CG1 1 
ATOM   889  C  CG2 . ILE A 1 109 ? -9.661  6.313   -7.257  1.00 29.75  ? 109 ILE A CG2 1 
ATOM   890  C  CD1 . ILE A 1 109 ? -11.896 6.684   -5.323  1.00 36.76  ? 109 ILE A CD1 1 
ATOM   891  N  N   . ALA A 1 110 ? -6.759  4.833   -7.173  1.00 34.92  ? 110 ALA A N   1 
ATOM   892  C  CA  . ALA A 1 110 ? -5.575  5.004   -7.996  1.00 33.75  ? 110 ALA A CA  1 
ATOM   893  C  C   . ALA A 1 110 ? -6.059  4.778   -9.440  1.00 30.85  ? 110 ALA A C   1 
ATOM   894  O  O   . ALA A 1 110 ? -7.230  4.448   -9.666  1.00 35.10  ? 110 ALA A O   1 
ATOM   895  C  CB  . ALA A 1 110 ? -4.513  3.963   -7.573  1.00 35.30  ? 110 ALA A CB  1 
ATOM   896  N  N   . ARG A 1 111 ? -5.195  4.964   -10.411 1.00 36.76  ? 111 ARG A N   1 
ATOM   897  C  CA  . ARG A 1 111 ? -5.533  4.728   -11.834 1.00 41.46  ? 111 ARG A CA  1 
ATOM   898  C  C   . ARG A 1 111 ? -4.641  3.596   -12.355 1.00 38.05  ? 111 ARG A C   1 
ATOM   899  O  O   . ARG A 1 111 ? -3.498  3.495   -11.935 1.00 36.30  ? 111 ARG A O   1 
ATOM   900  C  CB  . ARG A 1 111 ? -5.206  5.959   -12.725 1.00 46.33  ? 111 ARG A CB  1 
ATOM   901  C  CG  . ARG A 1 111 ? -5.567  7.361   -12.257 1.00 51.67  ? 111 ARG A CG  1 
ATOM   902  C  CD  . ARG A 1 111 ? -4.896  8.514   -13.079 1.00 49.20  ? 111 ARG A CD  1 
ATOM   903  N  NE  . ARG A 1 111 ? -4.489  8.016   -14.379 1.00 43.99  ? 111 ARG A NE  1 
ATOM   904  C  CZ  . ARG A 1 111 ? -3.628  8.595   -15.210 1.00 40.54  ? 111 ARG A CZ  1 
ATOM   905  N  NH1 . ARG A 1 111 ? -3.065  9.749   -14.946 1.00 40.52  ? 111 ARG A NH1 1 
ATOM   906  N  NH2 . ARG A 1 111 ? -3.352  7.996   -16.356 1.00 45.47  ? 111 ARG A NH2 1 
ATOM   907  N  N   . GLN A 1 112 ? -5.124  2.816   -13.319 1.00 37.93  ? 112 GLN A N   1 
ATOM   908  C  CA  . GLN A 1 112 ? -4.271  1.960   -14.133 1.00 41.02  ? 112 GLN A CA  1 
ATOM   909  C  C   . GLN A 1 112 ? -3.055  2.724   -14.615 1.00 38.53  ? 112 GLN A C   1 
ATOM   910  O  O   . GLN A 1 112 ? -3.176  3.842   -15.096 1.00 38.80  ? 112 GLN A O   1 
ATOM   911  C  CB  . GLN A 1 112 ? -4.975  1.446   -15.380 1.00 48.56  ? 112 GLN A CB  1 
ATOM   912  C  CG  . GLN A 1 112 ? -6.283  0.727   -15.184 1.00 60.92  ? 112 GLN A CG  1 
ATOM   913  C  CD  . GLN A 1 112 ? -6.119  -0.753  -14.953 1.00 73.05  ? 112 GLN A CD  1 
ATOM   914  O  OE1 . GLN A 1 112 ? -4.985  -1.250  -14.816 1.00 77.91  ? 112 GLN A OE1 1 
ATOM   915  N  NE2 . GLN A 1 112 ? -7.258  -1.478  -14.878 1.00 69.90  ? 112 GLN A NE2 1 
ATOM   916  N  N   . ARG A 1 113 ? -1.871  2.131   -14.521 1.00 36.29  ? 113 ARG A N   1 
ATOM   917  C  CA  . ARG A 1 113 ? -0.655  2.790   -15.070 1.00 39.00  ? 113 ARG A CA  1 
ATOM   918  C  C   . ARG A 1 113 ? -0.498  2.508   -16.597 1.00 43.39  ? 113 ARG A C   1 
ATOM   919  O  O   . ARG A 1 113 ? -0.708  1.388   -17.077 1.00 47.16  ? 113 ARG A O   1 
ATOM   920  C  CB  . ARG A 1 113 ? 0.632   2.364   -14.340 1.00 39.49  ? 113 ARG A CB  1 
ATOM   921  C  CG  . ARG A 1 113 ? 0.787   2.923   -12.956 1.00 41.21  ? 113 ARG A CG  1 
ATOM   922  C  CD  . ARG A 1 113 ? 0.009   1.962   -12.061 1.00 42.13  ? 113 ARG A CD  1 
ATOM   923  N  NE  . ARG A 1 113 ? 0.320   2.049   -10.650 1.00 38.59  ? 113 ARG A NE  1 
ATOM   924  C  CZ  . ARG A 1 113 ? -0.530  2.301   -9.661  1.00 47.79  ? 113 ARG A CZ  1 
ATOM   925  N  NH1 . ARG A 1 113 ? -1.834  2.601   -9.859  1.00 46.04  ? 113 ARG A NH1 1 
ATOM   926  N  NH2 . ARG A 1 113 ? -0.040  2.276   -8.436  1.00 50.96  ? 113 ARG A NH2 1 
ATOM   927  N  N   . PRO A 1 114 ? -0.112  3.521   -17.356 1.00 42.61  ? 114 PRO A N   1 
ATOM   928  C  CA  . PRO A 1 114 ? 0.251   3.209   -18.724 1.00 50.28  ? 114 PRO A CA  1 
ATOM   929  C  C   . PRO A 1 114 ? 1.392   2.162   -18.819 1.00 48.42  ? 114 PRO A C   1 
ATOM   930  O  O   . PRO A 1 114 ? 2.194   2.064   -17.913 1.00 46.76  ? 114 PRO A O   1 
ATOM   931  C  CB  . PRO A 1 114 ? 0.766   4.554   -19.266 1.00 52.92  ? 114 PRO A CB  1 
ATOM   932  C  CG  . PRO A 1 114 ? 0.478   5.590   -18.242 1.00 52.34  ? 114 PRO A CG  1 
ATOM   933  C  CD  . PRO A 1 114 ? 0.200   4.897   -16.958 1.00 50.00  ? 114 PRO A CD  1 
ATOM   934  N  N   . ALA A 1 115 ? 1.460   1.429   -19.917 1.00 47.34  ? 115 ALA A N   1 
ATOM   935  C  CA  . ALA A 1 115 ? 2.607   0.587   -20.242 1.00 53.90  ? 115 ALA A CA  1 
ATOM   936  C  C   . ALA A 1 115 ? 3.920   1.357   -20.085 1.00 52.24  ? 115 ALA A C   1 
ATOM   937  O  O   . ALA A 1 115 ? 4.066   2.498   -20.528 1.00 54.66  ? 115 ALA A O   1 
ATOM   938  C  CB  . ALA A 1 115 ? 2.476   0.070   -21.672 1.00 58.37  ? 115 ALA A CB  1 
ATOM   939  N  N   . GLY A 1 116 ? 4.875   0.727   -19.433 1.00 52.76  ? 116 GLY A N   1 
ATOM   940  C  CA  . GLY A 1 116 ? 6.167   1.375   -19.132 1.00 55.24  ? 116 GLY A CA  1 
ATOM   941  C  C   . GLY A 1 116 ? 6.147   2.441   -18.036 1.00 56.70  ? 116 GLY A C   1 
ATOM   942  O  O   . GLY A 1 116 ? 7.138   3.150   -17.829 1.00 60.06  ? 116 GLY A O   1 
ATOM   943  N  N   . MET A 1 117 ? 5.026   2.581   -17.335 1.00 51.70  ? 117 MET A N   1 
ATOM   944  C  CA  . MET A 1 117 ? 5.011   3.347   -16.096 1.00 46.23  ? 117 MET A CA  1 
ATOM   945  C  C   . MET A 1 117 ? 5.022   2.366   -14.928 1.00 38.62  ? 117 MET A C   1 
ATOM   946  O  O   . MET A 1 117 ? 4.045   1.669   -14.647 1.00 39.34  ? 117 MET A O   1 
ATOM   947  C  CB  . MET A 1 117 ? 3.782   4.257   -16.061 1.00 52.39  ? 117 MET A CB  1 
ATOM   948  C  CG  . MET A 1 117 ? 3.833   5.258   -14.939 1.00 55.77  ? 117 MET A CG  1 
ATOM   949  S  SD  . MET A 1 117 ? 2.459   6.425   -15.028 1.00 60.63  ? 117 MET A SD  1 
ATOM   950  C  CE  . MET A 1 117 ? 3.024   7.452   -16.363 1.00 48.31  ? 117 MET A CE  1 
ATOM   951  N  N   . LEU A 1 118 ? 6.165   2.291   -14.254 1.00 35.52  ? 118 LEU A N   1 
ATOM   952  C  CA  . LEU A 1 118 ? 6.427   1.182   -13.342 1.00 34.14  ? 118 LEU A CA  1 
ATOM   953  C  C   . LEU A 1 118 ? 6.243   1.683   -11.930 1.00 31.30  ? 118 LEU A C   1 
ATOM   954  O  O   . LEU A 1 118 ? 6.572   2.847   -11.641 1.00 35.98  ? 118 LEU A O   1 
ATOM   955  C  CB  . LEU A 1 118 ? 7.878   0.652   -13.493 1.00 34.47  ? 118 LEU A CB  1 
ATOM   956  C  CG  . LEU A 1 118 ? 8.313   0.274   -14.923 1.00 37.62  ? 118 LEU A CG  1 
ATOM   957  C  CD1 . LEU A 1 118 ? 9.706   -0.349  -14.994 1.00 45.21  ? 118 LEU A CD1 1 
ATOM   958  C  CD2 . LEU A 1 118 ? 7.291   -0.689  -15.488 1.00 34.68  ? 118 LEU A CD2 1 
ATOM   959  N  N   . ASP A 1 119 ? 5.662   0.830   -11.094 1.00 31.34  ? 119 ASP A N   1 
ATOM   960  C  CA  . ASP A 1 119 ? 5.670   1.037   -9.641  1.00 31.93  ? 119 ASP A CA  1 
ATOM   961  C  C   . ASP A 1 119 ? 7.000   0.590   -8.994  1.00 36.65  ? 119 ASP A C   1 
ATOM   962  O  O   . ASP A 1 119 ? 7.589   -0.440  -9.406  1.00 40.39  ? 119 ASP A O   1 
ATOM   963  C  CB  . ASP A 1 119 ? 4.537   0.246   -9.057  1.00 30.69  ? 119 ASP A CB  1 
ATOM   964  C  CG  . ASP A 1 119 ? 3.178   0.874   -9.371  1.00 37.02  ? 119 ASP A CG  1 
ATOM   965  O  OD1 . ASP A 1 119 ? 2.566   1.406   -8.412  1.00 41.34  ? 119 ASP A OD1 1 
ATOM   966  O  OD2 . ASP A 1 119 ? 2.711   0.842   -10.547 1.00 35.62  ? 119 ASP A OD2 1 
ATOM   967  N  N   . GLY A 1 120 ? 7.420   1.285   -7.940  1.00 32.66  ? 120 GLY A N   1 
ATOM   968  C  CA  . GLY A 1 120 ? 8.594   0.919   -7.158  1.00 33.77  ? 120 GLY A CA  1 
ATOM   969  C  C   . GLY A 1 120 ? 8.140   0.453   -5.792  1.00 35.10  ? 120 GLY A C   1 
ATOM   970  O  O   . GLY A 1 120 ? 7.190   0.990   -5.222  1.00 33.03  ? 120 GLY A O   1 
ATOM   971  N  N   . PHE A 1 121 ? 8.769   -0.583  -5.268  1.00 33.34  ? 121 PHE A N   1 
ATOM   972  C  CA  . PHE A 1 121 ? 8.633   -1.007  -3.888  1.00 35.17  ? 121 PHE A CA  1 
ATOM   973  C  C   . PHE A 1 121 ? 10.019  -1.042  -3.268  1.00 41.77  ? 121 PHE A C   1 
ATOM   974  O  O   . PHE A 1 121 ? 10.922  -1.660  -3.824  1.00 40.89  ? 121 PHE A O   1 
ATOM   975  C  CB  . PHE A 1 121 ? 7.930   -2.307  -3.783  1.00 35.41  ? 121 PHE A CB  1 
ATOM   976  C  CG  . PHE A 1 121 ? 6.519   -2.231  -4.218  1.00 34.68  ? 121 PHE A CG  1 
ATOM   977  C  CD1 . PHE A 1 121 ? 5.520   -1.927  -3.303  1.00 36.37  ? 121 PHE A CD1 1 
ATOM   978  C  CD2 . PHE A 1 121 ? 6.183   -2.440  -5.555  1.00 36.35  ? 121 PHE A CD2 1 
ATOM   979  C  CE1 . PHE A 1 121 ? 4.221   -1.793  -3.706  1.00 33.46  ? 121 PHE A CE1 1 
ATOM   980  C  CE2 . PHE A 1 121 ? 4.888   -2.333  -5.947  1.00 37.69  ? 121 PHE A CE2 1 
ATOM   981  C  CZ  . PHE A 1 121 ? 3.903   -2.011  -5.020  1.00 34.99  ? 121 PHE A CZ  1 
ATOM   982  N  N   . GLU A 1 122 ? 10.170  -0.372  -2.133  1.00 43.48  ? 122 GLU A N   1 
ATOM   983  C  CA  . GLU A 1 122 ? 11.464  -0.061  -1.558  1.00 43.75  ? 122 GLU A CA  1 
ATOM   984  C  C   . GLU A 1 122 ? 11.501  -0.411  -0.083  1.00 44.70  ? 122 GLU A C   1 
ATOM   985  O  O   . GLU A 1 122 ? 10.539  -0.176  0.658   1.00 44.46  ? 122 GLU A O   1 
ATOM   986  C  CB  . GLU A 1 122 ? 11.721  1.426   -1.713  1.00 41.41  ? 122 GLU A CB  1 
ATOM   987  C  CG  . GLU A 1 122 ? 12.002  1.809   -3.138  1.00 43.42  ? 122 GLU A CG  1 
ATOM   988  C  CD  . GLU A 1 122 ? 12.331  3.250   -3.285  1.00 38.23  ? 122 GLU A CD  1 
ATOM   989  O  OE1 . GLU A 1 122 ? 12.893  3.614   -4.319  1.00 42.37  ? 122 GLU A OE1 1 
ATOM   990  O  OE2 . GLU A 1 122 ? 11.984  4.049   -2.402  1.00 42.47  ? 122 GLU A OE2 1 
ATOM   991  N  N   . TRP A 1 123 ? 12.622  -0.960  0.361   1.00 37.13  ? 123 TRP A N   1 
ATOM   992  C  CA  . TRP A 1 123 ? 12.884  -1.060  1.796   1.00 38.19  ? 123 TRP A CA  1 
ATOM   993  C  C   . TRP A 1 123 ? 14.108  -0.234  2.187   1.00 40.33  ? 123 TRP A C   1 
ATOM   994  O  O   . TRP A 1 123 ? 15.056  -0.136  1.382   1.00 45.08  ? 123 TRP A O   1 
ATOM   995  C  CB  . TRP A 1 123 ? 13.078  -2.481  2.181   1.00 36.41  ? 123 TRP A CB  1 
ATOM   996  C  CG  . TRP A 1 123 ? 11.877  -3.288  2.107   1.00 32.75  ? 123 TRP A CG  1 
ATOM   997  C  CD1 . TRP A 1 123 ? 11.095  -3.664  3.162   1.00 34.18  ? 123 TRP A CD1 1 
ATOM   998  C  CD2 . TRP A 1 123 ? 11.339  -3.948  0.948   1.00 32.05  ? 123 TRP A CD2 1 
ATOM   999  N  NE1 . TRP A 1 123 ? 10.056  -4.474  2.725   1.00 34.68  ? 123 TRP A NE1 1 
ATOM   1000 C  CE2 . TRP A 1 123 ? 10.179  -4.641  1.366   1.00 35.44  ? 123 TRP A CE2 1 
ATOM   1001 C  CE3 . TRP A 1 123 ? 11.657  -3.924  -0.426  1.00 34.78  ? 123 TRP A CE3 1 
ATOM   1002 C  CZ2 . TRP A 1 123 ? 9.390   -5.372  0.483   1.00 35.42  ? 123 TRP A CZ2 1 
ATOM   1003 C  CZ3 . TRP A 1 123 ? 10.861  -4.656  -1.312  1.00 32.74  ? 123 TRP A CZ3 1 
ATOM   1004 C  CH2 . TRP A 1 123 ? 9.765   -5.370  -0.850  1.00 33.02  ? 123 TRP A CH2 1 
ATOM   1005 N  N   . TYR A 1 124 ? 14.095  0.365   3.404   1.00 42.08  ? 124 TYR A N   1 
ATOM   1006 C  CA  . TYR A 1 124 ? 15.156  1.290   3.863   1.00 38.85  ? 124 TYR A CA  1 
ATOM   1007 C  C   . TYR A 1 124 ? 15.802  0.757   5.125   1.00 40.56  ? 124 TYR A C   1 
ATOM   1008 O  O   . TYR A 1 124 ? 15.125  0.006   5.882   1.00 40.86  ? 124 TYR A O   1 
ATOM   1009 C  CB  . TYR A 1 124 ? 14.580  2.712   4.085   1.00 42.92  ? 124 TYR A CB  1 
ATOM   1010 C  CG  . TYR A 1 124 ? 14.304  3.412   2.786   1.00 44.61  ? 124 TYR A CG  1 
ATOM   1011 C  CD1 . TYR A 1 124 ? 15.258  4.185   2.191   1.00 44.68  ? 124 TYR A CD1 1 
ATOM   1012 C  CD2 . TYR A 1 124 ? 13.105  3.254   2.121   1.00 48.41  ? 124 TYR A CD2 1 
ATOM   1013 C  CE1 . TYR A 1 124 ? 15.010  4.837   0.999   1.00 50.27  ? 124 TYR A CE1 1 
ATOM   1014 C  CE2 . TYR A 1 124 ? 12.861  3.888   0.917   1.00 46.97  ? 124 TYR A CE2 1 
ATOM   1015 C  CZ  . TYR A 1 124 ? 13.822  4.681   0.370   1.00 46.76  ? 124 TYR A CZ  1 
ATOM   1016 O  OH  . TYR A 1 124 ? 13.604  5.320   -0.820  1.00 49.31  ? 124 TYR A OH  1 
ATOM   1017 N  N   . CYS A 1 125 ? 17.102  1.080   5.344   1.00 40.90  ? 125 CYS A N   1 
ATOM   1018 C  CA  . CYS A 1 125 ? 17.844  0.601   6.555   1.00 44.70  ? 125 CYS A CA  1 
ATOM   1019 C  C   . CYS A 1 125 ? 17.375  1.288   7.855   1.00 48.41  ? 125 CYS A C   1 
ATOM   1020 O  O   . CYS A 1 125 ? 17.355  2.511   7.991   1.00 50.98  ? 125 CYS A O   1 
ATOM   1021 C  CB  . CYS A 1 125 ? 19.390  0.693   6.439   1.00 43.99  ? 125 CYS A CB  1 
ATOM   1022 S  SG  . CYS A 1 125 ? 20.359  -0.146  7.795   1.00 50.47  ? 125 CYS A SG  1 
ATOM   1023 N  N   . ASP A 1 126 ? 16.938  0.443   8.763   1.00 52.86  ? 126 ASP A N   1 
ATOM   1024 C  CA  . ASP A 1 126 ? 16.591  0.788   10.118  1.00 60.90  ? 126 ASP A CA  1 
ATOM   1025 C  C   . ASP A 1 126 ? 17.758  1.558   10.798  1.00 68.99  ? 126 ASP A C   1 
ATOM   1026 O  O   . ASP A 1 126 ? 17.531  2.597   11.439  1.00 57.73  ? 126 ASP A O   1 
ATOM   1027 C  CB  . ASP A 1 126 ? 16.290  -0.520  10.870  1.00 71.88  ? 126 ASP A CB  1 
ATOM   1028 C  CG  . ASP A 1 126 ? 15.043  -0.447  11.773  1.00 95.12  ? 126 ASP A CG  1 
ATOM   1029 O  OD1 . ASP A 1 126 ? 14.409  0.639   11.874  1.00 113.09 ? 126 ASP A OD1 1 
ATOM   1030 O  OD2 . ASP A 1 126 ? 14.706  -1.503  12.397  1.00 104.92 ? 126 ASP A OD2 1 
ATOM   1031 N  N   . ALA A 1 127 ? 19.001  1.078   10.622  1.00 70.93  ? 127 ALA A N   1 
ATOM   1032 C  CA  . ALA A 1 127 ? 20.184  1.703   11.256  1.00 65.78  ? 127 ALA A CA  1 
ATOM   1033 C  C   . ALA A 1 127 ? 20.642  2.992   10.547  1.00 63.71  ? 127 ALA A C   1 
ATOM   1034 O  O   . ALA A 1 127 ? 20.632  4.049   11.156  1.00 67.35  ? 127 ALA A O   1 
ATOM   1035 C  CB  . ALA A 1 127 ? 21.330  0.703   11.363  1.00 64.12  ? 127 ALA A CB  1 
ATOM   1036 N  N   . CYS A 1 128 ? 21.022  2.924   9.277   1.00 59.23  ? 128 CYS A N   1 
ATOM   1037 C  CA  . CYS A 1 128 ? 21.543  4.091   8.590   1.00 54.95  ? 128 CYS A CA  1 
ATOM   1038 C  C   . CYS A 1 128 ? 20.537  4.811   7.704   1.00 61.82  ? 128 CYS A C   1 
ATOM   1039 O  O   . CYS A 1 128 ? 20.846  5.874   7.172   1.00 67.27  ? 128 CYS A O   1 
ATOM   1040 C  CB  . CYS A 1 128 ? 22.778  3.715   7.750   1.00 60.56  ? 128 CYS A CB  1 
ATOM   1041 S  SG  . CYS A 1 128 ? 22.544  2.658   6.285   1.00 64.96  ? 128 CYS A SG  1 
ATOM   1042 N  N   . GLY A 1 129 ? 19.348  4.242   7.502   1.00 65.34  ? 129 GLY A N   1 
ATOM   1043 C  CA  . GLY A 1 129 ? 18.350  4.835   6.582   1.00 63.57  ? 129 GLY A CA  1 
ATOM   1044 C  C   . GLY A 1 129 ? 18.631  4.743   5.079   1.00 60.69  ? 129 GLY A C   1 
ATOM   1045 O  O   . GLY A 1 129 ? 17.823  5.206   4.263   1.00 55.19  ? 129 GLY A O   1 
ATOM   1046 N  N   . HIS A 1 130 ? 19.759  4.151   4.691   1.00 55.39  ? 130 HIS A N   1 
ATOM   1047 C  CA  . HIS A 1 130 ? 20.088  4.022   3.275   1.00 59.05  ? 130 HIS A CA  1 
ATOM   1048 C  C   . HIS A 1 130 ? 19.054  3.075   2.661   1.00 53.46  ? 130 HIS A C   1 
ATOM   1049 O  O   . HIS A 1 130 ? 18.478  2.219   3.362   1.00 48.51  ? 130 HIS A O   1 
ATOM   1050 C  CB  . HIS A 1 130 ? 21.532  3.467   3.092   1.00 70.78  ? 130 HIS A CB  1 
ATOM   1051 C  CG  . HIS A 1 130 ? 22.130  3.677   1.719   1.00 79.88  ? 130 HIS A CG  1 
ATOM   1052 N  ND1 . HIS A 1 130 ? 23.029  4.690   1.440   1.00 88.00  ? 130 HIS A ND1 1 
ATOM   1053 C  CD2 . HIS A 1 130 ? 22.006  2.972   0.565   1.00 86.87  ? 130 HIS A CD2 1 
ATOM   1054 C  CE1 . HIS A 1 130 ? 23.412  4.616   0.175   1.00 84.04  ? 130 HIS A CE1 1 
ATOM   1055 N  NE2 . HIS A 1 130 ? 22.805  3.581   -0.377  1.00 88.52  ? 130 HIS A NE2 1 
ATOM   1056 N  N   . LEU A 1 131 ? 18.827  3.228   1.360   1.00 51.64  ? 131 LEU A N   1 
ATOM   1057 C  CA  . LEU A 1 131 ? 18.007  2.283   0.601   1.00 46.05  ? 131 LEU A CA  1 
ATOM   1058 C  C   . LEU A 1 131 ? 18.649  0.894   0.617   1.00 48.91  ? 131 LEU A C   1 
ATOM   1059 O  O   . LEU A 1 131 ? 19.784  0.741   0.248   1.00 46.10  ? 131 LEU A O   1 
ATOM   1060 C  CB  . LEU A 1 131 ? 17.876  2.766   -0.829  1.00 44.08  ? 131 LEU A CB  1 
ATOM   1061 C  CG  . LEU A 1 131 ? 17.120  1.856   -1.782  1.00 47.30  ? 131 LEU A CG  1 
ATOM   1062 C  CD1 . LEU A 1 131 ? 15.651  1.737   -1.398  1.00 48.24  ? 131 LEU A CD1 1 
ATOM   1063 C  CD2 . LEU A 1 131 ? 17.262  2.431   -3.182  1.00 49.17  ? 131 LEU A CD2 1 
ATOM   1064 N  N   . VAL A 1 132 ? 17.900  -0.108  1.042   1.00 47.35  ? 132 VAL A N   1 
ATOM   1065 C  CA  . VAL A 1 132 ? 18.377  -1.477  1.140   1.00 44.86  ? 132 VAL A CA  1 
ATOM   1066 C  C   . VAL A 1 132 ? 18.123  -2.278  -0.150  1.00 48.20  ? 132 VAL A C   1 
ATOM   1067 O  O   . VAL A 1 132 ? 18.987  -2.991  -0.605  1.00 43.38  ? 132 VAL A O   1 
ATOM   1068 C  CB  . VAL A 1 132 ? 17.639  -2.129  2.283   1.00 44.92  ? 132 VAL A CB  1 
ATOM   1069 C  CG1 . VAL A 1 132 ? 17.701  -3.640  2.200   1.00 49.85  ? 132 VAL A CG1 1 
ATOM   1070 C  CG2 . VAL A 1 132 ? 18.153  -1.561  3.618   1.00 52.81  ? 132 VAL A CG2 1 
ATOM   1071 N  N   . HIS A 1 133 ? 16.929  -2.116  -0.737  1.00 41.09  ? 133 HIS A N   1 
ATOM   1072 C  CA  . HIS A 1 133 ? 16.479  -2.887  -1.872  1.00 37.37  ? 133 HIS A CA  1 
ATOM   1073 C  C   . HIS A 1 133 ? 15.285  -2.169  -2.523  1.00 45.42  ? 133 HIS A C   1 
ATOM   1074 O  O   . HIS A 1 133 ? 14.380  -1.729  -1.777  1.00 38.88  ? 133 HIS A O   1 
ATOM   1075 C  CB  . HIS A 1 133 ? 15.965  -4.197  -1.339  1.00 37.37  ? 133 HIS A CB  1 
ATOM   1076 C  CG  . HIS A 1 133 ? 15.544  -5.152  -2.400  1.00 41.15  ? 133 HIS A CG  1 
ATOM   1077 N  ND1 . HIS A 1 133 ? 16.434  -5.693  -3.308  1.00 46.15  ? 133 HIS A ND1 1 
ATOM   1078 C  CD2 . HIS A 1 133 ? 14.335  -5.702  -2.679  1.00 43.11  ? 133 HIS A CD2 1 
ATOM   1079 C  CE1 . HIS A 1 133 ? 15.786  -6.505  -4.124  1.00 47.40  ? 133 HIS A CE1 1 
ATOM   1080 N  NE2 . HIS A 1 133 ? 14.512  -6.533  -3.756  1.00 44.61  ? 133 HIS A NE2 1 
ATOM   1081 N  N   . ARG A 1 134 ? 15.276  -2.088  -3.854  1.00 36.29  ? 134 ARG A N   1 
ATOM   1082 C  CA  . ARG A 1 134 ? 14.155  -1.600  -4.657  1.00 39.77  ? 134 ARG A CA  1 
ATOM   1083 C  C   . ARG A 1 134 ? 13.822  -2.550  -5.816  1.00 41.43  ? 134 ARG A C   1 
ATOM   1084 O  O   . ARG A 1 134 ? 14.705  -2.965  -6.542  1.00 44.18  ? 134 ARG A O   1 
ATOM   1085 C  CB  . ARG A 1 134 ? 14.485  -0.226  -5.203  1.00 40.02  ? 134 ARG A CB  1 
ATOM   1086 C  CG  . ARG A 1 134 ? 13.570  0.301   -6.289  1.00 45.94  ? 134 ARG A CG  1 
ATOM   1087 C  CD  . ARG A 1 134 ? 14.029  1.650   -6.818  1.00 45.10  ? 134 ARG A CD  1 
ATOM   1088 N  NE  . ARG A 1 134 ? 13.174  2.150   -7.910  1.00 45.06  ? 134 ARG A NE  1 
ATOM   1089 C  CZ  . ARG A 1 134 ? 12.083  2.911   -7.747  1.00 47.98  ? 134 ARG A CZ  1 
ATOM   1090 N  NH1 . ARG A 1 134 ? 11.634  3.249   -6.550  1.00 43.65  ? 134 ARG A NH1 1 
ATOM   1091 N  NH2 . ARG A 1 134 ? 11.419  3.331   -8.805  1.00 48.72  ? 134 ARG A NH2 1 
ATOM   1092 N  N   . VAL A 1 135 ? 12.562  -2.922  -5.949  1.00 37.84  ? 135 VAL A N   1 
ATOM   1093 C  CA  . VAL A 1 135 ? 12.028  -3.645  -7.084  1.00 37.28  ? 135 VAL A CA  1 
ATOM   1094 C  C   . VAL A 1 135 ? 11.090  -2.681  -7.833  1.00 42.58  ? 135 VAL A C   1 
ATOM   1095 O  O   . VAL A 1 135 ? 10.288  -1.974  -7.207  1.00 39.02  ? 135 VAL A O   1 
ATOM   1096 C  CB  . VAL A 1 135 ? 11.091  -4.782  -6.598  1.00 47.72  ? 135 VAL A CB  1 
ATOM   1097 C  CG1 . VAL A 1 135 ? 10.681  -5.692  -7.746  1.00 48.41  ? 135 VAL A CG1 1 
ATOM   1098 C  CG2 . VAL A 1 135 ? 11.727  -5.634  -5.481  1.00 58.25  ? 135 VAL A CG2 1 
ATOM   1099 N  N   . GLU A 1 136 ? 11.179  -2.668  -9.158  1.00 39.71  ? 136 GLU A N   1 
ATOM   1100 C  CA  . GLU A 1 136 ? 10.235  -1.982  -10.043 1.00 41.93  ? 136 GLU A CA  1 
ATOM   1101 C  C   . GLU A 1 136 ? 9.425   -3.011  -10.799 1.00 46.79  ? 136 GLU A C   1 
ATOM   1102 O  O   . GLU A 1 136 ? 9.959   -4.060  -11.272 1.00 45.07  ? 136 GLU A O   1 
ATOM   1103 C  CB  . GLU A 1 136 ? 10.947  -1.107  -11.047 1.00 44.88  ? 136 GLU A CB  1 
ATOM   1104 C  CG  . GLU A 1 136 ? 11.709  0.009   -10.405 1.00 52.34  ? 136 GLU A CG  1 
ATOM   1105 C  CD  . GLU A 1 136 ? 12.472  0.839   -11.419 1.00 61.51  ? 136 GLU A CD  1 
ATOM   1106 O  OE1 . GLU A 1 136 ? 12.431  0.482   -12.608 1.00 70.41  ? 136 GLU A OE1 1 
ATOM   1107 O  OE2 . GLU A 1 136 ? 13.116  1.846   -11.024 1.00 75.97  ? 136 GLU A OE2 1 
ATOM   1108 N  N   . VAL A 1 137 ? 8.127   -2.755  -10.879 1.00 41.91  ? 137 VAL A N   1 
ATOM   1109 C  CA  . VAL A 1 137 ? 7.179   -3.676  -11.486 1.00 39.62  ? 137 VAL A CA  1 
ATOM   1110 C  C   . VAL A 1 137 ? 6.169   -2.953  -12.402 1.00 42.41  ? 137 VAL A C   1 
ATOM   1111 O  O   . VAL A 1 137 ? 5.767   -1.828  -12.136 1.00 41.56  ? 137 VAL A O   1 
ATOM   1112 C  CB  . VAL A 1 137 ? 6.425   -4.484  -10.424 1.00 45.50  ? 137 VAL A CB  1 
ATOM   1113 C  CG1 . VAL A 1 137 ? 7.290   -5.572  -9.863  1.00 53.92  ? 137 VAL A CG1 1 
ATOM   1114 C  CG2 . VAL A 1 137 ? 5.941   -3.569  -9.314  1.00 53.60  ? 137 VAL A CG2 1 
ATOM   1115 N  N   . GLN A 1 138 ? 5.758   -3.609  -13.472 1.00 44.57  ? 138 GLN A N   1 
ATOM   1116 C  CA  . GLN A 1 138 ? 4.590   -3.153  -14.254 1.00 45.73  ? 138 GLN A CA  1 
ATOM   1117 C  C   . GLN A 1 138 ? 3.466   -3.848  -13.545 1.00 44.35  ? 138 GLN A C   1 
ATOM   1118 O  O   . GLN A 1 138 ? 3.246   -5.070  -13.712 1.00 45.05  ? 138 GLN A O   1 
ATOM   1119 C  CB  . GLN A 1 138 ? 4.663   -3.579  -15.740 1.00 45.89  ? 138 GLN A CB  1 
ATOM   1120 C  CG  . GLN A 1 138 ? 3.521   -3.093  -16.637 1.00 40.52  ? 138 GLN A CG  1 
ATOM   1121 C  CD  . GLN A 1 138 ? 3.626   -1.612  -16.905 1.00 44.76  ? 138 GLN A CD  1 
ATOM   1122 O  OE1 . GLN A 1 138 ? 2.809   -0.780  -16.450 1.00 48.07  ? 138 GLN A OE1 1 
ATOM   1123 N  NE2 . GLN A 1 138 ? 4.680   -1.253  -17.563 1.00 47.13  ? 138 GLN A NE2 1 
ATOM   1124 N  N   . LEU A 1 139 ? 2.751   -3.094  -12.724 1.00 42.54  ? 139 LEU A N   1 
ATOM   1125 C  CA  . LEU A 1 139 ? 1.792   -3.696  -11.830 1.00 49.87  ? 139 LEU A CA  1 
ATOM   1126 C  C   . LEU A 1 139 ? 0.598   -4.128  -12.619 1.00 52.86  ? 139 LEU A C   1 
ATOM   1127 O  O   . LEU A 1 139 ? 0.126   -3.361  -13.427 1.00 51.40  ? 139 LEU A O   1 
ATOM   1128 C  CB  . LEU A 1 139 ? 1.336   -2.683  -10.801 1.00 52.32  ? 139 LEU A CB  1 
ATOM   1129 C  CG  . LEU A 1 139 ? 1.355   -3.143  -9.349  1.00 54.94  ? 139 LEU A CG  1 
ATOM   1130 C  CD1 . LEU A 1 139 ? 2.661   -2.697  -8.736  1.00 64.67  ? 139 LEU A CD1 1 
ATOM   1131 C  CD2 . LEU A 1 139 ? 0.196   -2.514  -8.588  1.00 65.16  ? 139 LEU A CD2 1 
ATOM   1132 N  N   . LYS A 1 140 ? 0.109   -5.347  -12.391 1.00 64.53  ? 140 LYS A N   1 
ATOM   1133 C  CA  . LYS A 1 140 ? -1.148  -5.753  -13.011 1.00 66.77  ? 140 LYS A CA  1 
ATOM   1134 C  C   . LYS A 1 140 ? -2.250  -6.067  -12.007 1.00 61.15  ? 140 LYS A C   1 
ATOM   1135 O  O   . LYS A 1 140 ? -3.404  -6.090  -12.413 1.00 68.23  ? 140 LYS A O   1 
ATOM   1136 C  CB  . LYS A 1 140 ? -0.970  -6.883  -14.047 1.00 80.84  ? 140 LYS A CB  1 
ATOM   1137 C  CG  . LYS A 1 140 ? -1.694  -6.603  -15.386 1.00 91.64  ? 140 LYS A CG  1 
ATOM   1138 C  CD  . LYS A 1 140 ? -2.075  -7.871  -16.165 1.00 94.31  ? 140 LYS A CD  1 
ATOM   1139 C  CE  . LYS A 1 140 ? -2.482  -7.571  -17.618 1.00 104.80 ? 140 LYS A CE  1 
ATOM   1140 N  NZ  . LYS A 1 140 ? -2.047  -8.615  -18.619 1.00 106.09 ? 140 LYS A NZ  1 
ATOM   1141 N  N   . SER A 1 141 ? -1.932  -6.245  -10.720 1.00 54.69  ? 141 SER A N   1 
ATOM   1142 C  CA  . SER A 1 141 ? -2.969  -6.252  -9.640  1.00 60.76  ? 141 SER A CA  1 
ATOM   1143 C  C   . SER A 1 141 ? -2.472  -5.692  -8.284  1.00 61.75  ? 141 SER A C   1 
ATOM   1144 O  O   . SER A 1 141 ? -1.514  -6.236  -7.723  1.00 54.93  ? 141 SER A O   1 
ATOM   1145 C  CB  . SER A 1 141 ? -3.499  -7.676  -9.420  1.00 63.03  ? 141 SER A CB  1 
ATOM   1146 O  OG  . SER A 1 141 ? -4.679  -7.685  -8.607  1.00 58.04  ? 141 SER A OG  1 
ATOM   1147 N  N   . ILE A 1 142 ? -3.093  -4.632  -7.731  1.00 56.59  ? 142 ILE A N   1 
ATOM   1148 C  CA  . ILE A 1 142 ? -2.595  -4.144  -6.409  1.00 62.85  ? 142 ILE A CA  1 
ATOM   1149 C  C   . ILE A 1 142 ? -3.026  -5.076  -5.309  1.00 63.40  ? 142 ILE A C   1 
ATOM   1150 O  O   . ILE A 1 142 ? -2.494  -4.958  -4.194  1.00 66.83  ? 142 ILE A O   1 
ATOM   1151 C  CB  . ILE A 1 142 ? -3.051  -2.729  -5.870  1.00 65.81  ? 142 ILE A CB  1 
ATOM   1152 C  CG1 . ILE A 1 142 ? -4.399  -2.299  -6.456  1.00 64.99  ? 142 ILE A CG1 1 
ATOM   1153 C  CG2 . ILE A 1 142 ? -1.891  -1.671  -5.843  1.00 58.41  ? 142 ILE A CG2 1 
ATOM   1154 C  CD1 . ILE A 1 142 ? -5.025  -1.185  -5.624  1.00 69.86  ? 142 ILE A CD1 1 
ATOM   1155 N  N   . VAL A 1 143 ? -4.022  -5.930  -5.571  1.00 64.05  ? 143 VAL A N   1 
ATOM   1156 C  CA  . VAL A 1 143 ? -4.430  -6.943  -4.584  1.00 61.85  ? 143 VAL A CA  1 
ATOM   1157 C  C   . VAL A 1 143 ? -3.394  -8.099  -4.645  1.00 66.06  ? 143 VAL A C   1 
ATOM   1158 O  O   . VAL A 1 143 ? -2.599  -8.298  -3.691  1.00 57.52  ? 143 VAL A O   1 
ATOM   1159 C  CB  . VAL A 1 143 ? -5.921  -7.369  -4.760  1.00 60.84  ? 143 VAL A CB  1 
ATOM   1160 C  CG1 . VAL A 1 143 ? -6.356  -8.369  -3.675  1.00 60.10  ? 143 VAL A CG1 1 
ATOM   1161 C  CG2 . VAL A 1 143 ? -6.837  -6.137  -4.714  1.00 60.41  ? 143 VAL A CG2 1 
ATOM   1162 N  N   . THR A 1 144 ? -3.330  -8.755  -5.813  1.00 66.26  ? 144 THR A N   1 
ATOM   1163 C  CA  . THR A 1 144 ? -2.604  -10.025 -6.000  1.00 65.30  ? 144 THR A CA  1 
ATOM   1164 C  C   . THR A 1 144 ? -1.310  -9.924  -6.809  1.00 70.10  ? 144 THR A C   1 
ATOM   1165 O  O   . THR A 1 144 ? -1.026  -10.790 -7.647  1.00 84.80  ? 144 THR A O   1 
ATOM   1166 C  CB  . THR A 1 144 ? -3.498  -11.019 -6.760  1.00 63.01  ? 144 THR A CB  1 
ATOM   1167 O  OG1 . THR A 1 144 ? -3.888  -10.417 -7.996  1.00 66.42  ? 144 THR A OG1 1 
ATOM   1168 C  CG2 . THR A 1 144 ? -4.747  -11.421 -5.944  1.00 59.09  ? 144 THR A CG2 1 
ATOM   1169 N  N   . ASP A 1 145 ? -0.551  -8.852  -6.620  1.00 61.08  ? 145 ASP A N   1 
ATOM   1170 C  CA  . ASP A 1 145 ? 0.874   -8.836  -7.044  1.00 70.98  ? 145 ASP A CA  1 
ATOM   1171 C  C   . ASP A 1 145 ? 1.776   -8.450  -5.832  1.00 64.21  ? 145 ASP A C   1 
ATOM   1172 O  O   . ASP A 1 145 ? 2.968   -8.725  -5.803  1.00 49.17  ? 145 ASP A O   1 
ATOM   1173 C  CB  . ASP A 1 145 ? 1.133   -7.878  -8.235  1.00 78.96  ? 145 ASP A CB  1 
ATOM   1174 C  CG  . ASP A 1 145 ? 1.050   -8.564  -9.640  1.00 90.56  ? 145 ASP A CG  1 
ATOM   1175 O  OD1 . ASP A 1 145 ? 0.973   -9.835  -9.741  1.00 85.86  ? 145 ASP A OD1 1 
ATOM   1176 O  OD2 . ASP A 1 145 ? 1.086   -7.777  -10.646 1.00 76.76  ? 145 ASP A OD2 1 
ATOM   1177 N  N   . LEU A 1 146 ? 1.187   -7.824  -4.822  1.00 56.60  ? 146 LEU A N   1 
ATOM   1178 C  CA  . LEU A 1 146 ? 1.984   -7.308  -3.718  1.00 58.58  ? 146 LEU A CA  1 
ATOM   1179 C  C   . LEU A 1 146 ? 2.667   -8.411  -2.853  1.00 57.21  ? 146 LEU A C   1 
ATOM   1180 O  O   . LEU A 1 146 ? 3.905   -8.453  -2.767  1.00 54.12  ? 146 LEU A O   1 
ATOM   1181 C  CB  . LEU A 1 146 ? 1.172   -6.286  -2.875  1.00 56.23  ? 146 LEU A CB  1 
ATOM   1182 C  CG  . LEU A 1 146 ? 1.452   -4.830  -3.290  1.00 50.00  ? 146 LEU A CG  1 
ATOM   1183 C  CD1 . LEU A 1 146 ? 1.305   -4.697  -4.820  1.00 47.07  ? 146 LEU A CD1 1 
ATOM   1184 C  CD2 . LEU A 1 146 ? 0.553   -3.836  -2.528  1.00 53.34  ? 146 LEU A CD2 1 
ATOM   1185 N  N   . PRO A 1 147 ? 1.869   -9.274  -2.211  1.00 54.28  ? 147 PRO A N   1 
ATOM   1186 C  CA  . PRO A 1 147 ? 2.517   -10.156 -1.234  1.00 56.49  ? 147 PRO A CA  1 
ATOM   1187 C  C   . PRO A 1 147 ? 3.627   -11.104 -1.799  1.00 62.10  ? 147 PRO A C   1 
ATOM   1188 O  O   . PRO A 1 147 ? 4.587   -11.368 -1.087  1.00 72.45  ? 147 PRO A O   1 
ATOM   1189 C  CB  . PRO A 1 147 ? 1.343   -10.909 -0.610  1.00 55.26  ? 147 PRO A CB  1 
ATOM   1190 C  CG  . PRO A 1 147 ? 0.118   -10.091 -0.951  1.00 56.98  ? 147 PRO A CG  1 
ATOM   1191 C  CD  . PRO A 1 147 ? 0.409   -9.478  -2.278  1.00 48.54  ? 147 PRO A CD  1 
ATOM   1192 N  N   . PRO A 1 148 ? 3.524   -11.585 -3.066  1.00 63.13  ? 148 PRO A N   1 
ATOM   1193 C  CA  . PRO A 1 148 ? 4.661   -12.380 -3.619  1.00 57.54  ? 148 PRO A CA  1 
ATOM   1194 C  C   . PRO A 1 148 ? 5.976   -11.632 -3.699  1.00 61.11  ? 148 PRO A C   1 
ATOM   1195 O  O   . PRO A 1 148 ? 7.062   -12.218 -3.633  1.00 63.78  ? 148 PRO A O   1 
ATOM   1196 C  CB  . PRO A 1 148 ? 4.196   -12.703 -5.035  1.00 58.33  ? 148 PRO A CB  1 
ATOM   1197 C  CG  . PRO A 1 148 ? 2.701   -12.723 -4.933  1.00 63.76  ? 148 PRO A CG  1 
ATOM   1198 C  CD  . PRO A 1 148 ? 2.304   -11.719 -3.885  1.00 58.88  ? 148 PRO A CD  1 
ATOM   1199 N  N   . LEU A 1 149 ? 5.868   -10.330 -3.915  1.00 61.92  ? 149 LEU A N   1 
ATOM   1200 C  CA  . LEU A 1 149 ? 7.027   -9.458  -3.940  1.00 59.38  ? 149 LEU A CA  1 
ATOM   1201 C  C   . LEU A 1 149 ? 7.691   -9.352  -2.598  1.00 49.56  ? 149 LEU A C   1 
ATOM   1202 O  O   . LEU A 1 149 ? 8.886   -9.457  -2.507  1.00 54.51  ? 149 LEU A O   1 
ATOM   1203 C  CB  . LEU A 1 149 ? 6.631   -8.045  -4.379  1.00 69.34  ? 149 LEU A CB  1 
ATOM   1204 C  CG  . LEU A 1 149 ? 7.023   -7.722  -5.807  1.00 77.06  ? 149 LEU A CG  1 
ATOM   1205 C  CD1 . LEU A 1 149 ? 7.880   -6.463  -5.835  1.00 81.02  ? 149 LEU A CD1 1 
ATOM   1206 C  CD2 . LEU A 1 149 ? 7.766   -8.890  -6.443  1.00 83.36  ? 149 LEU A CD2 1 
ATOM   1207 N  N   . PHE A 1 150 ? 6.894   -9.081  -1.577  1.00 46.40  ? 150 PHE A N   1 
ATOM   1208 C  CA  . PHE A 1 150 ? 7.400   -8.920  -0.239  1.00 49.54  ? 150 PHE A CA  1 
ATOM   1209 C  C   . PHE A 1 150 ? 8.078   -10.244 0.117   1.00 51.02  ? 150 PHE A C   1 
ATOM   1210 O  O   . PHE A 1 150 ? 9.180   -10.251 0.652   1.00 47.88  ? 150 PHE A O   1 
ATOM   1211 C  CB  . PHE A 1 150 ? 6.269   -8.585  0.753   1.00 50.22  ? 150 PHE A CB  1 
ATOM   1212 C  CG  . PHE A 1 150 ? 5.453   -7.353  0.382   1.00 49.17  ? 150 PHE A CG  1 
ATOM   1213 C  CD1 . PHE A 1 150 ? 5.952   -6.385  -0.526  1.00 45.99  ? 150 PHE A CD1 1 
ATOM   1214 C  CD2 . PHE A 1 150 ? 4.165   -7.155  0.954   1.00 48.44  ? 150 PHE A CD2 1 
ATOM   1215 C  CE1 . PHE A 1 150 ? 5.176   -5.286  -0.862  1.00 46.11  ? 150 PHE A CE1 1 
ATOM   1216 C  CE2 . PHE A 1 150 ? 3.401   -6.055  0.610   1.00 42.78  ? 150 PHE A CE2 1 
ATOM   1217 C  CZ  . PHE A 1 150 ? 3.899   -5.147  -0.316  1.00 42.13  ? 150 PHE A CZ  1 
ATOM   1218 N  N   . GLU A 1 151 ? 7.425   -11.340 -0.262  1.00 49.90  ? 151 GLU A N   1 
ATOM   1219 C  CA  . GLU A 1 151 ? 7.882   -12.692 0.001   1.00 56.36  ? 151 GLU A CA  1 
ATOM   1220 C  C   . GLU A 1 151 ? 9.321   -12.910 -0.397  1.00 52.74  ? 151 GLU A C   1 
ATOM   1221 O  O   . GLU A 1 151 ? 10.133  -13.333 0.418   1.00 51.38  ? 151 GLU A O   1 
ATOM   1222 C  CB  . GLU A 1 151 ? 6.994   -13.712 -0.717  1.00 69.98  ? 151 GLU A CB  1 
ATOM   1223 C  CG  . GLU A 1 151 ? 6.572   -14.849 0.182   1.00 87.91  ? 151 GLU A CG  1 
ATOM   1224 C  CD  . GLU A 1 151 ? 6.003   -14.346 1.509   1.00 106.32 ? 151 GLU A CD  1 
ATOM   1225 O  OE1 . GLU A 1 151 ? 6.631   -14.605 2.569   1.00 113.88 ? 151 GLU A OE1 1 
ATOM   1226 O  OE2 . GLU A 1 151 ? 4.942   -13.667 1.489   1.00 113.06 ? 151 GLU A OE2 1 
ATOM   1227 N  N   . SER A 1 152 ? 9.682   -12.589 -1.622  1.00 52.91  ? 152 SER A N   1 
ATOM   1228 C  CA  . SER A 1 152 ? 11.039  -12.880 -2.015  1.00 60.05  ? 152 SER A CA  1 
ATOM   1229 C  C   . SER A 1 152 ? 12.064  -11.956 -1.354  1.00 56.82  ? 152 SER A C   1 
ATOM   1230 O  O   . SER A 1 152 ? 13.260  -12.284 -1.327  1.00 52.70  ? 152 SER A O   1 
ATOM   1231 C  CB  . SER A 1 152 ? 11.195  -12.965 -3.546  1.00 65.28  ? 152 SER A CB  1 
ATOM   1232 O  OG  . SER A 1 152 ? 11.032  -11.712 -4.153  1.00 70.46  ? 152 SER A OG  1 
ATOM   1233 N  N   . PHE A 1 153 ? 11.612  -10.809 -0.823  1.00 53.09  ? 153 PHE A N   1 
ATOM   1234 C  CA  . PHE A 1 153 ? 12.500  -9.904  -0.061  1.00 45.72  ? 153 PHE A CA  1 
ATOM   1235 C  C   . PHE A 1 153 ? 12.803  -10.556 1.300   1.00 42.60  ? 153 PHE A C   1 
ATOM   1236 O  O   . PHE A 1 153 ? 13.958  -10.702 1.715   1.00 48.67  ? 153 PHE A O   1 
ATOM   1237 C  CB  . PHE A 1 153 ? 11.827  -8.527  0.176   1.00 41.66  ? 153 PHE A CB  1 
ATOM   1238 C  CG  . PHE A 1 153 ? 12.633  -7.605  1.036   1.00 38.01  ? 153 PHE A CG  1 
ATOM   1239 C  CD1 . PHE A 1 153 ? 12.191  -7.247  2.314   1.00 37.81  ? 153 PHE A CD1 1 
ATOM   1240 C  CD2 . PHE A 1 153 ? 13.857  -7.138  0.594   1.00 36.35  ? 153 PHE A CD2 1 
ATOM   1241 C  CE1 . PHE A 1 153 ? 12.924  -6.413  3.092   1.00 32.57  ? 153 PHE A CE1 1 
ATOM   1242 C  CE2 . PHE A 1 153 ? 14.595  -6.258  1.361   1.00 35.67  ? 153 PHE A CE2 1 
ATOM   1243 C  CZ  . PHE A 1 153 ? 14.131  -5.917  2.631   1.00 31.02  ? 153 PHE A CZ  1 
ATOM   1244 N  N   . TYR A 1 154 ? 11.737  -10.973 1.949   1.00 39.73  ? 154 TYR A N   1 
ATOM   1245 C  CA  . TYR A 1 154 ? 11.766  -11.517 3.292   1.00 45.00  ? 154 TYR A CA  1 
ATOM   1246 C  C   . TYR A 1 154 ? 12.544  -12.781 3.352   1.00 50.45  ? 154 TYR A C   1 
ATOM   1247 O  O   . TYR A 1 154 ? 13.261  -13.048 4.329   1.00 47.23  ? 154 TYR A O   1 
ATOM   1248 C  CB  . TYR A 1 154 ? 10.350  -11.860 3.737   1.00 42.23  ? 154 TYR A CB  1 
ATOM   1249 C  CG  . TYR A 1 154 ? 9.493   -10.630 4.005   1.00 48.22  ? 154 TYR A CG  1 
ATOM   1250 C  CD1 . TYR A 1 154 ? 10.073  -9.431  4.381   1.00 43.99  ? 154 TYR A CD1 1 
ATOM   1251 C  CD2 . TYR A 1 154 ? 8.101   -10.694 3.925   1.00 54.81  ? 154 TYR A CD2 1 
ATOM   1252 C  CE1 . TYR A 1 154 ? 9.324   -8.309  4.635   1.00 51.34  ? 154 TYR A CE1 1 
ATOM   1253 C  CE2 . TYR A 1 154 ? 7.323   -9.575  4.208   1.00 58.36  ? 154 TYR A CE2 1 
ATOM   1254 C  CZ  . TYR A 1 154 ? 7.944   -8.378  4.549   1.00 55.11  ? 154 TYR A CZ  1 
ATOM   1255 O  OH  . TYR A 1 154 ? 7.194   -7.273  4.858   1.00 55.75  ? 154 TYR A OH  1 
ATOM   1256 N  N   . ALA A 1 155 ? 12.376  -13.575 2.313   1.00 47.23  ? 155 ALA A N   1 
ATOM   1257 C  CA  . ALA A 1 155 ? 13.011  -14.877 2.273   1.00 57.59  ? 155 ALA A CA  1 
ATOM   1258 C  C   . ALA A 1 155 ? 14.497  -14.813 1.868   1.00 55.00  ? 155 ALA A C   1 
ATOM   1259 O  O   . ALA A 1 155 ? 15.142  -15.837 1.722   1.00 66.16  ? 155 ALA A O   1 
ATOM   1260 C  CB  . ALA A 1 155 ? 12.217  -15.808 1.351   1.00 59.01  ? 155 ALA A CB  1 
ATOM   1261 N  N   . SER A 1 156 ? 15.077  -13.633 1.750   1.00 56.98  ? 156 SER A N   1 
ATOM   1262 C  CA  . SER A 1 156 ? 16.452  -13.547 1.280   1.00 49.53  ? 156 SER A CA  1 
ATOM   1263 C  C   . SER A 1 156 ? 17.326  -12.551 2.011   1.00 53.56  ? 156 SER A C   1 
ATOM   1264 O  O   . SER A 1 156 ? 17.168  -11.327 1.875   1.00 52.00  ? 156 SER A O   1 
ATOM   1265 C  CB  . SER A 1 156 ? 16.448  -13.189 -0.193  1.00 50.89  ? 156 SER A CB  1 
ATOM   1266 O  OG  . SER A 1 156 ? 17.717  -12.664 -0.578  1.00 50.99  ? 156 SER A OG  1 
ATOM   1267 N  N   . GLU A 1 157 ? 18.331  -13.060 2.707   1.00 50.88  ? 157 GLU A N   1 
ATOM   1268 C  CA  . GLU A 1 157 ? 19.252  -12.163 3.391   1.00 52.26  ? 157 GLU A CA  1 
ATOM   1269 C  C   . GLU A 1 157 ? 20.087  -11.249 2.537   1.00 52.80  ? 157 GLU A C   1 
ATOM   1270 O  O   . GLU A 1 157 ? 20.448  -10.181 3.011   1.00 54.03  ? 157 GLU A O   1 
ATOM   1271 C  CB  . GLU A 1 157 ? 20.121  -12.915 4.369   1.00 56.96  ? 157 GLU A CB  1 
ATOM   1272 C  CG  . GLU A 1 157 ? 19.343  -13.147 5.650   1.00 69.54  ? 157 GLU A CG  1 
ATOM   1273 C  CD  . GLU A 1 157 ? 20.079  -13.987 6.692   1.00 85.84  ? 157 GLU A CD  1 
ATOM   1274 O  OE1 . GLU A 1 157 ? 21.302  -14.236 6.513   1.00 88.05  ? 157 GLU A OE1 1 
ATOM   1275 O  OE2 . GLU A 1 157 ? 19.417  -14.396 7.692   1.00 96.36  ? 157 GLU A OE2 1 
ATOM   1276 N  N   . ASP A 1 158 ? 20.394  -11.607 1.292   1.00 58.44  ? 158 ASP A N   1 
ATOM   1277 C  CA  . ASP A 1 158 ? 21.240  -10.708 0.446   1.00 58.00  ? 158 ASP A CA  1 
ATOM   1278 C  C   . ASP A 1 158 ? 20.449  -9.468  0.032   1.00 54.18  ? 158 ASP A C   1 
ATOM   1279 O  O   . ASP A 1 158 ? 21.003  -8.362  -0.098  1.00 50.32  ? 158 ASP A O   1 
ATOM   1280 C  CB  . ASP A 1 158 ? 21.776  -11.363 -0.848  1.00 71.12  ? 158 ASP A CB  1 
ATOM   1281 C  CG  . ASP A 1 158 ? 22.140  -12.850 -0.689  1.00 90.02  ? 158 ASP A CG  1 
ATOM   1282 O  OD1 . ASP A 1 158 ? 21.913  -13.461 0.393   1.00 104.44 ? 158 ASP A OD1 1 
ATOM   1283 O  OD2 . ASP A 1 158 ? 22.644  -13.419 -1.689  1.00 101.79 ? 158 ASP A OD2 1 
ATOM   1284 N  N   . LYS A 1 159 ? 19.163  -9.677  -0.236  1.00 51.16  ? 159 LYS A N   1 
ATOM   1285 C  CA  . LYS A 1 159 ? 18.274  -8.575  -0.612  1.00 49.47  ? 159 LYS A CA  1 
ATOM   1286 C  C   . LYS A 1 159 ? 18.113  -7.597  0.551   1.00 42.42  ? 159 LYS A C   1 
ATOM   1287 O  O   . LYS A 1 159 ? 18.077  -6.385  0.369   1.00 44.41  ? 159 LYS A O   1 
ATOM   1288 C  CB  . LYS A 1 159 ? 16.916  -9.129  -1.030  1.00 49.73  ? 159 LYS A CB  1 
ATOM   1289 C  CG  . LYS A 1 159 ? 16.837  -9.663  -2.455  1.00 51.39  ? 159 LYS A CG  1 
ATOM   1290 C  CD  . LYS A 1 159 ? 15.744  -10.712 -2.505  1.00 54.47  ? 159 LYS A CD  1 
ATOM   1291 C  CE  . LYS A 1 159 ? 15.100  -10.830 -3.865  1.00 60.85  ? 159 LYS A CE  1 
ATOM   1292 N  NZ  . LYS A 1 159 ? 16.099  -11.033 -4.939  1.00 60.81  ? 159 LYS A NZ  1 
ATOM   1293 N  N   . ARG A 1 160 ? 18.084  -8.138  1.757   1.00 44.21  ? 160 ARG A N   1 
ATOM   1294 C  CA  . ARG A 1 160 ? 17.874  -7.345  2.977   1.00 50.06  ? 160 ARG A CA  1 
ATOM   1295 C  C   . ARG A 1 160 ? 19.099  -6.761  3.598   1.00 53.50  ? 160 ARG A C   1 
ATOM   1296 O  O   . ARG A 1 160 ? 18.970  -6.100  4.633   1.00 50.56  ? 160 ARG A O   1 
ATOM   1297 C  CB  . ARG A 1 160 ? 17.170  -8.178  4.032   1.00 45.56  ? 160 ARG A CB  1 
ATOM   1298 C  CG  . ARG A 1 160 ? 16.113  -9.035  3.394   1.00 48.88  ? 160 ARG A CG  1 
ATOM   1299 C  CD  . ARG A 1 160 ? 15.031  -9.379  4.317   1.00 54.81  ? 160 ARG A CD  1 
ATOM   1300 N  NE  . ARG A 1 160 ? 15.605  -9.723  5.579   1.00 59.16  ? 160 ARG A NE  1 
ATOM   1301 C  CZ  . ARG A 1 160 ? 15.852  -10.946 5.989   1.00 65.91  ? 160 ARG A CZ  1 
ATOM   1302 N  NH1 . ARG A 1 160 ? 15.606  -11.988 5.213   1.00 76.71  ? 160 ARG A NH1 1 
ATOM   1303 N  NH2 . ARG A 1 160 ? 16.352  -11.114 7.194   1.00 67.58  ? 160 ARG A NH2 1 
ATOM   1304 N  N   . ARG A 1 161 ? 20.267  -6.965  2.969   1.00 54.81  ? 161 ARG A N   1 
ATOM   1305 C  CA  . ARG A 1 161 ? 21.544  -6.511  3.526   1.00 51.38  ? 161 ARG A CA  1 
ATOM   1306 C  C   . ARG A 1 161 ? 21.794  -5.094  3.070   1.00 43.85  ? 161 ARG A C   1 
ATOM   1307 O  O   . ARG A 1 161 ? 21.885  -4.859  1.882   1.00 45.96  ? 161 ARG A O   1 
ATOM   1308 C  CB  . ARG A 1 161 ? 22.697  -7.454  3.077   1.00 59.17  ? 161 ARG A CB  1 
ATOM   1309 C  CG  . ARG A 1 161 ? 24.134  -6.882  3.158   1.00 61.69  ? 161 ARG A CG  1 
ATOM   1310 C  CD  . ARG A 1 161 ? 25.207  -7.909  3.575   1.00 62.47  ? 161 ARG A CD  1 
ATOM   1311 N  NE  . ARG A 1 161 ? 24.973  -9.219  2.958   1.00 56.91  ? 161 ARG A NE  1 
ATOM   1312 C  CZ  . ARG A 1 161 ? 24.612  -10.328 3.590   1.00 56.67  ? 161 ARG A CZ  1 
ATOM   1313 N  NH1 . ARG A 1 161 ? 24.477  -10.358 4.913   1.00 61.70  ? 161 ARG A NH1 1 
ATOM   1314 N  NH2 . ARG A 1 161 ? 24.400  -11.438 2.875   1.00 62.22  ? 161 ARG A NH2 1 
ATOM   1315 N  N   . CYS A 1 162 ? 21.948  -4.153  4.009   1.00 45.62  ? 162 CYS A N   1 
ATOM   1316 C  CA  . CYS A 1 162 ? 22.191  -2.731  3.662   1.00 45.68  ? 162 CYS A CA  1 
ATOM   1317 C  C   . CYS A 1 162 ? 23.546  -2.612  3.004   1.00 53.32  ? 162 CYS A C   1 
ATOM   1318 O  O   . CYS A 1 162 ? 24.525  -3.120  3.531   1.00 51.79  ? 162 CYS A O   1 
ATOM   1319 C  CB  . CYS A 1 162 ? 22.070  -1.782  4.895   1.00 44.31  ? 162 CYS A CB  1 
ATOM   1320 S  SG  . CYS A 1 162 ? 22.574  -0.019  4.710   1.00 50.59  ? 162 CYS A SG  1 
ATOM   1321 N  N   . PRO A 1 163 ? 23.599  -1.950  1.839   1.00 59.05  ? 163 PRO A N   1 
ATOM   1322 C  CA  . PRO A 1 163 ? 24.832  -1.839  1.104   1.00 65.44  ? 163 PRO A CA  1 
ATOM   1323 C  C   . PRO A 1 163 ? 25.717  -0.712  1.668   1.00 77.17  ? 163 PRO A C   1 
ATOM   1324 O  O   . PRO A 1 163 ? 26.792  -0.422  1.121   1.00 78.54  ? 163 PRO A O   1 
ATOM   1325 C  CB  . PRO A 1 163 ? 24.342  -1.476  -0.309  1.00 70.99  ? 163 PRO A CB  1 
ATOM   1326 C  CG  . PRO A 1 163 ? 23.116  -0.625  -0.070  1.00 64.16  ? 163 PRO A CG  1 
ATOM   1327 C  CD  . PRO A 1 163 ? 22.506  -1.171  1.199   1.00 64.34  ? 163 PRO A CD  1 
ATOM   1328 N  N   . HIS A 1 164 ? 25.253  -0.062  2.730   1.00 75.98  ? 164 HIS A N   1 
ATOM   1329 C  CA  . HIS A 1 164 ? 26.005  1.012   3.335   1.00 78.12  ? 164 HIS A CA  1 
ATOM   1330 C  C   . HIS A 1 164 ? 26.604  0.587   4.662   1.00 70.03  ? 164 HIS A C   1 
ATOM   1331 O  O   . HIS A 1 164 ? 27.763  0.785   4.902   1.00 71.81  ? 164 HIS A O   1 
ATOM   1332 C  CB  . HIS A 1 164 ? 25.099  2.201   3.537   1.00 81.93  ? 164 HIS A CB  1 
ATOM   1333 C  CG  . HIS A 1 164 ? 25.825  3.418   3.984   1.00 84.78  ? 164 HIS A CG  1 
ATOM   1334 N  ND1 . HIS A 1 164 ? 26.042  3.697   5.316   1.00 87.49  ? 164 HIS A ND1 1 
ATOM   1335 C  CD2 . HIS A 1 164 ? 26.399  4.424   3.280   1.00 81.98  ? 164 HIS A CD2 1 
ATOM   1336 C  CE1 . HIS A 1 164 ? 26.716  4.831   5.414   1.00 92.62  ? 164 HIS A CE1 1 
ATOM   1337 N  NE2 . HIS A 1 164 ? 26.937  5.295   4.193   1.00 90.20  ? 164 HIS A NE2 1 
ATOM   1338 N  N   . CYS A 1 165 ? 25.803  -0.031  5.510   1.00 68.91  ? 165 CYS A N   1 
ATOM   1339 C  CA  . CYS A 1 165 ? 26.244  -0.388  6.825   1.00 67.93  ? 165 CYS A CA  1 
ATOM   1340 C  C   . CYS A 1 165 ? 26.234  -1.897  7.061   1.00 64.79  ? 165 CYS A C   1 
ATOM   1341 O  O   . CYS A 1 165 ? 26.580  -2.335  8.146   1.00 61.31  ? 165 CYS A O   1 
ATOM   1342 C  CB  . CYS A 1 165 ? 25.362  0.332   7.859   1.00 65.01  ? 165 CYS A CB  1 
ATOM   1343 S  SG  . CYS A 1 165 ? 23.820  -0.496  8.283   1.00 66.85  ? 165 CYS A SG  1 
ATOM   1344 N  N   . GLY A 1 166 ? 25.820  -2.683  6.065   1.00 62.05  ? 166 GLY A N   1 
ATOM   1345 C  CA  . GLY A 1 166 ? 25.731  -4.154  6.189   1.00 58.40  ? 166 GLY A CA  1 
ATOM   1346 C  C   . GLY A 1 166 ? 24.707  -4.752  7.153   1.00 54.87  ? 166 GLY A C   1 
ATOM   1347 O  O   . GLY A 1 166 ? 24.617  -5.979  7.282   1.00 56.85  ? 166 GLY A O   1 
ATOM   1348 N  N   . GLN A 1 167 ? 23.971  -3.902  7.865   1.00 55.38  ? 167 GLN A N   1 
ATOM   1349 C  CA  . GLN A 1 167 ? 22.830  -4.324  8.680   1.00 60.33  ? 167 GLN A CA  1 
ATOM   1350 C  C   . GLN A 1 167 ? 21.822  -5.059  7.773   1.00 57.88  ? 167 GLN A C   1 
ATOM   1351 O  O   . GLN A 1 167 ? 21.541  -4.630  6.649   1.00 53.19  ? 167 GLN A O   1 
ATOM   1352 C  CB  . GLN A 1 167 ? 22.193  -3.093  9.383   1.00 66.80  ? 167 GLN A CB  1 
ATOM   1353 C  CG  . GLN A 1 167 ? 20.838  -3.270  10.056  1.00 71.81  ? 167 GLN A CG  1 
ATOM   1354 C  CD  . GLN A 1 167 ? 20.825  -4.268  11.219  1.00 83.65  ? 167 GLN A CD  1 
ATOM   1355 O  OE1 . GLN A 1 167 ? 19.795  -4.911  11.494  1.00 79.50  ? 167 GLN A OE1 1 
ATOM   1356 N  NE2 . GLN A 1 167 ? 21.957  -4.389  11.928  1.00 93.64  ? 167 GLN A NE2 1 
ATOM   1357 N  N   . VAL A 1 168 ? 21.336  -6.197  8.264   1.00 58.63  ? 168 VAL A N   1 
ATOM   1358 C  CA  . VAL A 1 168 ? 20.387  -7.022  7.550   1.00 54.30  ? 168 VAL A CA  1 
ATOM   1359 C  C   . VAL A 1 168 ? 18.992  -6.705  8.062   1.00 54.59  ? 168 VAL A C   1 
ATOM   1360 O  O   . VAL A 1 168 ? 18.679  -6.920  9.230   1.00 49.84  ? 168 VAL A O   1 
ATOM   1361 C  CB  . VAL A 1 168 ? 20.665  -8.496  7.731   1.00 55.39  ? 168 VAL A CB  1 
ATOM   1362 C  CG1 . VAL A 1 168 ? 19.445  -9.329  7.314   1.00 53.94  ? 168 VAL A CG1 1 
ATOM   1363 C  CG2 . VAL A 1 168 ? 21.903  -8.853  6.904   1.00 54.57  ? 168 VAL A CG2 1 
ATOM   1364 N  N   . HIS A 1 169 ? 18.168  -6.204  7.147   1.00 53.57  ? 169 HIS A N   1 
ATOM   1365 C  CA  . HIS A 1 169 ? 16.860  -5.691  7.480   1.00 45.31  ? 169 HIS A CA  1 
ATOM   1366 C  C   . HIS A 1 169 ? 16.075  -6.840  8.064   1.00 47.51  ? 169 HIS A C   1 
ATOM   1367 O  O   . HIS A 1 169 ? 16.203  -7.985  7.617   1.00 49.26  ? 169 HIS A O   1 
ATOM   1368 C  CB  . HIS A 1 169 ? 16.222  -5.079  6.214   1.00 48.23  ? 169 HIS A CB  1 
ATOM   1369 C  CG  . HIS A 1 169 ? 14.810  -4.610  6.395   1.00 48.48  ? 169 HIS A CG  1 
ATOM   1370 N  ND1 . HIS A 1 169 ? 14.411  -3.315  6.155   1.00 52.12  ? 169 HIS A ND1 1 
ATOM   1371 C  CD2 . HIS A 1 169 ? 13.688  -5.289  6.720   1.00 48.85  ? 169 HIS A CD2 1 
ATOM   1372 C  CE1 . HIS A 1 169 ? 13.111  -3.213  6.368   1.00 45.72  ? 169 HIS A CE1 1 
ATOM   1373 N  NE2 . HIS A 1 169 ? 12.649  -4.405  6.697   1.00 47.15  ? 169 HIS A NE2 1 
ATOM   1374 N  N   . PRO A 1 170 ? 15.292  -6.570  9.104   1.00 50.20  ? 170 PRO A N   1 
ATOM   1375 C  CA  . PRO A 1 170 ? 14.497  -7.605  9.760   1.00 55.18  ? 170 PRO A CA  1 
ATOM   1376 C  C   . PRO A 1 170 ? 13.511  -8.385  8.893   1.00 55.04  ? 170 PRO A C   1 
ATOM   1377 O  O   . PRO A 1 170 ? 12.982  -9.400  9.323   1.00 49.47  ? 170 PRO A O   1 
ATOM   1378 C  CB  . PRO A 1 170 ? 13.692  -6.815  10.787  1.00 59.49  ? 170 PRO A CB  1 
ATOM   1379 C  CG  . PRO A 1 170 ? 14.484  -5.576  11.043  1.00 60.30  ? 170 PRO A CG  1 
ATOM   1380 C  CD  . PRO A 1 170 ? 15.150  -5.254  9.762   1.00 56.26  ? 170 PRO A CD  1 
ATOM   1381 N  N   . GLY A 1 171 ? 13.203  -7.898  7.705   1.00 56.21  ? 171 GLY A N   1 
ATOM   1382 C  CA  . GLY A 1 171 ? 12.140  -8.497  6.912   1.00 61.10  ? 171 GLY A CA  1 
ATOM   1383 C  C   . GLY A 1 171 ? 10.869  -8.744  7.707   1.00 68.25  ? 171 GLY A C   1 
ATOM   1384 O  O   . GLY A 1 171 ? 10.410  -7.854  8.446   1.00 65.73  ? 171 GLY A O   1 
ATOM   1385 N  N   . ARG A 1 172 ? 10.317  -9.958  7.598   1.00 78.77  ? 172 ARG A N   1 
ATOM   1386 C  CA  . ARG A 1 172 ? 8.897   -10.194 7.936   1.00 94.80  ? 172 ARG A CA  1 
ATOM   1387 C  C   . ARG A 1 172 ? 8.608   -10.132 9.429   1.00 95.82  ? 172 ARG A C   1 
ATOM   1388 O  O   . ARG A 1 172 ? 7.729   -10.819 9.925   1.00 98.16  ? 172 ARG A O   1 
ATOM   1389 C  CB  . ARG A 1 172 ? 8.376   -11.520 7.338   1.00 108.15 ? 172 ARG A CB  1 
ATOM   1390 C  CG  . ARG A 1 172 ? 6.866   -11.524 7.024   1.00 123.94 ? 172 ARG A CG  1 
ATOM   1391 C  CD  . ARG A 1 172 ? 6.380   -12.794 6.312   1.00 131.67 ? 172 ARG A CD  1 
ATOM   1392 N  NE  . ARG A 1 172 ? 6.233   -13.924 7.237   1.00 138.69 ? 172 ARG A NE  1 
ATOM   1393 C  CZ  . ARG A 1 172 ? 7.194   -14.796 7.560   1.00 144.88 ? 172 ARG A CZ  1 
ATOM   1394 N  NH1 . ARG A 1 172 ? 8.419   -14.712 7.032   1.00 139.38 ? 172 ARG A NH1 1 
ATOM   1395 N  NH2 . ARG A 1 172 ? 6.923   -15.778 8.422   1.00 146.70 ? 172 ARG A NH2 1 
ATOM   1396 N  N   . ALA A 1 173 ? 9.363   -9.316  10.147  1.00 106.21 ? 173 ALA A N   1 
ATOM   1397 C  CA  . ALA A 1 173 ? 8.969   -8.895  11.479  1.00 113.53 ? 173 ALA A CA  1 
ATOM   1398 C  C   . ALA A 1 173 ? 9.621   -7.544  11.787  1.00 114.86 ? 173 ALA A C   1 
ATOM   1399 O  O   . ALA A 1 173 ? 10.153  -7.347  12.877  1.00 131.08 ? 173 ALA A O   1 
ATOM   1400 C  CB  . ALA A 1 173 ? 9.347   -9.958  12.510  1.00 102.40 ? 173 ALA A CB  1 
ATOM   1401 N  N   . ALA A 1 174 ? 9.559   -6.611  10.830  1.00 100.71 ? 174 ALA A N   1 
ATOM   1402 C  CA  . ALA A 1 174 ? 10.234  -5.316  10.977  1.00 96.32  ? 174 ALA A CA  1 
ATOM   1403 C  C   . ALA A 1 174 ? 9.346   -4.277  11.658  1.00 99.11  ? 174 ALA A C   1 
ATOM   1404 O  O   . ALA A 1 174 ? 9.843   -3.254  12.153  1.00 99.37  ? 174 ALA A O   1 
ATOM   1405 C  CB  . ALA A 1 174 ? 10.714  -4.796  9.631   1.00 93.37  ? 174 ALA A CB  1 
HETATM 1406 FE FE  . FE2 B 2 .   ? 0.544   2.539   -2.207  1.00 100.12 ? 201 FE2 A FE  1 
HETATM 1407 FE FE  . FE2 C 2 .   ? 22.220  0.631   6.868   1.00 51.99  ? 202 FE2 A FE  1 
HETATM 1408 O  O8  . 3HA D 3 .   ? -3.329  2.349   1.760   1.00 39.40  ? 203 3HA A O8  1 
HETATM 1409 C  C7  . 3HA D 3 .   ? -3.096  1.140   1.676   1.00 37.17  ? 203 3HA A C7  1 
HETATM 1410 O  O9  . 3HA D 3 .   ? -3.163  0.380   2.623   1.00 37.97  ? 203 3HA A O9  1 
HETATM 1411 C  C2  . 3HA D 3 .   ? -2.570  0.588   0.398   1.00 47.19  ? 203 3HA A C2  1 
HETATM 1412 C  C1  . 3HA D 3 .   ? -2.624  -0.770  0.115   1.00 51.84  ? 203 3HA A C1  1 
HETATM 1413 C  C6  . 3HA D 3 .   ? -2.087  -1.284  -1.070  1.00 54.20  ? 203 3HA A C6  1 
HETATM 1414 C  C5  . 3HA D 3 .   ? -1.454  -0.522  -2.030  1.00 52.20  ? 203 3HA A C5  1 
HETATM 1415 C  C4  . 3HA D 3 .   ? -1.352  0.845   -1.829  1.00 62.55  ? 203 3HA A C4  1 
HETATM 1416 O  O11 . 3HA D 3 .   ? -0.750  1.567   -2.809  1.00 71.04  ? 203 3HA A O11 1 
HETATM 1417 C  C3  . 3HA D 3 .   ? -1.910  1.485   -0.574  1.00 51.49  ? 203 3HA A C3  1 
HETATM 1418 N  N10 . 3HA D 3 .   ? -1.845  2.821   -0.307  1.00 53.28  ? 203 3HA A N10 1 
HETATM 1419 O  O   . HOH E 4 .   ? -9.914  -7.790  -5.201  1.00 41.20  ? 301 HOH A O   1 
HETATM 1420 O  O   . HOH E 4 .   ? 2.942   -0.157  -12.910 1.00 35.91  ? 302 HOH A O   1 
HETATM 1421 O  O   . HOH E 4 .   ? -12.202 -0.501  -9.286  1.00 37.53  ? 303 HOH A O   1 
HETATM 1422 O  O   . HOH E 4 .   ? -5.200  -3.428  -9.534  1.00 41.51  ? 304 HOH A O   1 
HETATM 1423 O  O   . HOH E 4 .   ? -18.967 2.856   6.272   1.00 41.37  ? 305 HOH A O   1 
HETATM 1424 O  O   . HOH E 4 .   ? 1.839   -3.008  9.066   1.00 46.30  ? 306 HOH A O   1 
HETATM 1425 O  O   . HOH E 4 .   ? 6.961   1.462   7.514   1.00 40.02  ? 307 HOH A O   1 
HETATM 1426 O  O   . HOH E 4 .   ? -4.885  -0.790  -2.471  1.00 43.13  ? 308 HOH A O   1 
HETATM 1427 O  O   . HOH E 4 .   ? -1.723  -1.881  3.132   1.00 42.79  ? 309 HOH A O   1 
HETATM 1428 O  O   . HOH E 4 .   ? -8.048  1.011   7.450   1.00 44.09  ? 310 HOH A O   1 
HETATM 1429 O  O   . HOH E 4 .   ? -6.070  0.464   11.066  1.00 41.65  ? 311 HOH A O   1 
HETATM 1430 O  O   . HOH E 4 .   ? 0.925   -2.456  11.620  1.00 50.99  ? 312 HOH A O   1 
HETATM 1431 O  O   . HOH E 4 .   ? 3.656   6.883   -4.326  1.00 43.27  ? 313 HOH A O   1 
HETATM 1432 O  O   . HOH E 4 .   ? 1.582   8.575   -5.222  1.00 38.01  ? 314 HOH A O   1 
# 
loop_
_pdbx_poly_seq_scheme.asym_id 
_pdbx_poly_seq_scheme.entity_id 
_pdbx_poly_seq_scheme.seq_id 
_pdbx_poly_seq_scheme.mon_id 
_pdbx_poly_seq_scheme.ndb_seq_num 
_pdbx_poly_seq_scheme.pdb_seq_num 
_pdbx_poly_seq_scheme.auth_seq_num 
_pdbx_poly_seq_scheme.pdb_mon_id 
_pdbx_poly_seq_scheme.auth_mon_id 
_pdbx_poly_seq_scheme.pdb_strand_id 
_pdbx_poly_seq_scheme.pdb_ins_code 
_pdbx_poly_seq_scheme.hetero 
A 1 1   MET 1   1   1   MET MET A . n 
A 1 2   LEU 2   2   2   LEU LEU A . n 
A 1 3   THR 3   3   3   THR THR A . n 
A 1 4   TYR 4   4   4   TYR TYR A . n 
A 1 5   GLY 5   5   5   GLY GLY A . n 
A 1 6   ALA 6   6   6   ALA ALA A . n 
A 1 7   PRO 7   7   7   PRO PRO A . n 
A 1 8   PHE 8   8   8   PHE PHE A . n 
A 1 9   ASN 9   9   9   ASN ASN A . n 
A 1 10  PHE 10  10  10  PHE PHE A . n 
A 1 11  PRO 11  11  11  PRO PRO A . n 
A 1 12  ARG 12  12  12  ARG ARG A . n 
A 1 13  TRP 13  13  13  TRP TRP A . n 
A 1 14  ILE 14  14  14  ILE ILE A . n 
A 1 15  ASP 15  15  15  ASP ASP A . n 
A 1 16  GLU 16  16  16  GLU GLU A . n 
A 1 17  HIS 17  17  17  HIS HIS A . n 
A 1 18  ALA 18  18  18  ALA ALA A . n 
A 1 19  HIS 19  19  19  HIS HIS A . n 
A 1 20  LEU 20  20  20  LEU LEU A . n 
A 1 21  LEU 21  21  21  LEU LEU A . n 
A 1 22  LYS 22  22  22  LYS LYS A . n 
A 1 23  PRO 23  23  23  PRO PRO A . n 
A 1 24  PRO 24  24  24  PRO PRO A . n 
A 1 25  VAL 25  25  25  VAL VAL A . n 
A 1 26  GLY 26  26  26  GLY GLY A . n 
A 1 27  ASN 27  27  27  ASN ASN A . n 
A 1 28  ARG 28  28  28  ARG ARG A . n 
A 1 29  GLN 29  29  29  GLN GLN A . n 
A 1 30  VAL 30  30  30  VAL VAL A . n 
A 1 31  TRP 31  31  31  TRP TRP A . n 
A 1 32  GLN 32  32  32  GLN GLN A . n 
A 1 33  ASP 33  33  33  ASP ASP A . n 
A 1 34  SER 34  34  34  SER SER A . n 
A 1 35  ASP 35  35  35  ASP ASP A . n 
A 1 36  PHE 36  36  36  PHE PHE A . n 
A 1 37  ILE 37  37  37  ILE ILE A . n 
A 1 38  VAL 38  38  38  VAL VAL A . n 
A 1 39  THR 39  39  39  THR THR A . n 
A 1 40  VAL 40  40  40  VAL VAL A . n 
A 1 41  VAL 41  41  41  VAL VAL A . n 
A 1 42  GLY 42  42  42  GLY GLY A . n 
A 1 43  GLY 43  43  43  GLY GLY A . n 
A 1 44  PRO 44  44  44  PRO PRO A . n 
A 1 45  ASN 45  45  45  ASN ASN A . n 
A 1 46  HIS 46  46  46  HIS HIS A . n 
A 1 47  ARG 47  47  47  ARG ARG A . n 
A 1 48  THR 48  48  48  THR THR A . n 
A 1 49  ASP 49  49  49  ASP ASP A . n 
A 1 50  TYR 50  50  50  TYR TYR A . n 
A 1 51  HIS 51  51  51  HIS HIS A . n 
A 1 52  ASP 52  52  52  ASP ASP A . n 
A 1 53  ASP 53  53  53  ASP ASP A . n 
A 1 54  PRO 54  54  54  PRO PRO A . n 
A 1 55  LEU 55  55  55  LEU LEU A . n 
A 1 56  GLU 56  56  56  GLU GLU A . n 
A 1 57  GLU 57  57  57  GLU GLU A . n 
A 1 58  PHE 58  58  58  PHE PHE A . n 
A 1 59  PHE 59  59  59  PHE PHE A . n 
A 1 60  TYR 60  60  60  TYR TYR A . n 
A 1 61  GLN 61  61  61  GLN GLN A . n 
A 1 62  LEU 62  62  62  LEU LEU A . n 
A 1 63  ARG 63  63  63  ARG ARG A . n 
A 1 64  GLY 64  64  64  GLY GLY A . n 
A 1 65  ASN 65  65  65  ASN ASN A . n 
A 1 66  ALA 66  66  66  ALA ALA A . n 
A 1 67  TYR 67  67  67  TYR TYR A . n 
A 1 68  LEU 68  68  68  LEU LEU A . n 
A 1 69  ASN 69  69  69  ASN ASN A . n 
A 1 70  LEU 70  70  70  LEU LEU A . n 
A 1 71  TRP 71  71  71  TRP TRP A . n 
A 1 72  VAL 72  72  72  VAL VAL A . n 
A 1 73  ASP 73  73  73  ASP ASP A . n 
A 1 74  GLY 74  74  74  GLY GLY A . n 
A 1 75  ARG 75  75  75  ARG ARG A . n 
A 1 76  ARG 76  76  76  ARG ARG A . n 
A 1 77  GLU 77  77  77  GLU GLU A . n 
A 1 78  ARG 78  78  78  ARG ARG A . n 
A 1 79  ALA 79  79  79  ALA ALA A . n 
A 1 80  ASP 80  80  80  ASP ASP A . n 
A 1 81  LEU 81  81  81  LEU LEU A . n 
A 1 82  LYS 82  82  82  LYS LYS A . n 
A 1 83  GLU 83  83  83  GLU GLU A . n 
A 1 84  GLY 84  84  84  GLY GLY A . n 
A 1 85  ASP 85  85  85  ASP ASP A . n 
A 1 86  ILE 86  86  86  ILE ILE A . n 
A 1 87  PHE 87  87  87  PHE PHE A . n 
A 1 88  LEU 88  88  88  LEU LEU A . n 
A 1 89  LEU 89  89  89  LEU LEU A . n 
A 1 90  PRO 90  90  90  PRO PRO A . n 
A 1 91  PRO 91  91  91  PRO PRO A . n 
A 1 92  HIS 92  92  92  HIS HIS A . n 
A 1 93  VAL 93  93  93  VAL VAL A . n 
A 1 94  ARG 94  94  94  ARG ARG A . n 
A 1 95  HIS 95  95  95  HIS HIS A . n 
A 1 96  SER 96  96  96  SER SER A . n 
A 1 97  PRO 97  97  97  PRO PRO A . n 
A 1 98  GLN 98  98  98  GLN GLN A . n 
A 1 99  ARG 99  99  99  ARG ARG A . n 
A 1 100 PRO 100 100 100 PRO PRO A . n 
A 1 101 GLU 101 101 101 GLU GLU A . n 
A 1 102 ALA 102 102 102 ALA ALA A . n 
A 1 103 GLY 103 103 103 GLY GLY A . n 
A 1 104 SER 104 104 104 SER SER A . n 
A 1 105 ALA 105 105 105 ALA ALA A . n 
A 1 106 CYS 106 106 106 CYS CYS A . n 
A 1 107 LEU 107 107 107 LEU LEU A . n 
A 1 108 VAL 108 108 108 VAL VAL A . n 
A 1 109 ILE 109 109 109 ILE ILE A . n 
A 1 110 ALA 110 110 110 ALA ALA A . n 
A 1 111 ARG 111 111 111 ARG ARG A . n 
A 1 112 GLN 112 112 112 GLN GLN A . n 
A 1 113 ARG 113 113 113 ARG ARG A . n 
A 1 114 PRO 114 114 114 PRO PRO A . n 
A 1 115 ALA 115 115 115 ALA ALA A . n 
A 1 116 GLY 116 116 116 GLY GLY A . n 
A 1 117 MET 117 117 117 MET MET A . n 
A 1 118 LEU 118 118 118 LEU LEU A . n 
A 1 119 ASP 119 119 119 ASP ASP A . n 
A 1 120 GLY 120 120 120 GLY GLY A . n 
A 1 121 PHE 121 121 121 PHE PHE A . n 
A 1 122 GLU 122 122 122 GLU GLU A . n 
A 1 123 TRP 123 123 123 TRP TRP A . n 
A 1 124 TYR 124 124 124 TYR TYR A . n 
A 1 125 CYS 125 125 125 CYS CYS A . n 
A 1 126 ASP 126 126 126 ASP ASP A . n 
A 1 127 ALA 127 127 127 ALA ALA A . n 
A 1 128 CYS 128 128 128 CYS CYS A . n 
A 1 129 GLY 129 129 129 GLY GLY A . n 
A 1 130 HIS 130 130 130 HIS HIS A . n 
A 1 131 LEU 131 131 131 LEU LEU A . n 
A 1 132 VAL 132 132 132 VAL VAL A . n 
A 1 133 HIS 133 133 133 HIS HIS A . n 
A 1 134 ARG 134 134 134 ARG ARG A . n 
A 1 135 VAL 135 135 135 VAL VAL A . n 
A 1 136 GLU 136 136 136 GLU GLU A . n 
A 1 137 VAL 137 137 137 VAL VAL A . n 
A 1 138 GLN 138 138 138 GLN GLN A . n 
A 1 139 LEU 139 139 139 LEU LEU A . n 
A 1 140 LYS 140 140 140 LYS LYS A . n 
A 1 141 SER 141 141 141 SER SER A . n 
A 1 142 ILE 142 142 142 ILE ILE A . n 
A 1 143 VAL 143 143 143 VAL VAL A . n 
A 1 144 THR 144 144 144 THR THR A . n 
A 1 145 ASP 145 145 145 ASP ASP A . n 
A 1 146 LEU 146 146 146 LEU LEU A . n 
A 1 147 PRO 147 147 147 PRO PRO A . n 
A 1 148 PRO 148 148 148 PRO PRO A . n 
A 1 149 LEU 149 149 149 LEU LEU A . n 
A 1 150 PHE 150 150 150 PHE PHE A . n 
A 1 151 GLU 151 151 151 GLU GLU A . n 
A 1 152 SER 152 152 152 SER SER A . n 
A 1 153 PHE 153 153 153 PHE PHE A . n 
A 1 154 TYR 154 154 154 TYR TYR A . n 
A 1 155 ALA 155 155 155 ALA ALA A . n 
A 1 156 SER 156 156 156 SER SER A . n 
A 1 157 GLU 157 157 157 GLU GLU A . n 
A 1 158 ASP 158 158 158 ASP ASP A . n 
A 1 159 LYS 159 159 159 LYS LYS A . n 
A 1 160 ARG 160 160 160 ARG ARG A . n 
A 1 161 ARG 161 161 161 ARG ARG A . n 
A 1 162 CYS 162 162 162 CYS CYS A . n 
A 1 163 PRO 163 163 163 PRO PRO A . n 
A 1 164 HIS 164 164 164 HIS HIS A . n 
A 1 165 CYS 165 165 165 CYS CYS A . n 
A 1 166 GLY 166 166 166 GLY GLY A . n 
A 1 167 GLN 167 167 167 GLN GLN A . n 
A 1 168 VAL 168 168 168 VAL VAL A . n 
A 1 169 HIS 169 169 169 HIS HIS A . n 
A 1 170 PRO 170 170 170 PRO PRO A . n 
A 1 171 GLY 171 171 171 GLY GLY A . n 
A 1 172 ARG 172 172 172 ARG ARG A . n 
A 1 173 ALA 173 173 173 ALA ALA A . n 
A 1 174 ALA 174 174 174 ALA ALA A . n 
# 
loop_
_pdbx_nonpoly_scheme.asym_id 
_pdbx_nonpoly_scheme.entity_id 
_pdbx_nonpoly_scheme.mon_id 
_pdbx_nonpoly_scheme.ndb_seq_num 
_pdbx_nonpoly_scheme.pdb_seq_num 
_pdbx_nonpoly_scheme.auth_seq_num 
_pdbx_nonpoly_scheme.pdb_mon_id 
_pdbx_nonpoly_scheme.auth_mon_id 
_pdbx_nonpoly_scheme.pdb_strand_id 
_pdbx_nonpoly_scheme.pdb_ins_code 
B 2 FE2 1  201 300 FE2 FE  A . 
C 2 FE2 1  202 301 FE2 FE  A . 
D 3 3HA 1  203 401 3HA 3HA A . 
E 4 HOH 1  301 1   HOH HOH A . 
E 4 HOH 2  302 2   HOH HOH A . 
E 4 HOH 3  303 3   HOH HOH A . 
E 4 HOH 4  304 4   HOH HOH A . 
E 4 HOH 5  305 5   HOH HOH A . 
E 4 HOH 6  306 6   HOH HOH A . 
E 4 HOH 7  307 7   HOH HOH A . 
E 4 HOH 8  308 1   HOH HOH A . 
E 4 HOH 9  309 2   HOH HOH A . 
E 4 HOH 10 310 3   HOH HOH A . 
E 4 HOH 11 311 4   HOH HOH A . 
E 4 HOH 12 312 5   HOH HOH A . 
E 4 HOH 13 313 6   HOH HOH A . 
E 4 HOH 14 314 7   HOH HOH A . 
# 
_pdbx_struct_assembly.id                   1 
_pdbx_struct_assembly.details              author_and_software_defined_assembly 
_pdbx_struct_assembly.method_details       PISA 
_pdbx_struct_assembly.oligomeric_details   dimeric 
_pdbx_struct_assembly.oligomeric_count     2 
# 
_pdbx_struct_assembly_gen.assembly_id       1 
_pdbx_struct_assembly_gen.oper_expression   1,2 
_pdbx_struct_assembly_gen.asym_id_list      A,B,C,D,E 
# 
loop_
_pdbx_struct_assembly_prop.biol_id 
_pdbx_struct_assembly_prop.type 
_pdbx_struct_assembly_prop.value 
_pdbx_struct_assembly_prop.details 
1 'ABSA (A^2)' 4400  ? 
1 MORE         -47   ? 
1 'SSA (A^2)'  15230 ? 
# 
loop_
_pdbx_struct_oper_list.id 
_pdbx_struct_oper_list.type 
_pdbx_struct_oper_list.name 
_pdbx_struct_oper_list.symmetry_operation 
_pdbx_struct_oper_list.matrix[1][1] 
_pdbx_struct_oper_list.matrix[1][2] 
_pdbx_struct_oper_list.matrix[1][3] 
_pdbx_struct_oper_list.vector[1] 
_pdbx_struct_oper_list.matrix[2][1] 
_pdbx_struct_oper_list.matrix[2][2] 
_pdbx_struct_oper_list.matrix[2][3] 
_pdbx_struct_oper_list.vector[2] 
_pdbx_struct_oper_list.matrix[3][1] 
_pdbx_struct_oper_list.matrix[3][2] 
_pdbx_struct_oper_list.matrix[3][3] 
_pdbx_struct_oper_list.vector[3] 
1 'identity operation'         1_555  x,y,z            1.0000000000  0.0000000000 0.0000000000  0.0000000000   0.0000000000 1.0000000000  0.0000000000  0.0000000000  0.0000000000  0.0000000000  1.0000000000 0.0000000000   
2 'crystal symmetry operation' 10_445 -y-1,-x-1,-z+1/6 -0.4088781721 0.0189619133 -0.9123919586 -22.3758143034 0.0189619133 -0.9993917427 -0.0292675662 17.2085895505 -0.9123919586 -0.0292675662 0.4082699149 -14.1392351666 
# 
loop_
_pdbx_struct_conn_angle.id 
_pdbx_struct_conn_angle.ptnr1_label_atom_id 
_pdbx_struct_conn_angle.ptnr1_label_alt_id 
_pdbx_struct_conn_angle.ptnr1_label_asym_id 
_pdbx_struct_conn_angle.ptnr1_label_comp_id 
_pdbx_struct_conn_angle.ptnr1_label_seq_id 
_pdbx_struct_conn_angle.ptnr1_auth_atom_id 
_pdbx_struct_conn_angle.ptnr1_auth_asym_id 
_pdbx_struct_conn_angle.ptnr1_auth_comp_id 
_pdbx_struct_conn_angle.ptnr1_auth_seq_id 
_pdbx_struct_conn_angle.ptnr1_PDB_ins_code 
_pdbx_struct_conn_angle.ptnr1_symmetry 
_pdbx_struct_conn_angle.ptnr2_label_atom_id 
_pdbx_struct_conn_angle.ptnr2_label_alt_id 
_pdbx_struct_conn_angle.ptnr2_label_asym_id 
_pdbx_struct_conn_angle.ptnr2_label_comp_id 
_pdbx_struct_conn_angle.ptnr2_label_seq_id 
_pdbx_struct_conn_angle.ptnr2_auth_atom_id 
_pdbx_struct_conn_angle.ptnr2_auth_asym_id 
_pdbx_struct_conn_angle.ptnr2_auth_comp_id 
_pdbx_struct_conn_angle.ptnr2_auth_seq_id 
_pdbx_struct_conn_angle.ptnr2_PDB_ins_code 
_pdbx_struct_conn_angle.ptnr2_symmetry 
_pdbx_struct_conn_angle.ptnr3_label_atom_id 
_pdbx_struct_conn_angle.ptnr3_label_alt_id 
_pdbx_struct_conn_angle.ptnr3_label_asym_id 
_pdbx_struct_conn_angle.ptnr3_label_comp_id 
_pdbx_struct_conn_angle.ptnr3_label_seq_id 
_pdbx_struct_conn_angle.ptnr3_auth_atom_id 
_pdbx_struct_conn_angle.ptnr3_auth_asym_id 
_pdbx_struct_conn_angle.ptnr3_auth_comp_id 
_pdbx_struct_conn_angle.ptnr3_auth_seq_id 
_pdbx_struct_conn_angle.ptnr3_PDB_ins_code 
_pdbx_struct_conn_angle.ptnr3_symmetry 
_pdbx_struct_conn_angle.value 
_pdbx_struct_conn_angle.value_esd 
1 ND1 ? A HIS 51  ? A HIS 51  ? 1_555 FE ? B FE2 . ? A FE2 201 ? 1_555 NE2 ? A HIS 95  ? A HIS 95  ? 1_555 103.1 ? 
2 ND1 ? A HIS 51  ? A HIS 51  ? 1_555 FE ? B FE2 . ? A FE2 201 ? 1_555 O11 ? D 3HA .   ? A 3HA 203 ? 1_555 91.8  ? 
3 NE2 ? A HIS 95  ? A HIS 95  ? 1_555 FE ? B FE2 . ? A FE2 201 ? 1_555 O11 ? D 3HA .   ? A 3HA 203 ? 1_555 153.9 ? 
4 SG  ? A CYS 125 ? A CYS 125 ? 1_555 FE ? C FE2 . ? A FE2 202 ? 1_555 SG  ? A CYS 128 ? A CYS 128 ? 1_555 125.0 ? 
5 SG  ? A CYS 125 ? A CYS 125 ? 1_555 FE ? C FE2 . ? A FE2 202 ? 1_555 SG  ? A CYS 162 ? A CYS 162 ? 1_555 115.2 ? 
6 SG  ? A CYS 128 ? A CYS 128 ? 1_555 FE ? C FE2 . ? A FE2 202 ? 1_555 SG  ? A CYS 162 ? A CYS 162 ? 1_555 89.4  ? 
7 SG  ? A CYS 125 ? A CYS 125 ? 1_555 FE ? C FE2 . ? A FE2 202 ? 1_555 SG  ? A CYS 165 ? A CYS 165 ? 1_555 98.5  ? 
8 SG  ? A CYS 128 ? A CYS 128 ? 1_555 FE ? C FE2 . ? A FE2 202 ? 1_555 SG  ? A CYS 165 ? A CYS 165 ? 1_555 120.2 ? 
9 SG  ? A CYS 162 ? A CYS 162 ? 1_555 FE ? C FE2 . ? A FE2 202 ? 1_555 SG  ? A CYS 165 ? A CYS 165 ? 1_555 108.6 ? 
# 
loop_
_pdbx_audit_revision_history.ordinal 
_pdbx_audit_revision_history.data_content_type 
_pdbx_audit_revision_history.major_revision 
_pdbx_audit_revision_history.minor_revision 
_pdbx_audit_revision_history.revision_date 
1 'Structure model' 1 0 2013-11-27 
2 'Structure model' 1 1 2017-11-15 
3 'Structure model' 1 2 2023-09-20 
# 
_pdbx_audit_revision_details.ordinal             1 
_pdbx_audit_revision_details.revision_ordinal    1 
_pdbx_audit_revision_details.data_content_type   'Structure model' 
_pdbx_audit_revision_details.provider            repository 
_pdbx_audit_revision_details.type                'Initial release' 
_pdbx_audit_revision_details.description         ? 
_pdbx_audit_revision_details.details             ? 
# 
loop_
_pdbx_audit_revision_group.ordinal 
_pdbx_audit_revision_group.revision_ordinal 
_pdbx_audit_revision_group.data_content_type 
_pdbx_audit_revision_group.group 
1 2 'Structure model' 'Refinement description' 
2 3 'Structure model' 'Data collection'        
3 3 'Structure model' 'Database references'    
4 3 'Structure model' 'Derived calculations'   
5 3 'Structure model' 'Refinement description' 
# 
loop_
_pdbx_audit_revision_category.ordinal 
_pdbx_audit_revision_category.revision_ordinal 
_pdbx_audit_revision_category.data_content_type 
_pdbx_audit_revision_category.category 
1 2 'Structure model' software                      
2 3 'Structure model' chem_comp_atom                
3 3 'Structure model' chem_comp_bond                
4 3 'Structure model' database_2                    
5 3 'Structure model' pdbx_initial_refinement_model 
6 3 'Structure model' pdbx_struct_conn_angle        
7 3 'Structure model' struct_conn                   
8 3 'Structure model' struct_ref_seq_dif            
9 3 'Structure model' struct_site                   
# 
loop_
_pdbx_audit_revision_item.ordinal 
_pdbx_audit_revision_item.revision_ordinal 
_pdbx_audit_revision_item.data_content_type 
_pdbx_audit_revision_item.item 
1  2 'Structure model' '_software.name'                              
2  3 'Structure model' '_database_2.pdbx_DOI'                        
3  3 'Structure model' '_database_2.pdbx_database_accession'         
4  3 'Structure model' '_pdbx_struct_conn_angle.ptnr1_auth_comp_id'  
5  3 'Structure model' '_pdbx_struct_conn_angle.ptnr1_auth_seq_id'   
6  3 'Structure model' '_pdbx_struct_conn_angle.ptnr1_label_asym_id' 
7  3 'Structure model' '_pdbx_struct_conn_angle.ptnr1_label_atom_id' 
8  3 'Structure model' '_pdbx_struct_conn_angle.ptnr1_label_comp_id' 
9  3 'Structure model' '_pdbx_struct_conn_angle.ptnr1_label_seq_id'  
10 3 'Structure model' '_pdbx_struct_conn_angle.ptnr3_auth_comp_id'  
11 3 'Structure model' '_pdbx_struct_conn_angle.ptnr3_auth_seq_id'   
12 3 'Structure model' '_pdbx_struct_conn_angle.ptnr3_label_asym_id' 
13 3 'Structure model' '_pdbx_struct_conn_angle.ptnr3_label_atom_id' 
14 3 'Structure model' '_pdbx_struct_conn_angle.ptnr3_label_comp_id' 
15 3 'Structure model' '_pdbx_struct_conn_angle.ptnr3_label_seq_id'  
16 3 'Structure model' '_pdbx_struct_conn_angle.value'               
17 3 'Structure model' '_struct_conn.pdbx_dist_value'                
18 3 'Structure model' '_struct_conn.ptnr1_auth_comp_id'             
19 3 'Structure model' '_struct_conn.ptnr1_auth_seq_id'              
20 3 'Structure model' '_struct_conn.ptnr1_label_asym_id'            
21 3 'Structure model' '_struct_conn.ptnr1_label_atom_id'            
22 3 'Structure model' '_struct_conn.ptnr1_label_comp_id'            
23 3 'Structure model' '_struct_conn.ptnr1_label_seq_id'             
24 3 'Structure model' '_struct_conn.ptnr2_auth_comp_id'             
25 3 'Structure model' '_struct_conn.ptnr2_auth_seq_id'              
26 3 'Structure model' '_struct_conn.ptnr2_label_asym_id'            
27 3 'Structure model' '_struct_conn.ptnr2_label_atom_id'            
28 3 'Structure model' '_struct_conn.ptnr2_label_comp_id'            
29 3 'Structure model' '_struct_ref_seq_dif.details'                 
30 3 'Structure model' '_struct_site.pdbx_auth_asym_id'              
31 3 'Structure model' '_struct_site.pdbx_auth_comp_id'              
32 3 'Structure model' '_struct_site.pdbx_auth_seq_id'               
# 
loop_
_software.pdbx_ordinal 
_software.name 
_software.version 
_software.date 
_software.type 
_software.contact_author 
_software.contact_author_email 
_software.classification 
_software.location 
_software.language 
_software.citation_id 
1 REFMAC      5.7.0029 ?                program 'Garib N. Murshudov' garib@ysbl.york.ac.uk    refinement        
http://www.ccp4.ac.uk/dist/html/refmac5.html Fortran_77 ? 
2 PDB_EXTRACT 3.11     'April 22, 2011' package PDB                  deposit@deposit.rcsb.org 'data extraction' 
http://sw-tools.pdb.org/apps/PDB_EXTRACT/    C++        ? 
3 SERGUI      .        ?                ?       ?                    ?                        'data collection' ? ?          ? 
4 HKL-2000    .        ?                ?       ?                    ?                        'data reduction'  ? ?          ? 
5 HKL-2000    .        ?                ?       ?                    ?                        'data scaling'    ? ?          ? 
6 MOLREP      .        ?                ?       ?                    ?                        phasing           ? ?          ? 
# 
loop_
_pdbx_validate_rmsd_angle.id 
_pdbx_validate_rmsd_angle.PDB_model_num 
_pdbx_validate_rmsd_angle.auth_atom_id_1 
_pdbx_validate_rmsd_angle.auth_asym_id_1 
_pdbx_validate_rmsd_angle.auth_comp_id_1 
_pdbx_validate_rmsd_angle.auth_seq_id_1 
_pdbx_validate_rmsd_angle.PDB_ins_code_1 
_pdbx_validate_rmsd_angle.label_alt_id_1 
_pdbx_validate_rmsd_angle.auth_atom_id_2 
_pdbx_validate_rmsd_angle.auth_asym_id_2 
_pdbx_validate_rmsd_angle.auth_comp_id_2 
_pdbx_validate_rmsd_angle.auth_seq_id_2 
_pdbx_validate_rmsd_angle.PDB_ins_code_2 
_pdbx_validate_rmsd_angle.label_alt_id_2 
_pdbx_validate_rmsd_angle.auth_atom_id_3 
_pdbx_validate_rmsd_angle.auth_asym_id_3 
_pdbx_validate_rmsd_angle.auth_comp_id_3 
_pdbx_validate_rmsd_angle.auth_seq_id_3 
_pdbx_validate_rmsd_angle.PDB_ins_code_3 
_pdbx_validate_rmsd_angle.label_alt_id_3 
_pdbx_validate_rmsd_angle.angle_value 
_pdbx_validate_rmsd_angle.angle_target_value 
_pdbx_validate_rmsd_angle.angle_deviation 
_pdbx_validate_rmsd_angle.angle_standard_deviation 
_pdbx_validate_rmsd_angle.linker_flag 
1 1 CB A ASN 27  ? ? CA A ASN 27  ? ? C   A ASN 27  ? ? 96.72  110.40 -13.68 2.00 N 
2 1 NE A ARG 113 ? ? CZ A ARG 113 ? ? NH1 A ARG 113 ? ? 123.33 120.30 3.03   0.50 N 
3 1 NE A ARG 113 ? ? CZ A ARG 113 ? ? NH2 A ARG 113 ? ? 116.76 120.30 -3.54  0.50 N 
# 
loop_
_pdbx_validate_torsion.id 
_pdbx_validate_torsion.PDB_model_num 
_pdbx_validate_torsion.auth_comp_id 
_pdbx_validate_torsion.auth_asym_id 
_pdbx_validate_torsion.auth_seq_id 
_pdbx_validate_torsion.PDB_ins_code 
_pdbx_validate_torsion.label_alt_id 
_pdbx_validate_torsion.phi 
_pdbx_validate_torsion.psi 
1 1 HIS A 19  ? ? -48.46  -18.36 
2 1 LEU A 81  ? ? -116.14 79.50  
3 1 HIS A 92  ? ? 81.43   3.58   
4 1 ARG A 172 ? ? -71.52  31.02  
5 1 ALA A 173 ? ? -154.22 45.77  
# 
_pdbx_validate_peptide_omega.id               1 
_pdbx_validate_peptide_omega.PDB_model_num    1 
_pdbx_validate_peptide_omega.auth_comp_id_1   ASP 
_pdbx_validate_peptide_omega.auth_asym_id_1   A 
_pdbx_validate_peptide_omega.auth_seq_id_1    73 
_pdbx_validate_peptide_omega.PDB_ins_code_1   ? 
_pdbx_validate_peptide_omega.label_alt_id_1   ? 
_pdbx_validate_peptide_omega.auth_comp_id_2   GLY 
_pdbx_validate_peptide_omega.auth_asym_id_2   A 
_pdbx_validate_peptide_omega.auth_seq_id_2    74 
_pdbx_validate_peptide_omega.PDB_ins_code_2   ? 
_pdbx_validate_peptide_omega.label_alt_id_2   ? 
_pdbx_validate_peptide_omega.omega            -144.60 
# 
loop_
_pdbx_unobs_or_zero_occ_atoms.id 
_pdbx_unobs_or_zero_occ_atoms.PDB_model_num 
_pdbx_unobs_or_zero_occ_atoms.polymer_flag 
_pdbx_unobs_or_zero_occ_atoms.occupancy_flag 
_pdbx_unobs_or_zero_occ_atoms.auth_asym_id 
_pdbx_unobs_or_zero_occ_atoms.auth_comp_id 
_pdbx_unobs_or_zero_occ_atoms.auth_seq_id 
_pdbx_unobs_or_zero_occ_atoms.PDB_ins_code 
_pdbx_unobs_or_zero_occ_atoms.auth_atom_id 
_pdbx_unobs_or_zero_occ_atoms.label_alt_id 
_pdbx_unobs_or_zero_occ_atoms.label_asym_id 
_pdbx_unobs_or_zero_occ_atoms.label_comp_id 
_pdbx_unobs_or_zero_occ_atoms.label_seq_id 
_pdbx_unobs_or_zero_occ_atoms.label_atom_id 
1 1 Y 1 A ARG 75 ? CG  ? A ARG 75 CG  
2 1 Y 1 A ARG 75 ? CD  ? A ARG 75 CD  
3 1 Y 1 A ARG 75 ? NE  ? A ARG 75 NE  
4 1 Y 1 A ARG 75 ? CZ  ? A ARG 75 CZ  
5 1 Y 1 A ARG 75 ? NH1 ? A ARG 75 NH1 
6 1 Y 1 A ARG 75 ? NH2 ? A ARG 75 NH2 
# 
loop_
_chem_comp_atom.comp_id 
_chem_comp_atom.atom_id 
_chem_comp_atom.type_symbol 
_chem_comp_atom.pdbx_aromatic_flag 
_chem_comp_atom.pdbx_stereo_config 
_chem_comp_atom.pdbx_ordinal 
3HA O8   O  N N 1   
3HA C7   C  N N 2   
3HA O9   O  N N 3   
3HA C2   C  Y N 4   
3HA C1   C  Y N 5   
3HA C6   C  Y N 6   
3HA C5   C  Y N 7   
3HA C4   C  Y N 8   
3HA O11  O  N N 9   
3HA C3   C  Y N 10  
3HA N10  N  N N 11  
3HA HO8  H  N N 12  
3HA H1   H  N N 13  
3HA H6   H  N N 14  
3HA H5   H  N N 15  
3HA H11  H  N N 16  
3HA H101 H  N N 17  
3HA H102 H  N N 18  
ALA N    N  N N 19  
ALA CA   C  N S 20  
ALA C    C  N N 21  
ALA O    O  N N 22  
ALA CB   C  N N 23  
ALA OXT  O  N N 24  
ALA H    H  N N 25  
ALA H2   H  N N 26  
ALA HA   H  N N 27  
ALA HB1  H  N N 28  
ALA HB2  H  N N 29  
ALA HB3  H  N N 30  
ALA HXT  H  N N 31  
ARG N    N  N N 32  
ARG CA   C  N S 33  
ARG C    C  N N 34  
ARG O    O  N N 35  
ARG CB   C  N N 36  
ARG CG   C  N N 37  
ARG CD   C  N N 38  
ARG NE   N  N N 39  
ARG CZ   C  N N 40  
ARG NH1  N  N N 41  
ARG NH2  N  N N 42  
ARG OXT  O  N N 43  
ARG H    H  N N 44  
ARG H2   H  N N 45  
ARG HA   H  N N 46  
ARG HB2  H  N N 47  
ARG HB3  H  N N 48  
ARG HG2  H  N N 49  
ARG HG3  H  N N 50  
ARG HD2  H  N N 51  
ARG HD3  H  N N 52  
ARG HE   H  N N 53  
ARG HH11 H  N N 54  
ARG HH12 H  N N 55  
ARG HH21 H  N N 56  
ARG HH22 H  N N 57  
ARG HXT  H  N N 58  
ASN N    N  N N 59  
ASN CA   C  N S 60  
ASN C    C  N N 61  
ASN O    O  N N 62  
ASN CB   C  N N 63  
ASN CG   C  N N 64  
ASN OD1  O  N N 65  
ASN ND2  N  N N 66  
ASN OXT  O  N N 67  
ASN H    H  N N 68  
ASN H2   H  N N 69  
ASN HA   H  N N 70  
ASN HB2  H  N N 71  
ASN HB3  H  N N 72  
ASN HD21 H  N N 73  
ASN HD22 H  N N 74  
ASN HXT  H  N N 75  
ASP N    N  N N 76  
ASP CA   C  N S 77  
ASP C    C  N N 78  
ASP O    O  N N 79  
ASP CB   C  N N 80  
ASP CG   C  N N 81  
ASP OD1  O  N N 82  
ASP OD2  O  N N 83  
ASP OXT  O  N N 84  
ASP H    H  N N 85  
ASP H2   H  N N 86  
ASP HA   H  N N 87  
ASP HB2  H  N N 88  
ASP HB3  H  N N 89  
ASP HD2  H  N N 90  
ASP HXT  H  N N 91  
CYS N    N  N N 92  
CYS CA   C  N R 93  
CYS C    C  N N 94  
CYS O    O  N N 95  
CYS CB   C  N N 96  
CYS SG   S  N N 97  
CYS OXT  O  N N 98  
CYS H    H  N N 99  
CYS H2   H  N N 100 
CYS HA   H  N N 101 
CYS HB2  H  N N 102 
CYS HB3  H  N N 103 
CYS HG   H  N N 104 
CYS HXT  H  N N 105 
FE2 FE   FE N N 106 
GLN N    N  N N 107 
GLN CA   C  N S 108 
GLN C    C  N N 109 
GLN O    O  N N 110 
GLN CB   C  N N 111 
GLN CG   C  N N 112 
GLN CD   C  N N 113 
GLN OE1  O  N N 114 
GLN NE2  N  N N 115 
GLN OXT  O  N N 116 
GLN H    H  N N 117 
GLN H2   H  N N 118 
GLN HA   H  N N 119 
GLN HB2  H  N N 120 
GLN HB3  H  N N 121 
GLN HG2  H  N N 122 
GLN HG3  H  N N 123 
GLN HE21 H  N N 124 
GLN HE22 H  N N 125 
GLN HXT  H  N N 126 
GLU N    N  N N 127 
GLU CA   C  N S 128 
GLU C    C  N N 129 
GLU O    O  N N 130 
GLU CB   C  N N 131 
GLU CG   C  N N 132 
GLU CD   C  N N 133 
GLU OE1  O  N N 134 
GLU OE2  O  N N 135 
GLU OXT  O  N N 136 
GLU H    H  N N 137 
GLU H2   H  N N 138 
GLU HA   H  N N 139 
GLU HB2  H  N N 140 
GLU HB3  H  N N 141 
GLU HG2  H  N N 142 
GLU HG3  H  N N 143 
GLU HE2  H  N N 144 
GLU HXT  H  N N 145 
GLY N    N  N N 146 
GLY CA   C  N N 147 
GLY C    C  N N 148 
GLY O    O  N N 149 
GLY OXT  O  N N 150 
GLY H    H  N N 151 
GLY H2   H  N N 152 
GLY HA2  H  N N 153 
GLY HA3  H  N N 154 
GLY HXT  H  N N 155 
HIS N    N  N N 156 
HIS CA   C  N S 157 
HIS C    C  N N 158 
HIS O    O  N N 159 
HIS CB   C  N N 160 
HIS CG   C  Y N 161 
HIS ND1  N  Y N 162 
HIS CD2  C  Y N 163 
HIS CE1  C  Y N 164 
HIS NE2  N  Y N 165 
HIS OXT  O  N N 166 
HIS H    H  N N 167 
HIS H2   H  N N 168 
HIS HA   H  N N 169 
HIS HB2  H  N N 170 
HIS HB3  H  N N 171 
HIS HD1  H  N N 172 
HIS HD2  H  N N 173 
HIS HE1  H  N N 174 
HIS HE2  H  N N 175 
HIS HXT  H  N N 176 
HOH O    O  N N 177 
HOH H1   H  N N 178 
HOH H2   H  N N 179 
ILE N    N  N N 180 
ILE CA   C  N S 181 
ILE C    C  N N 182 
ILE O    O  N N 183 
ILE CB   C  N S 184 
ILE CG1  C  N N 185 
ILE CG2  C  N N 186 
ILE CD1  C  N N 187 
ILE OXT  O  N N 188 
ILE H    H  N N 189 
ILE H2   H  N N 190 
ILE HA   H  N N 191 
ILE HB   H  N N 192 
ILE HG12 H  N N 193 
ILE HG13 H  N N 194 
ILE HG21 H  N N 195 
ILE HG22 H  N N 196 
ILE HG23 H  N N 197 
ILE HD11 H  N N 198 
ILE HD12 H  N N 199 
ILE HD13 H  N N 200 
ILE HXT  H  N N 201 
LEU N    N  N N 202 
LEU CA   C  N S 203 
LEU C    C  N N 204 
LEU O    O  N N 205 
LEU CB   C  N N 206 
LEU CG   C  N N 207 
LEU CD1  C  N N 208 
LEU CD2  C  N N 209 
LEU OXT  O  N N 210 
LEU H    H  N N 211 
LEU H2   H  N N 212 
LEU HA   H  N N 213 
LEU HB2  H  N N 214 
LEU HB3  H  N N 215 
LEU HG   H  N N 216 
LEU HD11 H  N N 217 
LEU HD12 H  N N 218 
LEU HD13 H  N N 219 
LEU HD21 H  N N 220 
LEU HD22 H  N N 221 
LEU HD23 H  N N 222 
LEU HXT  H  N N 223 
LYS N    N  N N 224 
LYS CA   C  N S 225 
LYS C    C  N N 226 
LYS O    O  N N 227 
LYS CB   C  N N 228 
LYS CG   C  N N 229 
LYS CD   C  N N 230 
LYS CE   C  N N 231 
LYS NZ   N  N N 232 
LYS OXT  O  N N 233 
LYS H    H  N N 234 
LYS H2   H  N N 235 
LYS HA   H  N N 236 
LYS HB2  H  N N 237 
LYS HB3  H  N N 238 
LYS HG2  H  N N 239 
LYS HG3  H  N N 240 
LYS HD2  H  N N 241 
LYS HD3  H  N N 242 
LYS HE2  H  N N 243 
LYS HE3  H  N N 244 
LYS HZ1  H  N N 245 
LYS HZ2  H  N N 246 
LYS HZ3  H  N N 247 
LYS HXT  H  N N 248 
MET N    N  N N 249 
MET CA   C  N S 250 
MET C    C  N N 251 
MET O    O  N N 252 
MET CB   C  N N 253 
MET CG   C  N N 254 
MET SD   S  N N 255 
MET CE   C  N N 256 
MET OXT  O  N N 257 
MET H    H  N N 258 
MET H2   H  N N 259 
MET HA   H  N N 260 
MET HB2  H  N N 261 
MET HB3  H  N N 262 
MET HG2  H  N N 263 
MET HG3  H  N N 264 
MET HE1  H  N N 265 
MET HE2  H  N N 266 
MET HE3  H  N N 267 
MET HXT  H  N N 268 
PHE N    N  N N 269 
PHE CA   C  N S 270 
PHE C    C  N N 271 
PHE O    O  N N 272 
PHE CB   C  N N 273 
PHE CG   C  Y N 274 
PHE CD1  C  Y N 275 
PHE CD2  C  Y N 276 
PHE CE1  C  Y N 277 
PHE CE2  C  Y N 278 
PHE CZ   C  Y N 279 
PHE OXT  O  N N 280 
PHE H    H  N N 281 
PHE H2   H  N N 282 
PHE HA   H  N N 283 
PHE HB2  H  N N 284 
PHE HB3  H  N N 285 
PHE HD1  H  N N 286 
PHE HD2  H  N N 287 
PHE HE1  H  N N 288 
PHE HE2  H  N N 289 
PHE HZ   H  N N 290 
PHE HXT  H  N N 291 
PRO N    N  N N 292 
PRO CA   C  N S 293 
PRO C    C  N N 294 
PRO O    O  N N 295 
PRO CB   C  N N 296 
PRO CG   C  N N 297 
PRO CD   C  N N 298 
PRO OXT  O  N N 299 
PRO H    H  N N 300 
PRO HA   H  N N 301 
PRO HB2  H  N N 302 
PRO HB3  H  N N 303 
PRO HG2  H  N N 304 
PRO HG3  H  N N 305 
PRO HD2  H  N N 306 
PRO HD3  H  N N 307 
PRO HXT  H  N N 308 
SER N    N  N N 309 
SER CA   C  N S 310 
SER C    C  N N 311 
SER O    O  N N 312 
SER CB   C  N N 313 
SER OG   O  N N 314 
SER OXT  O  N N 315 
SER H    H  N N 316 
SER H2   H  N N 317 
SER HA   H  N N 318 
SER HB2  H  N N 319 
SER HB3  H  N N 320 
SER HG   H  N N 321 
SER HXT  H  N N 322 
THR N    N  N N 323 
THR CA   C  N S 324 
THR C    C  N N 325 
THR O    O  N N 326 
THR CB   C  N R 327 
THR OG1  O  N N 328 
THR CG2  C  N N 329 
THR OXT  O  N N 330 
THR H    H  N N 331 
THR H2   H  N N 332 
THR HA   H  N N 333 
THR HB   H  N N 334 
THR HG1  H  N N 335 
THR HG21 H  N N 336 
THR HG22 H  N N 337 
THR HG23 H  N N 338 
THR HXT  H  N N 339 
TRP N    N  N N 340 
TRP CA   C  N S 341 
TRP C    C  N N 342 
TRP O    O  N N 343 
TRP CB   C  N N 344 
TRP CG   C  Y N 345 
TRP CD1  C  Y N 346 
TRP CD2  C  Y N 347 
TRP NE1  N  Y N 348 
TRP CE2  C  Y N 349 
TRP CE3  C  Y N 350 
TRP CZ2  C  Y N 351 
TRP CZ3  C  Y N 352 
TRP CH2  C  Y N 353 
TRP OXT  O  N N 354 
TRP H    H  N N 355 
TRP H2   H  N N 356 
TRP HA   H  N N 357 
TRP HB2  H  N N 358 
TRP HB3  H  N N 359 
TRP HD1  H  N N 360 
TRP HE1  H  N N 361 
TRP HE3  H  N N 362 
TRP HZ2  H  N N 363 
TRP HZ3  H  N N 364 
TRP HH2  H  N N 365 
TRP HXT  H  N N 366 
TYR N    N  N N 367 
TYR CA   C  N S 368 
TYR C    C  N N 369 
TYR O    O  N N 370 
TYR CB   C  N N 371 
TYR CG   C  Y N 372 
TYR CD1  C  Y N 373 
TYR CD2  C  Y N 374 
TYR CE1  C  Y N 375 
TYR CE2  C  Y N 376 
TYR CZ   C  Y N 377 
TYR OH   O  N N 378 
TYR OXT  O  N N 379 
TYR H    H  N N 380 
TYR H2   H  N N 381 
TYR HA   H  N N 382 
TYR HB2  H  N N 383 
TYR HB3  H  N N 384 
TYR HD1  H  N N 385 
TYR HD2  H  N N 386 
TYR HE1  H  N N 387 
TYR HE2  H  N N 388 
TYR HH   H  N N 389 
TYR HXT  H  N N 390 
VAL N    N  N N 391 
VAL CA   C  N S 392 
VAL C    C  N N 393 
VAL O    O  N N 394 
VAL CB   C  N N 395 
VAL CG1  C  N N 396 
VAL CG2  C  N N 397 
VAL OXT  O  N N 398 
VAL H    H  N N 399 
VAL H2   H  N N 400 
VAL HA   H  N N 401 
VAL HB   H  N N 402 
VAL HG11 H  N N 403 
VAL HG12 H  N N 404 
VAL HG13 H  N N 405 
VAL HG21 H  N N 406 
VAL HG22 H  N N 407 
VAL HG23 H  N N 408 
VAL HXT  H  N N 409 
# 
loop_
_chem_comp_bond.comp_id 
_chem_comp_bond.atom_id_1 
_chem_comp_bond.atom_id_2 
_chem_comp_bond.value_order 
_chem_comp_bond.pdbx_aromatic_flag 
_chem_comp_bond.pdbx_stereo_config 
_chem_comp_bond.pdbx_ordinal 
3HA O8  C7   sing N N 1   
3HA O8  HO8  sing N N 2   
3HA C7  O9   doub N N 3   
3HA C7  C2   sing N N 4   
3HA C2  C1   sing Y N 5   
3HA C2  C3   doub Y N 6   
3HA C1  C6   doub Y N 7   
3HA C1  H1   sing N N 8   
3HA C6  C5   sing Y N 9   
3HA C6  H6   sing N N 10  
3HA C5  C4   doub Y N 11  
3HA C5  H5   sing N N 12  
3HA C4  O11  sing N N 13  
3HA C4  C3   sing Y N 14  
3HA O11 H11  sing N N 15  
3HA C3  N10  sing N N 16  
3HA N10 H101 sing N N 17  
3HA N10 H102 sing N N 18  
ALA N   CA   sing N N 19  
ALA N   H    sing N N 20  
ALA N   H2   sing N N 21  
ALA CA  C    sing N N 22  
ALA CA  CB   sing N N 23  
ALA CA  HA   sing N N 24  
ALA C   O    doub N N 25  
ALA C   OXT  sing N N 26  
ALA CB  HB1  sing N N 27  
ALA CB  HB2  sing N N 28  
ALA CB  HB3  sing N N 29  
ALA OXT HXT  sing N N 30  
ARG N   CA   sing N N 31  
ARG N   H    sing N N 32  
ARG N   H2   sing N N 33  
ARG CA  C    sing N N 34  
ARG CA  CB   sing N N 35  
ARG CA  HA   sing N N 36  
ARG C   O    doub N N 37  
ARG C   OXT  sing N N 38  
ARG CB  CG   sing N N 39  
ARG CB  HB2  sing N N 40  
ARG CB  HB3  sing N N 41  
ARG CG  CD   sing N N 42  
ARG CG  HG2  sing N N 43  
ARG CG  HG3  sing N N 44  
ARG CD  NE   sing N N 45  
ARG CD  HD2  sing N N 46  
ARG CD  HD3  sing N N 47  
ARG NE  CZ   sing N N 48  
ARG NE  HE   sing N N 49  
ARG CZ  NH1  sing N N 50  
ARG CZ  NH2  doub N N 51  
ARG NH1 HH11 sing N N 52  
ARG NH1 HH12 sing N N 53  
ARG NH2 HH21 sing N N 54  
ARG NH2 HH22 sing N N 55  
ARG OXT HXT  sing N N 56  
ASN N   CA   sing N N 57  
ASN N   H    sing N N 58  
ASN N   H2   sing N N 59  
ASN CA  C    sing N N 60  
ASN CA  CB   sing N N 61  
ASN CA  HA   sing N N 62  
ASN C   O    doub N N 63  
ASN C   OXT  sing N N 64  
ASN CB  CG   sing N N 65  
ASN CB  HB2  sing N N 66  
ASN CB  HB3  sing N N 67  
ASN CG  OD1  doub N N 68  
ASN CG  ND2  sing N N 69  
ASN ND2 HD21 sing N N 70  
ASN ND2 HD22 sing N N 71  
ASN OXT HXT  sing N N 72  
ASP N   CA   sing N N 73  
ASP N   H    sing N N 74  
ASP N   H2   sing N N 75  
ASP CA  C    sing N N 76  
ASP CA  CB   sing N N 77  
ASP CA  HA   sing N N 78  
ASP C   O    doub N N 79  
ASP C   OXT  sing N N 80  
ASP CB  CG   sing N N 81  
ASP CB  HB2  sing N N 82  
ASP CB  HB3  sing N N 83  
ASP CG  OD1  doub N N 84  
ASP CG  OD2  sing N N 85  
ASP OD2 HD2  sing N N 86  
ASP OXT HXT  sing N N 87  
CYS N   CA   sing N N 88  
CYS N   H    sing N N 89  
CYS N   H2   sing N N 90  
CYS CA  C    sing N N 91  
CYS CA  CB   sing N N 92  
CYS CA  HA   sing N N 93  
CYS C   O    doub N N 94  
CYS C   OXT  sing N N 95  
CYS CB  SG   sing N N 96  
CYS CB  HB2  sing N N 97  
CYS CB  HB3  sing N N 98  
CYS SG  HG   sing N N 99  
CYS OXT HXT  sing N N 100 
GLN N   CA   sing N N 101 
GLN N   H    sing N N 102 
GLN N   H2   sing N N 103 
GLN CA  C    sing N N 104 
GLN CA  CB   sing N N 105 
GLN CA  HA   sing N N 106 
GLN C   O    doub N N 107 
GLN C   OXT  sing N N 108 
GLN CB  CG   sing N N 109 
GLN CB  HB2  sing N N 110 
GLN CB  HB3  sing N N 111 
GLN CG  CD   sing N N 112 
GLN CG  HG2  sing N N 113 
GLN CG  HG3  sing N N 114 
GLN CD  OE1  doub N N 115 
GLN CD  NE2  sing N N 116 
GLN NE2 HE21 sing N N 117 
GLN NE2 HE22 sing N N 118 
GLN OXT HXT  sing N N 119 
GLU N   CA   sing N N 120 
GLU N   H    sing N N 121 
GLU N   H2   sing N N 122 
GLU CA  C    sing N N 123 
GLU CA  CB   sing N N 124 
GLU CA  HA   sing N N 125 
GLU C   O    doub N N 126 
GLU C   OXT  sing N N 127 
GLU CB  CG   sing N N 128 
GLU CB  HB2  sing N N 129 
GLU CB  HB3  sing N N 130 
GLU CG  CD   sing N N 131 
GLU CG  HG2  sing N N 132 
GLU CG  HG3  sing N N 133 
GLU CD  OE1  doub N N 134 
GLU CD  OE2  sing N N 135 
GLU OE2 HE2  sing N N 136 
GLU OXT HXT  sing N N 137 
GLY N   CA   sing N N 138 
GLY N   H    sing N N 139 
GLY N   H2   sing N N 140 
GLY CA  C    sing N N 141 
GLY CA  HA2  sing N N 142 
GLY CA  HA3  sing N N 143 
GLY C   O    doub N N 144 
GLY C   OXT  sing N N 145 
GLY OXT HXT  sing N N 146 
HIS N   CA   sing N N 147 
HIS N   H    sing N N 148 
HIS N   H2   sing N N 149 
HIS CA  C    sing N N 150 
HIS CA  CB   sing N N 151 
HIS CA  HA   sing N N 152 
HIS C   O    doub N N 153 
HIS C   OXT  sing N N 154 
HIS CB  CG   sing N N 155 
HIS CB  HB2  sing N N 156 
HIS CB  HB3  sing N N 157 
HIS CG  ND1  sing Y N 158 
HIS CG  CD2  doub Y N 159 
HIS ND1 CE1  doub Y N 160 
HIS ND1 HD1  sing N N 161 
HIS CD2 NE2  sing Y N 162 
HIS CD2 HD2  sing N N 163 
HIS CE1 NE2  sing Y N 164 
HIS CE1 HE1  sing N N 165 
HIS NE2 HE2  sing N N 166 
HIS OXT HXT  sing N N 167 
HOH O   H1   sing N N 168 
HOH O   H2   sing N N 169 
ILE N   CA   sing N N 170 
ILE N   H    sing N N 171 
ILE N   H2   sing N N 172 
ILE CA  C    sing N N 173 
ILE CA  CB   sing N N 174 
ILE CA  HA   sing N N 175 
ILE C   O    doub N N 176 
ILE C   OXT  sing N N 177 
ILE CB  CG1  sing N N 178 
ILE CB  CG2  sing N N 179 
ILE CB  HB   sing N N 180 
ILE CG1 CD1  sing N N 181 
ILE CG1 HG12 sing N N 182 
ILE CG1 HG13 sing N N 183 
ILE CG2 HG21 sing N N 184 
ILE CG2 HG22 sing N N 185 
ILE CG2 HG23 sing N N 186 
ILE CD1 HD11 sing N N 187 
ILE CD1 HD12 sing N N 188 
ILE CD1 HD13 sing N N 189 
ILE OXT HXT  sing N N 190 
LEU N   CA   sing N N 191 
LEU N   H    sing N N 192 
LEU N   H2   sing N N 193 
LEU CA  C    sing N N 194 
LEU CA  CB   sing N N 195 
LEU CA  HA   sing N N 196 
LEU C   O    doub N N 197 
LEU C   OXT  sing N N 198 
LEU CB  CG   sing N N 199 
LEU CB  HB2  sing N N 200 
LEU CB  HB3  sing N N 201 
LEU CG  CD1  sing N N 202 
LEU CG  CD2  sing N N 203 
LEU CG  HG   sing N N 204 
LEU CD1 HD11 sing N N 205 
LEU CD1 HD12 sing N N 206 
LEU CD1 HD13 sing N N 207 
LEU CD2 HD21 sing N N 208 
LEU CD2 HD22 sing N N 209 
LEU CD2 HD23 sing N N 210 
LEU OXT HXT  sing N N 211 
LYS N   CA   sing N N 212 
LYS N   H    sing N N 213 
LYS N   H2   sing N N 214 
LYS CA  C    sing N N 215 
LYS CA  CB   sing N N 216 
LYS CA  HA   sing N N 217 
LYS C   O    doub N N 218 
LYS C   OXT  sing N N 219 
LYS CB  CG   sing N N 220 
LYS CB  HB2  sing N N 221 
LYS CB  HB3  sing N N 222 
LYS CG  CD   sing N N 223 
LYS CG  HG2  sing N N 224 
LYS CG  HG3  sing N N 225 
LYS CD  CE   sing N N 226 
LYS CD  HD2  sing N N 227 
LYS CD  HD3  sing N N 228 
LYS CE  NZ   sing N N 229 
LYS CE  HE2  sing N N 230 
LYS CE  HE3  sing N N 231 
LYS NZ  HZ1  sing N N 232 
LYS NZ  HZ2  sing N N 233 
LYS NZ  HZ3  sing N N 234 
LYS OXT HXT  sing N N 235 
MET N   CA   sing N N 236 
MET N   H    sing N N 237 
MET N   H2   sing N N 238 
MET CA  C    sing N N 239 
MET CA  CB   sing N N 240 
MET CA  HA   sing N N 241 
MET C   O    doub N N 242 
MET C   OXT  sing N N 243 
MET CB  CG   sing N N 244 
MET CB  HB2  sing N N 245 
MET CB  HB3  sing N N 246 
MET CG  SD   sing N N 247 
MET CG  HG2  sing N N 248 
MET CG  HG3  sing N N 249 
MET SD  CE   sing N N 250 
MET CE  HE1  sing N N 251 
MET CE  HE2  sing N N 252 
MET CE  HE3  sing N N 253 
MET OXT HXT  sing N N 254 
PHE N   CA   sing N N 255 
PHE N   H    sing N N 256 
PHE N   H2   sing N N 257 
PHE CA  C    sing N N 258 
PHE CA  CB   sing N N 259 
PHE CA  HA   sing N N 260 
PHE C   O    doub N N 261 
PHE C   OXT  sing N N 262 
PHE CB  CG   sing N N 263 
PHE CB  HB2  sing N N 264 
PHE CB  HB3  sing N N 265 
PHE CG  CD1  doub Y N 266 
PHE CG  CD2  sing Y N 267 
PHE CD1 CE1  sing Y N 268 
PHE CD1 HD1  sing N N 269 
PHE CD2 CE2  doub Y N 270 
PHE CD2 HD2  sing N N 271 
PHE CE1 CZ   doub Y N 272 
PHE CE1 HE1  sing N N 273 
PHE CE2 CZ   sing Y N 274 
PHE CE2 HE2  sing N N 275 
PHE CZ  HZ   sing N N 276 
PHE OXT HXT  sing N N 277 
PRO N   CA   sing N N 278 
PRO N   CD   sing N N 279 
PRO N   H    sing N N 280 
PRO CA  C    sing N N 281 
PRO CA  CB   sing N N 282 
PRO CA  HA   sing N N 283 
PRO C   O    doub N N 284 
PRO C   OXT  sing N N 285 
PRO CB  CG   sing N N 286 
PRO CB  HB2  sing N N 287 
PRO CB  HB3  sing N N 288 
PRO CG  CD   sing N N 289 
PRO CG  HG2  sing N N 290 
PRO CG  HG3  sing N N 291 
PRO CD  HD2  sing N N 292 
PRO CD  HD3  sing N N 293 
PRO OXT HXT  sing N N 294 
SER N   CA   sing N N 295 
SER N   H    sing N N 296 
SER N   H2   sing N N 297 
SER CA  C    sing N N 298 
SER CA  CB   sing N N 299 
SER CA  HA   sing N N 300 
SER C   O    doub N N 301 
SER C   OXT  sing N N 302 
SER CB  OG   sing N N 303 
SER CB  HB2  sing N N 304 
SER CB  HB3  sing N N 305 
SER OG  HG   sing N N 306 
SER OXT HXT  sing N N 307 
THR N   CA   sing N N 308 
THR N   H    sing N N 309 
THR N   H2   sing N N 310 
THR CA  C    sing N N 311 
THR CA  CB   sing N N 312 
THR CA  HA   sing N N 313 
THR C   O    doub N N 314 
THR C   OXT  sing N N 315 
THR CB  OG1  sing N N 316 
THR CB  CG2  sing N N 317 
THR CB  HB   sing N N 318 
THR OG1 HG1  sing N N 319 
THR CG2 HG21 sing N N 320 
THR CG2 HG22 sing N N 321 
THR CG2 HG23 sing N N 322 
THR OXT HXT  sing N N 323 
TRP N   CA   sing N N 324 
TRP N   H    sing N N 325 
TRP N   H2   sing N N 326 
TRP CA  C    sing N N 327 
TRP CA  CB   sing N N 328 
TRP CA  HA   sing N N 329 
TRP C   O    doub N N 330 
TRP C   OXT  sing N N 331 
TRP CB  CG   sing N N 332 
TRP CB  HB2  sing N N 333 
TRP CB  HB3  sing N N 334 
TRP CG  CD1  doub Y N 335 
TRP CG  CD2  sing Y N 336 
TRP CD1 NE1  sing Y N 337 
TRP CD1 HD1  sing N N 338 
TRP CD2 CE2  doub Y N 339 
TRP CD2 CE3  sing Y N 340 
TRP NE1 CE2  sing Y N 341 
TRP NE1 HE1  sing N N 342 
TRP CE2 CZ2  sing Y N 343 
TRP CE3 CZ3  doub Y N 344 
TRP CE3 HE3  sing N N 345 
TRP CZ2 CH2  doub Y N 346 
TRP CZ2 HZ2  sing N N 347 
TRP CZ3 CH2  sing Y N 348 
TRP CZ3 HZ3  sing N N 349 
TRP CH2 HH2  sing N N 350 
TRP OXT HXT  sing N N 351 
TYR N   CA   sing N N 352 
TYR N   H    sing N N 353 
TYR N   H2   sing N N 354 
TYR CA  C    sing N N 355 
TYR CA  CB   sing N N 356 
TYR CA  HA   sing N N 357 
TYR C   O    doub N N 358 
TYR C   OXT  sing N N 359 
TYR CB  CG   sing N N 360 
TYR CB  HB2  sing N N 361 
TYR CB  HB3  sing N N 362 
TYR CG  CD1  doub Y N 363 
TYR CG  CD2  sing Y N 364 
TYR CD1 CE1  sing Y N 365 
TYR CD1 HD1  sing N N 366 
TYR CD2 CE2  doub Y N 367 
TYR CD2 HD2  sing N N 368 
TYR CE1 CZ   doub Y N 369 
TYR CE1 HE1  sing N N 370 
TYR CE2 CZ   sing Y N 371 
TYR CE2 HE2  sing N N 372 
TYR CZ  OH   sing N N 373 
TYR OH  HH   sing N N 374 
TYR OXT HXT  sing N N 375 
VAL N   CA   sing N N 376 
VAL N   H    sing N N 377 
VAL N   H2   sing N N 378 
VAL CA  C    sing N N 379 
VAL CA  CB   sing N N 380 
VAL CA  HA   sing N N 381 
VAL C   O    doub N N 382 
VAL C   OXT  sing N N 383 
VAL CB  CG1  sing N N 384 
VAL CB  CG2  sing N N 385 
VAL CB  HB   sing N N 386 
VAL CG1 HG11 sing N N 387 
VAL CG1 HG12 sing N N 388 
VAL CG1 HG13 sing N N 389 
VAL CG2 HG21 sing N N 390 
VAL CG2 HG22 sing N N 391 
VAL CG2 HG23 sing N N 392 
VAL OXT HXT  sing N N 393 
# 
loop_
_pdbx_entity_nonpoly.entity_id 
_pdbx_entity_nonpoly.name 
_pdbx_entity_nonpoly.comp_id 
2 'FE (II) ION'               FE2 
3 '3-HYDROXYANTHRANILIC ACID' 3HA 
4 water                       HOH 
# 
_pdbx_initial_refinement_model.id               1 
_pdbx_initial_refinement_model.entity_id_list   ? 
_pdbx_initial_refinement_model.type             'experimental model' 
_pdbx_initial_refinement_model.source_name      PDB 
_pdbx_initial_refinement_model.accession_code   1YFY 
_pdbx_initial_refinement_model.details          'pdb entry 1YFY' 
# 
